data_3E5R
#
_entry.id   3E5R
#
_cell.length_a   76.445
_cell.length_b   129.558
_cell.length_c   77.578
_cell.angle_alpha   90.00
_cell.angle_beta   117.40
_cell.angle_gamma   90.00
#
_symmetry.space_group_name_H-M   'P 1 21 1'
#
loop_
_entity.id
_entity.type
_entity.pdbx_description
1 polymer 'Glyceraldehyde-3-phosphate dehydrogenase, cytosolic'
2 non-polymer NICOTINAMIDE-ADENINE-DINUCLEOTIDE
3 water water
#
_entity_poly.entity_id   1
_entity_poly.type   'polypeptide(L)'
_entity_poly.pdbx_seq_one_letter_code
;MGKIKIGINGFGRIGRLVARVALQSEDVELVAVNDPFITTDYMTYMFKYDTVHGQWKHSDIKIKDSKTLLLGEKPVTVFG
IRNPDEIPWAEAGAEYVVESTGVFTDKEKAAAHLKGGAKKVVISAPSKDAPMFVCGVNEDKYTSDIDIVSNASCTTNCLA
PLAKVIHDNFGIIEGLMTTVHAITATQKTVDGPSSKDWRGGRAASFNIIPSSTGAAKAVGKVLPDLNGKLTGMSFRVPTV
DVSVVDLTVRIEKAASYDAIKSAIKSASEGKLKGIIGYVEEDLVSTDFVGDSRSSIFDAKAGIALNDNFVKLVAWYDNEW
GYSNRVIDLIRHMAKTQ
;
_entity_poly.pdbx_strand_id   O,A,B,C
#
loop_
_chem_comp.id
_chem_comp.type
_chem_comp.name
_chem_comp.formula
NAD non-polymer NICOTINAMIDE-ADENINE-DINUCLEOTIDE 'C21 H27 N7 O14 P2'
#
# COMPACT_ATOMS: atom_id res chain seq x y z
N GLY A 2 -11.83 24.81 -38.10
CA GLY A 2 -10.57 24.02 -38.14
C GLY A 2 -10.02 23.65 -36.77
N LYS A 3 -10.85 23.01 -35.95
CA LYS A 3 -10.50 22.57 -34.59
C LYS A 3 -11.00 23.46 -33.46
N ILE A 4 -11.51 22.82 -32.41
CA ILE A 4 -12.01 23.51 -31.23
C ILE A 4 -10.83 23.92 -30.36
N LYS A 5 -10.67 25.22 -30.14
CA LYS A 5 -9.57 25.73 -29.33
C LYS A 5 -9.93 25.87 -27.86
N ILE A 6 -9.15 25.20 -27.02
CA ILE A 6 -9.40 25.23 -25.58
C ILE A 6 -8.18 25.60 -24.77
N GLY A 7 -8.45 26.03 -23.55
CA GLY A 7 -7.40 26.40 -22.62
C GLY A 7 -7.74 25.67 -21.34
N ILE A 8 -6.73 25.37 -20.53
CA ILE A 8 -6.95 24.67 -19.28
C ILE A 8 -6.41 25.49 -18.12
N ASN A 9 -7.25 25.76 -17.12
CA ASN A 9 -6.82 26.50 -15.96
C ASN A 9 -6.64 25.47 -14.86
N GLY A 10 -5.39 25.30 -14.44
CA GLY A 10 -5.06 24.32 -13.44
C GLY A 10 -4.32 23.25 -14.18
N PHE A 11 -3.49 22.50 -13.50
CA PHE A 11 -2.74 21.45 -14.17
C PHE A 11 -2.56 20.28 -13.26
N GLY A 12 -3.63 19.93 -12.58
CA GLY A 12 -3.51 18.80 -11.72
C GLY A 12 -3.89 17.55 -12.37
N ARG A 13 -4.35 16.55 -11.63
CA ARG A 13 -4.67 15.26 -12.21
C ARG A 13 -5.64 15.43 -13.36
N ILE A 14 -6.73 16.17 -13.16
CA ILE A 14 -7.70 16.35 -14.24
C ILE A 14 -7.19 17.24 -15.37
N GLY A 15 -6.59 18.38 -15.04
CA GLY A 15 -6.09 19.27 -16.08
C GLY A 15 -5.08 18.61 -16.99
N ARG A 16 -4.18 17.82 -16.39
CA ARG A 16 -3.16 17.14 -17.16
C ARG A 16 -3.73 16.03 -18.04
N LEU A 17 -4.65 15.22 -17.51
CA LEU A 17 -5.20 14.15 -18.33
C LEU A 17 -6.14 14.72 -19.39
N VAL A 18 -6.83 15.83 -19.08
CA VAL A 18 -7.70 16.44 -20.08
C VAL A 18 -6.78 16.94 -21.20
N ALA A 19 -5.60 17.42 -20.85
CA ALA A 19 -4.66 17.90 -21.86
C ALA A 19 -4.17 16.73 -22.70
N ARG A 20 -4.01 15.55 -22.08
CA ARG A 20 -3.56 14.39 -22.83
C ARG A 20 -4.59 14.04 -23.89
N VAL A 21 -5.86 13.97 -23.48
CA VAL A 21 -6.96 13.64 -24.38
C VAL A 21 -7.01 14.64 -25.55
N ALA A 22 -6.93 15.92 -25.23
CA ALA A 22 -6.97 16.96 -26.26
C ALA A 22 -5.81 16.88 -27.28
N LEU A 23 -4.59 16.87 -26.74
CA LEU A 23 -3.38 16.80 -27.55
C LEU A 23 -3.34 15.58 -28.49
N GLN A 24 -4.10 14.53 -28.12
CA GLN A 24 -4.15 13.31 -28.96
C GLN A 24 -5.40 13.19 -29.85
N SER A 25 -6.26 14.20 -29.80
CA SER A 25 -7.47 14.17 -30.59
C SER A 25 -7.25 14.72 -31.99
N GLU A 26 -8.29 14.59 -32.81
CA GLU A 26 -8.33 15.06 -34.19
C GLU A 26 -9.08 16.37 -34.28
N ASP A 27 -9.90 16.64 -33.27
CA ASP A 27 -10.78 17.81 -33.28
C ASP A 27 -10.60 18.93 -32.27
N VAL A 28 -9.79 18.73 -31.23
CA VAL A 28 -9.62 19.81 -30.26
C VAL A 28 -8.17 20.24 -30.16
N GLU A 29 -7.96 21.54 -30.00
CA GLU A 29 -6.62 22.08 -29.91
C GLU A 29 -6.35 22.82 -28.60
N LEU A 30 -5.43 22.27 -27.82
CA LEU A 30 -5.05 22.88 -26.55
C LEU A 30 -4.13 24.04 -26.92
N VAL A 31 -4.58 25.27 -26.72
CA VAL A 31 -3.75 26.40 -27.09
C VAL A 31 -3.00 27.03 -25.92
N ALA A 32 -3.48 26.81 -24.71
CA ALA A 32 -2.85 27.41 -23.54
C ALA A 32 -3.22 26.74 -22.22
N VAL A 33 -2.33 26.83 -21.25
CA VAL A 33 -2.63 26.29 -19.94
C VAL A 33 -2.17 27.33 -18.93
N ASN A 34 -2.99 27.56 -17.92
CA ASN A 34 -2.62 28.52 -16.90
C ASN A 34 -2.38 27.81 -15.60
N ASP A 35 -1.28 28.17 -14.94
CA ASP A 35 -0.94 27.62 -13.64
C ASP A 35 0.17 28.47 -13.03
N PRO A 36 -0.17 29.28 -12.02
CA PRO A 36 0.68 30.19 -11.25
C PRO A 36 1.76 29.51 -10.41
N PHE A 37 1.43 28.33 -9.88
CA PHE A 37 2.37 27.55 -9.05
C PHE A 37 3.42 26.70 -9.77
N ILE A 38 3.24 26.33 -11.04
CA ILE A 38 4.19 25.47 -11.82
C ILE A 38 5.01 26.11 -12.97
N THR A 39 6.33 26.22 -12.78
CA THR A 39 7.17 26.79 -13.84
C THR A 39 6.97 26.01 -15.11
N THR A 40 7.30 26.63 -16.24
CA THR A 40 7.15 25.98 -17.52
C THR A 40 7.95 24.67 -17.58
N ASP A 41 9.14 24.68 -17.00
CA ASP A 41 10.00 23.49 -16.98
C ASP A 41 9.34 22.36 -16.20
N TYR A 42 8.81 22.70 -15.03
CA TYR A 42 8.18 21.70 -14.18
C TYR A 42 6.94 21.15 -14.84
N MET A 43 6.24 21.99 -15.59
CA MET A 43 5.03 21.60 -16.28
C MET A 43 5.29 20.45 -17.24
N THR A 44 6.37 20.54 -18.00
CA THR A 44 6.71 19.51 -18.95
C THR A 44 6.96 18.18 -18.24
N TYR A 45 7.62 18.24 -17.09
CA TYR A 45 7.90 17.03 -16.33
C TYR A 45 6.63 16.40 -15.78
N MET A 46 5.77 17.20 -15.16
CA MET A 46 4.52 16.68 -14.60
C MET A 46 3.64 16.06 -15.69
N PHE A 47 3.72 16.62 -16.89
CA PHE A 47 2.91 16.14 -18.01
C PHE A 47 3.48 14.87 -18.62
N LYS A 48 4.80 14.80 -18.74
CA LYS A 48 5.44 13.64 -19.34
C LYS A 48 5.34 12.34 -18.56
N TYR A 49 5.62 12.41 -17.26
CA TYR A 49 5.61 11.23 -16.42
C TYR A 49 4.37 11.16 -15.54
N ASP A 50 3.83 9.94 -15.42
CA ASP A 50 2.63 9.72 -14.63
C ASP A 50 2.65 8.35 -13.97
N THR A 51 2.49 8.34 -12.65
CA THR A 51 2.49 7.11 -11.87
C THR A 51 1.43 6.13 -12.37
N VAL A 52 0.29 6.66 -12.75
CA VAL A 52 -0.81 5.83 -13.20
C VAL A 52 -0.97 5.61 -14.69
N HIS A 53 -0.94 6.67 -15.47
CA HIS A 53 -1.17 6.51 -16.90
C HIS A 53 0.02 6.44 -17.84
N GLY A 54 1.19 6.10 -17.30
CA GLY A 54 2.39 5.96 -18.12
C GLY A 54 2.95 7.23 -18.74
N GLN A 55 4.10 7.09 -19.38
CA GLN A 55 4.80 8.19 -20.03
C GLN A 55 4.04 8.62 -21.30
N TRP A 56 3.88 9.93 -21.46
CA TRP A 56 3.22 10.53 -22.64
C TRP A 56 4.11 10.07 -23.78
N LYS A 57 3.70 9.26 -24.73
CA LYS A 57 4.72 9.09 -25.76
C LYS A 57 4.11 9.34 -27.12
N HIS A 58 3.13 10.19 -27.01
CA HIS A 58 2.61 10.30 -28.39
C HIS A 58 3.22 11.40 -29.21
N SER A 59 4.05 12.08 -28.42
CA SER A 59 4.65 13.19 -29.13
C SER A 59 5.67 13.64 -28.10
N ASP A 60 6.72 14.25 -28.59
CA ASP A 60 7.82 14.59 -27.74
C ASP A 60 7.56 15.97 -27.11
N ILE A 61 8.12 16.27 -25.95
CA ILE A 61 7.89 17.58 -25.33
C ILE A 61 9.14 18.44 -25.29
N LYS A 62 8.99 19.74 -25.51
CA LYS A 62 10.13 20.66 -25.49
C LYS A 62 9.68 22.08 -25.18
N ILE A 63 10.58 22.84 -24.56
CA ILE A 63 10.32 24.23 -24.17
C ILE A 63 10.78 25.20 -25.25
N LYS A 64 9.85 25.99 -25.78
CA LYS A 64 10.23 26.93 -26.82
C LYS A 64 10.85 28.18 -26.20
N ASP A 65 10.23 28.71 -25.15
CA ASP A 65 10.75 29.92 -24.52
C ASP A 65 10.16 30.27 -23.15
N SER A 66 9.59 29.29 -22.46
CA SER A 66 9.04 29.50 -21.11
C SER A 66 7.72 30.25 -21.03
N LYS A 67 7.41 31.03 -22.01
CA LYS A 67 6.08 31.64 -21.96
C LYS A 67 5.64 30.55 -22.95
N THR A 68 6.47 29.65 -23.50
CA THR A 68 5.98 28.61 -24.43
C THR A 68 6.28 27.08 -24.56
N LEU A 69 5.37 26.14 -24.48
CA LEU A 69 5.57 24.68 -24.66
C LEU A 69 5.46 24.28 -26.14
N LEU A 70 6.13 23.20 -26.51
CA LEU A 70 6.11 22.70 -27.88
C LEU A 70 5.83 21.21 -27.86
N LEU A 71 4.63 20.82 -28.30
CA LEU A 71 4.26 19.41 -28.32
C LEU A 71 4.30 18.96 -29.77
N GLY A 72 5.40 18.33 -30.17
CA GLY A 72 5.53 17.88 -31.53
C GLY A 72 5.20 19.01 -32.48
N GLU A 73 6.08 20.00 -32.53
CA GLU A 73 5.93 21.18 -33.38
C GLU A 73 4.67 22.04 -33.19
N LYS A 74 3.76 21.64 -32.31
CA LYS A 74 2.57 22.45 -32.08
C LYS A 74 2.74 23.27 -30.80
N PRO A 75 2.53 24.59 -30.89
CA PRO A 75 2.68 25.45 -29.71
C PRO A 75 1.53 25.43 -28.70
N VAL A 76 1.87 25.67 -27.44
CA VAL A 76 0.92 25.72 -26.33
C VAL A 76 1.43 26.80 -25.38
N THR A 77 0.72 27.90 -25.30
CA THR A 77 1.13 29.00 -24.44
C THR A 77 0.97 28.64 -22.98
N VAL A 78 1.88 29.15 -22.16
CA VAL A 78 1.85 28.89 -20.72
C VAL A 78 1.70 30.19 -19.95
N PHE A 79 0.57 30.33 -19.27
CA PHE A 79 0.33 31.52 -18.47
C PHE A 79 0.61 31.19 -17.03
N GLY A 80 0.98 32.22 -16.28
CA GLY A 80 1.25 32.07 -14.86
C GLY A 80 0.56 33.26 -14.24
N ILE A 81 -0.76 33.29 -14.39
CA ILE A 81 -1.59 34.37 -13.87
C ILE A 81 -2.46 33.91 -12.72
N ARG A 82 -2.39 34.64 -11.62
CA ARG A 82 -3.14 34.32 -10.41
C ARG A 82 -4.63 34.65 -10.49
N ASN A 83 -4.97 35.76 -11.14
CA ASN A 83 -6.36 36.19 -11.27
C ASN A 83 -6.96 35.68 -12.59
N PRO A 84 -8.00 34.81 -12.52
CA PRO A 84 -8.64 34.26 -13.72
C PRO A 84 -9.05 35.37 -14.67
N ASP A 85 -9.60 36.38 -14.00
CA ASP A 85 -10.10 37.67 -14.46
C ASP A 85 -8.99 38.32 -15.36
N GLU A 86 -7.75 37.92 -15.12
CA GLU A 86 -6.63 38.46 -15.89
C GLU A 86 -5.88 37.52 -16.83
N ILE A 87 -6.48 36.36 -17.12
CA ILE A 87 -5.85 35.43 -18.04
C ILE A 87 -6.23 35.84 -19.46
N PRO A 88 -5.25 36.22 -20.29
CA PRO A 88 -5.57 36.64 -21.66
C PRO A 88 -5.91 35.49 -22.62
N TRP A 89 -6.91 34.71 -22.27
CA TRP A 89 -7.31 33.59 -23.11
C TRP A 89 -7.44 33.96 -24.58
N ALA A 90 -7.94 35.16 -24.86
CA ALA A 90 -8.11 35.60 -26.24
C ALA A 90 -6.78 35.68 -27.00
N GLU A 91 -5.73 36.16 -26.34
CA GLU A 91 -4.43 36.27 -27.00
C GLU A 91 -3.97 34.92 -27.55
N ALA A 92 -4.40 33.84 -26.90
CA ALA A 92 -4.01 32.49 -27.34
C ALA A 92 -5.04 31.82 -28.24
N GLY A 93 -6.24 32.39 -28.32
CA GLY A 93 -7.26 31.81 -29.18
C GLY A 93 -8.13 30.77 -28.50
N ALA A 94 -8.07 30.72 -27.18
CA ALA A 94 -8.85 29.75 -26.40
C ALA A 94 -10.34 30.09 -26.39
N GLU A 95 -11.14 29.29 -27.10
CA GLU A 95 -12.57 29.51 -27.16
C GLU A 95 -13.19 29.00 -25.85
N TYR A 96 -12.87 27.75 -25.52
CA TYR A 96 -13.36 27.10 -24.32
C TYR A 96 -12.28 27.00 -23.26
N VAL A 97 -12.67 27.18 -22.01
CA VAL A 97 -11.71 27.07 -20.92
C VAL A 97 -12.17 26.04 -19.90
N VAL A 98 -11.29 25.08 -19.63
CA VAL A 98 -11.57 24.05 -18.65
C VAL A 98 -11.09 24.58 -17.31
N GLU A 99 -12.04 24.88 -16.43
CA GLU A 99 -11.72 25.38 -15.10
C GLU A 99 -11.54 24.15 -14.22
N SER A 100 -10.30 23.72 -14.07
CA SER A 100 -10.00 22.51 -13.29
C SER A 100 -9.15 22.68 -12.03
N THR A 101 -9.14 23.89 -11.46
CA THR A 101 -8.35 24.14 -10.25
C THR A 101 -9.09 23.68 -9.00
N GLY A 102 -10.42 23.72 -9.05
CA GLY A 102 -11.23 23.32 -7.92
C GLY A 102 -11.58 24.42 -6.94
N VAL A 103 -11.29 25.68 -7.27
CA VAL A 103 -11.59 26.78 -6.35
C VAL A 103 -12.38 27.91 -7.01
N PHE A 104 -12.83 27.66 -8.23
CA PHE A 104 -13.61 28.63 -8.98
C PHE A 104 -14.83 27.90 -9.54
N THR A 105 -15.37 26.97 -8.75
CA THR A 105 -16.53 26.19 -9.17
C THR A 105 -17.84 26.99 -9.20
N ASP A 106 -17.86 28.15 -8.55
CA ASP A 106 -19.06 28.99 -8.55
C ASP A 106 -19.17 29.69 -9.90
N LYS A 107 -20.38 29.71 -10.44
CA LYS A 107 -20.63 30.31 -11.74
C LYS A 107 -20.02 31.71 -11.89
N GLU A 108 -20.22 32.57 -10.90
CA GLU A 108 -19.70 33.93 -10.96
C GLU A 108 -18.18 33.99 -10.87
N LYS A 109 -17.58 33.02 -10.18
CA LYS A 109 -16.13 32.99 -10.07
C LYS A 109 -15.57 32.38 -11.37
N ALA A 110 -16.25 31.34 -11.86
CA ALA A 110 -15.82 30.70 -13.10
C ALA A 110 -15.98 31.68 -14.27
N ALA A 111 -16.99 32.54 -14.16
CA ALA A 111 -17.29 33.55 -15.18
C ALA A 111 -16.11 34.46 -15.50
N ALA A 112 -15.19 34.59 -14.55
CA ALA A 112 -14.01 35.44 -14.73
C ALA A 112 -13.25 35.20 -16.02
N HIS A 113 -13.26 33.94 -16.48
CA HIS A 113 -12.54 33.61 -17.71
C HIS A 113 -13.08 34.32 -18.94
N LEU A 114 -14.32 34.80 -18.88
CA LEU A 114 -14.87 35.50 -20.03
C LEU A 114 -14.14 36.84 -20.17
N LYS A 115 -13.83 37.45 -19.03
CA LYS A 115 -13.14 38.73 -19.00
C LYS A 115 -11.95 38.72 -19.95
N GLY A 116 -11.14 37.67 -19.88
CA GLY A 116 -9.98 37.55 -20.74
C GLY A 116 -10.30 37.13 -22.17
N GLY A 117 -11.57 37.15 -22.54
CA GLY A 117 -11.91 36.79 -23.91
C GLY A 117 -12.40 35.39 -24.19
N ALA A 118 -12.52 34.56 -23.16
CA ALA A 118 -13.03 33.21 -23.37
C ALA A 118 -14.53 33.31 -23.59
N LYS A 119 -15.08 32.43 -24.41
CA LYS A 119 -16.51 32.45 -24.68
C LYS A 119 -17.27 31.38 -23.92
N LYS A 120 -16.57 30.30 -23.57
CA LYS A 120 -17.16 29.19 -22.85
C LYS A 120 -16.26 28.67 -21.74
N VAL A 121 -16.88 28.27 -20.64
CA VAL A 121 -16.14 27.72 -19.51
C VAL A 121 -16.78 26.42 -19.04
N VAL A 122 -15.98 25.36 -19.00
CA VAL A 122 -16.48 24.07 -18.54
C VAL A 122 -15.79 23.77 -17.21
N ILE A 123 -16.57 23.83 -16.13
CA ILE A 123 -16.09 23.55 -14.78
C ILE A 123 -15.95 22.02 -14.64
N SER A 124 -14.74 21.54 -14.39
CA SER A 124 -14.50 20.11 -14.25
C SER A 124 -14.72 19.62 -12.83
N ALA A 125 -15.89 19.93 -12.29
CA ALA A 125 -16.27 19.54 -10.94
C ALA A 125 -17.70 20.01 -10.70
N PRO A 126 -18.34 19.52 -9.63
CA PRO A 126 -19.71 19.94 -9.36
C PRO A 126 -19.75 21.44 -9.12
N SER A 127 -20.92 22.05 -9.31
CA SER A 127 -21.10 23.48 -9.10
C SER A 127 -22.46 23.72 -8.44
N LYS A 128 -22.53 24.69 -7.55
CA LYS A 128 -23.79 24.97 -6.88
C LYS A 128 -24.73 25.78 -7.76
N ASP A 129 -24.17 26.52 -8.71
CA ASP A 129 -25.02 27.37 -9.56
C ASP A 129 -24.80 27.34 -11.06
N ALA A 130 -23.81 26.59 -11.53
CA ALA A 130 -23.59 26.46 -12.97
C ALA A 130 -24.33 25.17 -13.32
N PRO A 131 -25.04 25.14 -14.47
CA PRO A 131 -25.79 23.94 -14.87
C PRO A 131 -24.86 22.75 -15.09
N MET A 132 -25.27 21.59 -14.58
CA MET A 132 -24.48 20.39 -14.76
C MET A 132 -24.97 19.54 -15.93
N PHE A 133 -24.03 19.00 -16.69
CA PHE A 133 -24.37 18.17 -17.83
C PHE A 133 -23.53 16.90 -17.79
N VAL A 134 -24.20 15.76 -17.97
CA VAL A 134 -23.53 14.46 -17.98
C VAL A 134 -23.80 13.81 -19.31
N CYS A 135 -22.74 13.49 -20.05
CA CYS A 135 -22.87 12.87 -21.36
C CYS A 135 -23.61 11.56 -21.24
N GLY A 136 -24.57 11.37 -22.14
CA GLY A 136 -25.35 10.15 -22.14
C GLY A 136 -26.57 10.29 -21.25
N VAL A 137 -26.62 11.38 -20.48
CA VAL A 137 -27.74 11.60 -19.58
C VAL A 137 -28.58 12.84 -19.89
N ASN A 138 -27.97 14.02 -19.92
CA ASN A 138 -28.73 15.22 -20.21
C ASN A 138 -27.94 16.26 -21.00
N GLU A 139 -26.90 15.84 -21.71
CA GLU A 139 -26.13 16.82 -22.46
C GLU A 139 -26.99 17.52 -23.52
N ASP A 140 -28.02 16.83 -24.02
CA ASP A 140 -28.91 17.44 -25.02
C ASP A 140 -29.70 18.63 -24.49
N LYS A 141 -29.74 18.78 -23.17
CA LYS A 141 -30.45 19.89 -22.54
C LYS A 141 -29.67 21.21 -22.69
N TYR A 142 -28.38 21.10 -23.00
CA TYR A 142 -27.54 22.27 -23.18
C TYR A 142 -28.03 23.14 -24.35
N THR A 143 -27.87 24.46 -24.22
CA THR A 143 -28.26 25.40 -25.28
C THR A 143 -27.15 26.45 -25.37
N SER A 144 -26.94 26.98 -26.58
CA SER A 144 -25.90 27.96 -26.86
C SER A 144 -25.78 29.22 -26.00
N ASP A 145 -26.88 29.65 -25.39
CA ASP A 145 -26.81 30.86 -24.58
C ASP A 145 -26.23 30.60 -23.19
N ILE A 146 -25.95 29.34 -22.89
CA ILE A 146 -25.36 29.01 -21.59
C ILE A 146 -23.86 29.02 -21.79
N ASP A 147 -23.18 29.94 -21.10
CA ASP A 147 -21.74 30.07 -21.24
C ASP A 147 -20.88 29.38 -20.18
N ILE A 148 -21.47 29.13 -19.01
CA ILE A 148 -20.74 28.48 -17.94
C ILE A 148 -21.47 27.21 -17.52
N VAL A 149 -20.80 26.08 -17.66
CA VAL A 149 -21.40 24.79 -17.32
C VAL A 149 -20.46 23.96 -16.47
N SER A 150 -21.01 22.89 -15.91
CA SER A 150 -20.24 21.97 -15.08
C SER A 150 -20.42 20.57 -15.67
N ASN A 151 -19.36 19.77 -15.63
CA ASN A 151 -19.40 18.40 -16.16
C ASN A 151 -19.65 17.43 -15.00
N ALA A 152 -20.10 17.99 -13.88
CA ALA A 152 -20.38 17.22 -12.67
C ALA A 152 -19.11 16.56 -12.12
N SER A 153 -19.26 15.44 -11.41
CA SER A 153 -18.12 14.72 -10.83
C SER A 153 -17.93 13.35 -11.47
N CYS A 154 -16.75 12.77 -11.32
CA CYS A 154 -16.50 11.45 -11.89
C CYS A 154 -17.52 10.46 -11.36
N THR A 155 -17.82 10.52 -10.08
CA THR A 155 -18.79 9.59 -9.49
C THR A 155 -20.18 9.76 -10.05
N THR A 156 -20.63 11.01 -10.20
CA THR A 156 -21.96 11.23 -10.77
C THR A 156 -21.96 10.71 -12.21
N ASN A 157 -20.84 10.87 -12.91
CA ASN A 157 -20.76 10.40 -14.29
C ASN A 157 -20.86 8.87 -14.39
N CYS A 158 -20.45 8.18 -13.33
CA CYS A 158 -20.52 6.72 -13.30
C CYS A 158 -21.92 6.28 -12.89
N LEU A 159 -22.47 6.92 -11.85
CA LEU A 159 -23.79 6.54 -11.35
C LEU A 159 -24.96 6.87 -12.29
N ALA A 160 -25.00 8.10 -12.78
CA ALA A 160 -26.09 8.56 -13.65
C ALA A 160 -26.43 7.69 -14.86
N PRO A 161 -25.42 7.30 -15.65
CA PRO A 161 -25.78 6.48 -16.81
C PRO A 161 -26.40 5.16 -16.39
N LEU A 162 -25.83 4.56 -15.35
CA LEU A 162 -26.32 3.29 -14.83
C LEU A 162 -27.75 3.45 -14.31
N ALA A 163 -27.96 4.46 -13.48
CA ALA A 163 -29.27 4.71 -12.91
C ALA A 163 -30.32 5.02 -13.99
N LYS A 164 -29.91 5.71 -15.04
CA LYS A 164 -30.84 6.05 -16.12
C LYS A 164 -31.33 4.78 -16.82
N VAL A 165 -30.39 3.90 -17.13
CA VAL A 165 -30.72 2.65 -17.80
C VAL A 165 -31.66 1.82 -16.94
N ILE A 166 -31.34 1.69 -15.66
CA ILE A 166 -32.18 0.91 -14.77
C ILE A 166 -33.55 1.57 -14.61
N HIS A 167 -33.56 2.89 -14.40
CA HIS A 167 -34.83 3.58 -14.24
C HIS A 167 -35.69 3.51 -15.49
N ASP A 168 -35.10 3.78 -16.66
CA ASP A 168 -35.86 3.74 -17.91
C ASP A 168 -36.48 2.37 -18.20
N ASN A 169 -35.77 1.31 -17.82
CA ASN A 169 -36.22 -0.06 -18.05
C ASN A 169 -37.11 -0.65 -16.94
N PHE A 170 -36.75 -0.40 -15.69
CA PHE A 170 -37.50 -1.01 -14.59
C PHE A 170 -38.18 -0.09 -13.61
N GLY A 171 -37.80 1.18 -13.61
CA GLY A 171 -38.40 2.11 -12.68
C GLY A 171 -37.73 1.99 -11.32
N ILE A 172 -36.98 3.01 -10.95
CA ILE A 172 -36.31 3.01 -9.66
C ILE A 172 -37.21 3.64 -8.61
N ILE A 173 -37.55 2.84 -7.60
CA ILE A 173 -38.37 3.30 -6.50
C ILE A 173 -37.50 4.13 -5.56
N GLU A 174 -36.44 3.52 -5.08
CA GLU A 174 -35.51 4.18 -4.18
C GLU A 174 -34.20 3.42 -4.23
N GLY A 175 -33.09 4.11 -4.02
CA GLY A 175 -31.81 3.43 -4.05
C GLY A 175 -30.76 4.08 -3.18
N LEU A 176 -29.85 3.27 -2.67
CA LEU A 176 -28.76 3.76 -1.83
C LEU A 176 -27.45 3.37 -2.53
N MET A 177 -26.49 4.29 -2.56
CA MET A 177 -25.23 4.03 -3.24
C MET A 177 -23.97 4.18 -2.40
N THR A 178 -22.99 3.33 -2.67
CA THR A 178 -21.71 3.36 -1.99
C THR A 178 -20.61 3.30 -3.05
N THR A 179 -19.58 4.13 -2.90
CA THR A 179 -18.49 4.06 -3.85
C THR A 179 -17.24 3.66 -3.07
N VAL A 180 -16.54 2.64 -3.55
CA VAL A 180 -15.29 2.23 -2.93
C VAL A 180 -14.35 2.99 -3.86
N HIS A 181 -13.84 4.10 -3.33
CA HIS A 181 -13.02 5.05 -4.07
C HIS A 181 -11.50 5.07 -3.84
N ALA A 182 -10.76 5.30 -4.91
CA ALA A 182 -9.30 5.38 -4.85
C ALA A 182 -8.97 6.67 -4.10
N ILE A 183 -7.77 6.77 -3.52
CA ILE A 183 -7.42 8.00 -2.80
C ILE A 183 -7.28 9.16 -3.78
N THR A 184 -7.34 10.40 -3.27
CA THR A 184 -7.21 11.57 -4.13
C THR A 184 -6.24 12.60 -3.56
N ALA A 185 -6.02 13.67 -4.31
CA ALA A 185 -5.10 14.74 -3.92
C ALA A 185 -5.46 15.51 -2.65
N THR A 186 -6.72 15.42 -2.21
CA THR A 186 -7.10 16.14 -1.01
C THR A 186 -6.76 15.36 0.25
N GLN A 187 -6.43 14.08 0.07
CA GLN A 187 -6.07 13.24 1.20
C GLN A 187 -4.64 13.46 1.68
N LYS A 188 -4.28 12.84 2.81
CA LYS A 188 -2.95 13.02 3.40
C LYS A 188 -2.17 11.71 3.43
N THR A 189 -0.84 11.81 3.37
CA THR A 189 0.01 10.63 3.41
C THR A 189 0.09 10.07 4.83
N VAL A 190 0.11 10.96 5.82
CA VAL A 190 0.12 10.53 7.22
C VAL A 190 -0.96 11.37 7.92
N ASP A 191 -1.40 10.97 9.10
CA ASP A 191 -2.44 11.73 9.79
C ASP A 191 -2.15 13.22 9.85
N GLY A 192 -2.95 14.02 9.13
CA GLY A 192 -2.76 15.47 9.12
C GLY A 192 -4.05 16.27 9.22
N PRO A 193 -3.97 17.60 9.29
CA PRO A 193 -5.16 18.45 9.39
C PRO A 193 -6.04 18.50 8.14
N SER A 194 -7.33 18.31 8.36
CA SER A 194 -8.34 18.34 7.31
C SER A 194 -9.59 18.80 8.07
N SER A 195 -9.59 20.07 8.46
CA SER A 195 -10.68 20.64 9.24
C SER A 195 -12.10 20.47 8.73
N LYS A 196 -12.30 20.36 7.42
CA LYS A 196 -13.65 20.20 6.89
C LYS A 196 -14.06 18.73 6.72
N ASP A 197 -13.14 17.83 7.03
CA ASP A 197 -13.37 16.41 6.85
C ASP A 197 -12.29 15.69 7.67
N TRP A 198 -12.53 15.54 8.97
CA TRP A 198 -11.58 14.91 9.88
C TRP A 198 -11.10 13.54 9.42
N ARG A 199 -12.02 12.66 9.07
CA ARG A 199 -11.61 11.33 8.65
C ARG A 199 -10.67 11.49 7.46
N GLY A 200 -10.97 12.46 6.60
CA GLY A 200 -10.16 12.71 5.42
C GLY A 200 -8.72 13.13 5.67
N GLY A 201 -8.38 13.45 6.91
CA GLY A 201 -7.02 13.84 7.21
C GLY A 201 -6.14 12.69 7.65
N ARG A 202 -6.76 11.53 7.91
CA ARG A 202 -6.05 10.34 8.37
C ARG A 202 -5.22 9.67 7.27
N ALA A 203 -4.11 9.04 7.63
CA ALA A 203 -3.23 8.38 6.65
C ALA A 203 -4.03 7.63 5.59
N ALA A 204 -4.04 8.18 4.38
CA ALA A 204 -4.79 7.66 3.24
C ALA A 204 -4.55 6.23 2.78
N SER A 205 -3.29 5.82 2.68
CA SER A 205 -2.95 4.47 2.21
C SER A 205 -2.90 3.40 3.29
N PHE A 206 -3.32 3.76 4.49
CA PHE A 206 -3.28 2.80 5.58
C PHE A 206 -4.59 2.69 6.34
N ASN A 207 -5.65 3.18 5.72
CA ASN A 207 -6.97 3.13 6.32
C ASN A 207 -8.08 3.01 5.28
N ILE A 208 -9.22 2.51 5.73
CA ILE A 208 -10.42 2.49 4.91
C ILE A 208 -11.02 3.76 5.53
N ILE A 209 -11.40 4.73 4.72
CA ILE A 209 -11.91 6.00 5.22
C ILE A 209 -13.30 6.44 4.74
N PRO A 210 -14.33 6.34 5.61
CA PRO A 210 -15.68 6.75 5.21
C PRO A 210 -15.66 8.21 4.77
N SER A 211 -16.53 8.56 3.84
CA SER A 211 -16.60 9.92 3.34
C SER A 211 -17.99 10.16 2.78
N SER A 212 -18.40 11.42 2.76
CA SER A 212 -19.72 11.76 2.23
C SER A 212 -19.61 11.91 0.71
N THR A 213 -20.74 11.84 0.03
CA THR A 213 -20.77 12.00 -1.42
C THR A 213 -22.05 12.69 -1.83
N GLY A 214 -21.96 13.54 -2.85
CA GLY A 214 -23.13 14.24 -3.34
C GLY A 214 -23.52 13.74 -4.72
N ALA A 215 -22.81 12.71 -5.19
CA ALA A 215 -23.08 12.15 -6.51
C ALA A 215 -24.50 11.63 -6.68
N ALA A 216 -24.99 10.89 -5.69
CA ALA A 216 -26.34 10.34 -5.78
C ALA A 216 -27.38 11.44 -5.81
N LYS A 217 -27.22 12.42 -4.93
CA LYS A 217 -28.15 13.55 -4.86
C LYS A 217 -28.11 14.33 -6.17
N ALA A 218 -26.92 14.50 -6.73
CA ALA A 218 -26.73 15.22 -7.98
C ALA A 218 -27.46 14.56 -9.14
N VAL A 219 -27.56 13.23 -9.10
CA VAL A 219 -28.26 12.50 -10.15
C VAL A 219 -29.64 13.12 -10.30
N GLY A 220 -30.23 13.52 -9.18
CA GLY A 220 -31.53 14.14 -9.21
C GLY A 220 -31.59 15.45 -9.97
N LYS A 221 -30.44 16.07 -10.18
CA LYS A 221 -30.40 17.34 -10.91
C LYS A 221 -30.38 17.12 -12.41
N VAL A 222 -29.68 16.08 -12.87
CA VAL A 222 -29.59 15.78 -14.29
C VAL A 222 -30.66 14.81 -14.76
N LEU A 223 -31.45 14.32 -13.80
CA LEU A 223 -32.53 13.38 -14.07
C LEU A 223 -33.54 13.68 -12.96
N PRO A 224 -34.31 14.77 -13.11
CA PRO A 224 -35.33 15.24 -12.16
C PRO A 224 -36.27 14.16 -11.64
N ASP A 225 -36.51 13.16 -12.47
CA ASP A 225 -37.37 12.05 -12.14
C ASP A 225 -36.83 11.20 -11.00
N LEU A 226 -35.52 11.31 -10.75
CA LEU A 226 -34.88 10.56 -9.66
C LEU A 226 -34.54 11.44 -8.47
N ASN A 227 -34.95 12.70 -8.51
CA ASN A 227 -34.68 13.60 -7.40
C ASN A 227 -35.31 13.02 -6.12
N GLY A 228 -34.53 12.97 -5.04
CA GLY A 228 -35.05 12.45 -3.78
C GLY A 228 -35.15 10.94 -3.69
N LYS A 229 -34.84 10.22 -4.77
CA LYS A 229 -34.92 8.77 -4.75
C LYS A 229 -33.59 8.06 -4.56
N LEU A 230 -32.50 8.83 -4.57
CA LEU A 230 -31.16 8.25 -4.41
C LEU A 230 -30.24 9.05 -3.50
N THR A 231 -29.48 8.34 -2.67
CA THR A 231 -28.50 8.97 -1.80
C THR A 231 -27.45 7.92 -1.52
N GLY A 232 -26.33 8.31 -0.92
CA GLY A 232 -25.29 7.33 -0.65
C GLY A 232 -24.12 7.89 0.11
N MET A 233 -23.02 7.13 0.12
CA MET A 233 -21.81 7.55 0.81
C MET A 233 -20.60 6.91 0.14
N SER A 234 -19.43 7.09 0.72
CA SER A 234 -18.22 6.55 0.11
C SER A 234 -17.21 6.00 1.09
N PHE A 235 -16.34 5.13 0.58
CA PHE A 235 -15.27 4.55 1.36
C PHE A 235 -14.01 4.76 0.54
N ARG A 236 -13.09 5.58 1.07
CA ARG A 236 -11.82 5.85 0.41
C ARG A 236 -10.89 4.72 0.83
N VAL A 237 -10.27 4.05 -0.14
CA VAL A 237 -9.38 2.93 0.16
C VAL A 237 -8.00 3.10 -0.45
N PRO A 238 -7.00 2.33 0.03
CA PRO A 238 -5.63 2.45 -0.49
C PRO A 238 -5.26 2.06 -1.92
N THR A 239 -5.89 2.68 -2.91
CA THR A 239 -5.55 2.41 -4.30
C THR A 239 -5.30 3.77 -4.97
N VAL A 240 -4.43 3.78 -5.98
CA VAL A 240 -4.02 5.00 -6.66
C VAL A 240 -5.01 5.63 -7.66
N ASP A 241 -5.86 4.79 -8.24
CA ASP A 241 -6.84 5.23 -9.22
C ASP A 241 -7.76 4.05 -9.48
N VAL A 242 -8.92 4.36 -10.06
CA VAL A 242 -10.00 3.44 -10.39
C VAL A 242 -10.86 3.21 -9.16
N SER A 243 -12.15 3.46 -9.34
CA SER A 243 -13.13 3.36 -8.28
C SER A 243 -14.33 2.52 -8.73
N VAL A 244 -15.16 2.12 -7.78
CA VAL A 244 -16.33 1.32 -8.12
C VAL A 244 -17.60 1.81 -7.42
N VAL A 245 -18.70 1.80 -8.17
CA VAL A 245 -20.01 2.21 -7.66
C VAL A 245 -20.82 0.96 -7.29
N ASP A 246 -21.38 0.96 -6.09
CA ASP A 246 -22.18 -0.13 -5.52
C ASP A 246 -23.59 0.43 -5.36
N LEU A 247 -24.48 0.15 -6.31
CA LEU A 247 -25.85 0.67 -6.26
C LEU A 247 -26.88 -0.38 -5.87
N THR A 248 -27.54 -0.15 -4.74
CA THR A 248 -28.58 -1.05 -4.25
C THR A 248 -29.92 -0.36 -4.47
N VAL A 249 -30.78 -0.96 -5.31
CA VAL A 249 -32.06 -0.33 -5.60
C VAL A 249 -33.26 -1.26 -5.60
N ARG A 250 -34.41 -0.70 -5.25
CA ARG A 250 -35.67 -1.44 -5.28
C ARG A 250 -36.29 -0.94 -6.56
N ILE A 251 -36.73 -1.85 -7.43
CA ILE A 251 -37.31 -1.45 -8.69
C ILE A 251 -38.80 -1.77 -8.76
N GLU A 252 -39.55 -1.00 -9.55
CA GLU A 252 -40.98 -1.26 -9.61
C GLU A 252 -41.39 -2.44 -10.48
N LYS A 253 -40.73 -2.63 -11.61
CA LYS A 253 -41.04 -3.75 -12.49
C LYS A 253 -40.10 -4.91 -12.18
N ALA A 254 -40.68 -6.08 -11.89
CA ALA A 254 -39.88 -7.25 -11.57
C ALA A 254 -38.98 -7.62 -12.74
N ALA A 255 -37.72 -7.88 -12.46
CA ALA A 255 -36.76 -8.24 -13.51
C ALA A 255 -35.71 -9.20 -12.97
N SER A 256 -35.43 -10.26 -13.72
CA SER A 256 -34.43 -11.23 -13.31
C SER A 256 -33.06 -10.59 -13.48
N TYR A 257 -32.04 -11.18 -12.87
CA TYR A 257 -30.72 -10.62 -12.98
C TYR A 257 -30.28 -10.64 -14.45
N ASP A 258 -30.67 -11.68 -15.18
CA ASP A 258 -30.30 -11.78 -16.58
C ASP A 258 -30.92 -10.67 -17.42
N ALA A 259 -32.14 -10.28 -17.06
CA ALA A 259 -32.85 -9.23 -17.76
C ALA A 259 -32.17 -7.88 -17.53
N ILE A 260 -31.73 -7.67 -16.30
CA ILE A 260 -31.04 -6.44 -15.95
C ILE A 260 -29.74 -6.40 -16.75
N LYS A 261 -28.99 -7.50 -16.73
CA LYS A 261 -27.74 -7.61 -17.48
C LYS A 261 -27.95 -7.30 -18.95
N SER A 262 -28.96 -7.90 -19.55
CA SER A 262 -29.24 -7.68 -20.97
C SER A 262 -29.58 -6.21 -21.26
N ALA A 263 -30.26 -5.55 -20.32
CA ALA A 263 -30.64 -4.16 -20.51
C ALA A 263 -29.37 -3.30 -20.54
N ILE A 264 -28.50 -3.52 -19.58
CA ILE A 264 -27.27 -2.75 -19.54
C ILE A 264 -26.43 -3.04 -20.78
N LYS A 265 -26.38 -4.32 -21.17
CA LYS A 265 -25.62 -4.73 -22.35
C LYS A 265 -26.11 -4.01 -23.61
N SER A 266 -27.43 -4.06 -23.84
CA SER A 266 -28.01 -3.40 -25.00
C SER A 266 -27.64 -1.93 -25.03
N ALA A 267 -27.80 -1.26 -23.89
CA ALA A 267 -27.49 0.15 -23.78
C ALA A 267 -26.03 0.41 -24.13
N SER A 268 -25.14 -0.47 -23.68
CA SER A 268 -23.71 -0.30 -23.93
C SER A 268 -23.34 -0.53 -25.39
N GLU A 269 -24.23 -1.19 -26.13
CA GLU A 269 -24.00 -1.45 -27.54
C GLU A 269 -24.82 -0.44 -28.35
N GLY A 270 -25.74 0.23 -27.67
CA GLY A 270 -26.59 1.20 -28.32
C GLY A 270 -26.15 2.65 -28.24
N LYS A 271 -27.08 3.55 -27.94
CA LYS A 271 -26.79 4.97 -27.88
C LYS A 271 -25.86 5.39 -26.74
N LEU A 272 -25.66 4.50 -25.77
CA LEU A 272 -24.77 4.81 -24.66
C LEU A 272 -23.39 4.18 -24.85
N LYS A 273 -23.12 3.70 -26.06
CA LYS A 273 -21.82 3.09 -26.29
C LYS A 273 -20.84 4.22 -26.03
N GLY A 274 -19.69 3.88 -25.44
CA GLY A 274 -18.69 4.89 -25.13
C GLY A 274 -18.88 5.46 -23.74
N ILE A 275 -20.12 5.46 -23.27
CA ILE A 275 -20.42 5.98 -21.95
C ILE A 275 -20.55 4.83 -20.95
N ILE A 276 -21.39 3.87 -21.27
CA ILE A 276 -21.53 2.73 -20.39
C ILE A 276 -20.89 1.50 -21.03
N GLY A 277 -20.14 0.78 -20.24
CA GLY A 277 -19.47 -0.42 -20.71
C GLY A 277 -20.07 -1.64 -20.02
N TYR A 278 -19.89 -2.80 -20.64
CA TYR A 278 -20.43 -4.02 -20.10
C TYR A 278 -19.31 -5.05 -20.05
N VAL A 279 -19.16 -5.69 -18.90
CA VAL A 279 -18.12 -6.69 -18.74
C VAL A 279 -18.68 -7.92 -18.02
N GLU A 280 -18.18 -9.10 -18.39
CA GLU A 280 -18.62 -10.35 -17.79
C GLU A 280 -17.44 -11.24 -17.40
N GLU A 281 -16.29 -10.61 -17.16
CA GLU A 281 -15.09 -11.35 -16.80
C GLU A 281 -14.63 -11.09 -15.36
N ASP A 282 -13.72 -11.93 -14.89
CA ASP A 282 -13.20 -11.84 -13.52
C ASP A 282 -12.16 -10.73 -13.34
N LEU A 283 -12.53 -9.49 -13.65
CA LEU A 283 -11.60 -8.37 -13.56
C LEU A 283 -11.49 -7.71 -12.18
N VAL A 284 -10.43 -6.91 -12.03
CA VAL A 284 -10.16 -6.17 -10.79
C VAL A 284 -9.82 -4.74 -11.18
N SER A 285 -9.68 -3.85 -10.20
CA SER A 285 -9.42 -2.44 -10.47
C SER A 285 -8.40 -2.05 -11.55
N THR A 286 -7.18 -2.57 -11.50
CA THR A 286 -6.17 -2.20 -12.50
C THR A 286 -6.51 -2.57 -13.95
N ASP A 287 -7.47 -3.47 -14.13
CA ASP A 287 -7.84 -3.86 -15.48
C ASP A 287 -8.60 -2.73 -16.18
N PHE A 288 -9.02 -1.73 -15.41
CA PHE A 288 -9.77 -0.61 -15.94
C PHE A 288 -8.98 0.69 -16.04
N VAL A 289 -7.68 0.64 -15.73
CA VAL A 289 -6.86 1.85 -15.84
C VAL A 289 -6.77 2.17 -17.33
N GLY A 290 -7.12 3.40 -17.70
CA GLY A 290 -7.07 3.79 -19.11
C GLY A 290 -8.37 3.56 -19.88
N ASP A 291 -9.38 3.04 -19.20
CA ASP A 291 -10.67 2.79 -19.84
C ASP A 291 -11.37 4.14 -19.93
N SER A 292 -11.80 4.52 -21.13
CA SER A 292 -12.43 5.82 -21.31
C SER A 292 -13.92 5.89 -21.01
N ARG A 293 -14.55 4.78 -20.64
CA ARG A 293 -15.99 4.83 -20.35
C ARG A 293 -16.31 5.54 -19.03
N SER A 294 -17.54 6.03 -18.89
CA SER A 294 -17.96 6.71 -17.66
C SER A 294 -18.37 5.69 -16.60
N SER A 295 -18.89 4.55 -17.05
CA SER A 295 -19.39 3.52 -16.15
C SER A 295 -19.28 2.12 -16.77
N ILE A 296 -18.45 1.25 -16.21
CA ILE A 296 -18.32 -0.11 -16.75
C ILE A 296 -19.02 -1.12 -15.84
N PHE A 297 -20.21 -1.56 -16.25
CA PHE A 297 -21.00 -2.52 -15.49
C PHE A 297 -20.29 -3.86 -15.38
N ASP A 298 -20.14 -4.34 -14.14
CA ASP A 298 -19.48 -5.60 -13.83
C ASP A 298 -20.59 -6.61 -13.55
N ALA A 299 -20.97 -7.38 -14.57
CA ALA A 299 -22.05 -8.35 -14.45
C ALA A 299 -21.88 -9.41 -13.36
N LYS A 300 -20.70 -10.00 -13.25
CA LYS A 300 -20.51 -11.05 -12.26
C LYS A 300 -20.43 -10.62 -10.81
N ALA A 301 -20.03 -9.37 -10.58
CA ALA A 301 -19.87 -8.85 -9.23
C ALA A 301 -21.16 -8.56 -8.48
N GLY A 302 -22.19 -8.12 -9.21
CA GLY A 302 -23.45 -7.79 -8.57
C GLY A 302 -24.25 -9.00 -8.11
N ILE A 303 -25.33 -8.75 -7.39
CA ILE A 303 -26.16 -9.83 -6.89
C ILE A 303 -27.56 -9.34 -6.57
N ALA A 304 -28.55 -10.17 -6.88
CA ALA A 304 -29.94 -9.81 -6.60
C ALA A 304 -30.48 -10.69 -5.49
N LEU A 305 -31.30 -10.11 -4.61
CA LEU A 305 -31.93 -10.88 -3.54
C LEU A 305 -33.22 -11.43 -4.16
N ASN A 306 -33.89 -10.60 -4.94
CA ASN A 306 -35.12 -10.99 -5.62
C ASN A 306 -35.35 -10.09 -6.85
N ASP A 307 -36.39 -10.37 -7.62
CA ASP A 307 -36.66 -9.60 -8.83
C ASP A 307 -36.94 -8.11 -8.66
N ASN A 308 -37.00 -7.61 -7.43
CA ASN A 308 -37.28 -6.19 -7.22
C ASN A 308 -36.28 -5.47 -6.32
N PHE A 309 -35.21 -6.15 -5.95
CA PHE A 309 -34.19 -5.60 -5.05
C PHE A 309 -32.86 -6.19 -5.49
N VAL A 310 -31.99 -5.37 -6.05
CA VAL A 310 -30.71 -5.86 -6.57
C VAL A 310 -29.57 -4.88 -6.30
N LYS A 311 -28.35 -5.42 -6.23
CA LYS A 311 -27.15 -4.63 -6.00
C LYS A 311 -26.31 -4.69 -7.29
N LEU A 312 -26.05 -3.53 -7.88
CA LEU A 312 -25.32 -3.41 -9.14
C LEU A 312 -23.96 -2.77 -8.97
N VAL A 313 -22.98 -3.30 -9.69
CA VAL A 313 -21.60 -2.83 -9.62
C VAL A 313 -21.10 -2.27 -10.96
N ALA A 314 -20.51 -1.08 -10.91
CA ALA A 314 -19.97 -0.42 -12.10
C ALA A 314 -18.62 0.25 -11.78
N TRP A 315 -17.62 -0.05 -12.60
CA TRP A 315 -16.29 0.51 -12.44
C TRP A 315 -16.12 1.82 -13.18
N TYR A 316 -15.12 2.58 -12.77
CA TYR A 316 -14.78 3.82 -13.43
C TYR A 316 -13.38 4.28 -13.08
N ASP A 317 -12.62 4.60 -14.12
CA ASP A 317 -11.29 5.13 -13.91
C ASP A 317 -11.67 6.58 -13.56
N ASN A 318 -11.73 6.89 -12.27
CA ASN A 318 -12.12 8.22 -11.86
C ASN A 318 -11.34 9.35 -12.51
N GLU A 319 -10.10 9.10 -12.92
CA GLU A 319 -9.31 10.15 -13.56
C GLU A 319 -9.48 10.23 -15.06
N TRP A 320 -9.34 9.10 -15.75
CA TRP A 320 -9.39 9.06 -17.21
C TRP A 320 -10.78 9.11 -17.86
N GLY A 321 -11.75 8.42 -17.26
CA GLY A 321 -13.09 8.46 -17.81
C GLY A 321 -13.59 9.89 -17.80
N TYR A 322 -13.53 10.49 -16.61
CA TYR A 322 -14.01 11.87 -16.44
C TYR A 322 -13.30 12.84 -17.37
N SER A 323 -11.99 12.67 -17.53
CA SER A 323 -11.22 13.54 -18.39
C SER A 323 -11.73 13.49 -19.82
N ASN A 324 -12.10 12.30 -20.28
CA ASN A 324 -12.61 12.17 -21.64
C ASN A 324 -13.97 12.84 -21.76
N ARG A 325 -14.78 12.75 -20.70
CA ARG A 325 -16.10 13.37 -20.69
C ARG A 325 -16.00 14.89 -20.75
N VAL A 326 -14.92 15.45 -20.20
CA VAL A 326 -14.73 16.90 -20.24
C VAL A 326 -14.62 17.31 -21.71
N ILE A 327 -13.81 16.58 -22.46
CA ILE A 327 -13.66 16.88 -23.88
C ILE A 327 -14.95 16.51 -24.61
N ASP A 328 -15.57 15.40 -24.21
CA ASP A 328 -16.81 15.02 -24.87
C ASP A 328 -17.86 16.13 -24.71
N LEU A 329 -17.92 16.74 -23.53
CA LEU A 329 -18.88 17.80 -23.29
C LEU A 329 -18.57 19.02 -24.15
N ILE A 330 -17.29 19.35 -24.28
CA ILE A 330 -16.92 20.49 -25.10
C ILE A 330 -17.31 20.21 -26.56
N ARG A 331 -17.12 18.97 -27.02
CA ARG A 331 -17.48 18.60 -28.38
C ARG A 331 -18.97 18.79 -28.61
N HIS A 332 -19.78 18.37 -27.65
CA HIS A 332 -21.23 18.52 -27.81
C HIS A 332 -21.60 20.00 -27.87
N MET A 333 -20.99 20.78 -26.98
CA MET A 333 -21.25 22.21 -26.93
C MET A 333 -20.93 22.87 -28.27
N ALA A 334 -19.78 22.55 -28.84
CA ALA A 334 -19.37 23.12 -30.11
C ALA A 334 -20.30 22.78 -31.27
N LYS A 335 -20.96 21.61 -31.18
CA LYS A 335 -21.87 21.19 -32.23
C LYS A 335 -23.27 21.78 -32.06
N THR A 336 -23.48 22.47 -30.93
CA THR A 336 -24.78 23.06 -30.65
C THR A 336 -24.90 24.53 -31.07
N GLN A 337 -25.70 24.78 -32.09
CA GLN A 337 -25.93 26.13 -32.61
C GLN A 337 -26.76 27.00 -31.67
N GLY B 2 13.26 -17.78 -40.59
CA GLY B 2 13.47 -19.09 -39.93
C GLY B 2 13.27 -19.05 -38.41
N LYS B 3 12.14 -18.56 -37.90
CA LYS B 3 12.09 -18.43 -36.43
C LYS B 3 12.57 -19.56 -35.46
N ILE B 4 13.06 -19.02 -34.35
CA ILE B 4 13.58 -19.75 -33.22
C ILE B 4 12.34 -20.24 -32.45
N LYS B 5 12.15 -21.55 -32.39
CA LYS B 5 10.98 -22.08 -31.71
C LYS B 5 11.25 -22.40 -30.24
N ILE B 6 10.45 -21.83 -29.34
CA ILE B 6 10.66 -22.07 -27.92
C ILE B 6 9.42 -22.51 -27.17
N GLY B 7 9.67 -23.09 -26.01
CA GLY B 7 8.60 -23.54 -25.13
C GLY B 7 8.89 -22.96 -23.75
N ILE B 8 7.84 -22.80 -22.96
CA ILE B 8 7.99 -22.25 -21.63
C ILE B 8 7.44 -23.21 -20.57
N ASN B 9 8.24 -23.48 -19.53
CA ASN B 9 7.76 -24.36 -18.46
C ASN B 9 7.51 -23.49 -17.24
N GLY B 10 6.27 -23.45 -16.79
CA GLY B 10 5.92 -22.64 -15.64
C GLY B 10 5.38 -21.30 -16.11
N PHE B 11 4.07 -21.11 -16.03
CA PHE B 11 3.44 -19.88 -16.49
C PHE B 11 3.22 -18.86 -15.39
N GLY B 12 4.30 -18.40 -14.78
CA GLY B 12 4.19 -17.42 -13.73
C GLY B 12 4.55 -16.02 -14.16
N ARG B 13 4.96 -15.17 -13.23
CA ARG B 13 5.32 -13.80 -13.59
C ARG B 13 6.34 -13.81 -14.72
N ILE B 14 7.44 -14.54 -14.55
CA ILE B 14 8.45 -14.60 -15.59
C ILE B 14 7.95 -15.33 -16.84
N GLY B 15 7.38 -16.52 -16.66
CA GLY B 15 6.88 -17.29 -17.79
C GLY B 15 5.93 -16.53 -18.71
N ARG B 16 4.95 -15.86 -18.11
CA ARG B 16 3.98 -15.11 -18.89
C ARG B 16 4.59 -13.91 -19.61
N LEU B 17 5.50 -13.20 -18.94
CA LEU B 17 6.10 -12.04 -19.56
C LEU B 17 7.09 -12.47 -20.63
N VAL B 18 7.76 -13.60 -20.43
CA VAL B 18 8.68 -14.08 -21.45
C VAL B 18 7.82 -14.42 -22.68
N ALA B 19 6.62 -14.93 -22.44
CA ALA B 19 5.71 -15.26 -23.54
C ALA B 19 5.32 -13.97 -24.28
N ARG B 20 5.07 -12.89 -23.54
CA ARG B 20 4.73 -11.64 -24.19
C ARG B 20 5.88 -11.17 -25.07
N VAL B 21 7.10 -11.17 -24.55
CA VAL B 21 8.25 -10.73 -25.35
C VAL B 21 8.33 -11.57 -26.63
N ALA B 22 8.23 -12.88 -26.47
CA ALA B 22 8.30 -13.80 -27.60
C ALA B 22 7.21 -13.52 -28.62
N LEU B 23 5.98 -13.41 -28.15
CA LEU B 23 4.84 -13.17 -29.03
C LEU B 23 4.87 -11.84 -29.76
N GLN B 24 5.62 -10.87 -29.23
CA GLN B 24 5.72 -9.57 -29.87
C GLN B 24 6.90 -9.48 -30.85
N SER B 25 7.82 -10.42 -30.72
CA SER B 25 9.01 -10.42 -31.56
C SER B 25 8.76 -10.89 -33.00
N GLU B 26 9.70 -10.61 -33.89
CA GLU B 26 9.62 -11.02 -35.29
C GLU B 26 10.60 -12.18 -35.32
N ASP B 27 11.37 -12.21 -34.24
CA ASP B 27 12.47 -13.09 -33.90
C ASP B 27 12.16 -14.55 -33.52
N VAL B 28 11.44 -14.72 -32.43
CA VAL B 28 11.16 -16.05 -31.91
C VAL B 28 9.68 -16.42 -31.91
N GLU B 29 9.43 -17.72 -31.92
CA GLU B 29 8.07 -18.21 -31.93
C GLU B 29 7.77 -19.11 -30.75
N LEU B 30 6.81 -18.68 -29.93
CA LEU B 30 6.38 -19.46 -28.76
C LEU B 30 5.50 -20.58 -29.33
N VAL B 31 5.92 -21.84 -29.20
CA VAL B 31 5.13 -22.95 -29.74
C VAL B 31 4.41 -23.79 -28.69
N ALA B 32 4.80 -23.63 -27.42
CA ALA B 32 4.17 -24.42 -26.36
C ALA B 32 4.40 -23.89 -24.95
N VAL B 33 3.46 -24.21 -24.05
CA VAL B 33 3.54 -23.80 -22.64
C VAL B 33 3.08 -24.94 -21.75
N ASN B 34 3.78 -25.15 -20.64
CA ASN B 34 3.43 -26.21 -19.71
C ASN B 34 3.18 -25.67 -18.30
N ASP B 35 2.04 -26.01 -17.72
CA ASP B 35 1.70 -25.60 -16.35
C ASP B 35 0.51 -26.45 -15.92
N PRO B 36 0.73 -27.38 -14.97
CA PRO B 36 -0.30 -28.28 -14.46
C PRO B 36 -1.16 -27.63 -13.38
N PHE B 37 -0.81 -26.40 -13.00
CA PHE B 37 -1.53 -25.67 -11.99
C PHE B 37 -2.55 -24.65 -12.51
N ILE B 38 -2.70 -24.60 -13.83
CA ILE B 38 -3.66 -23.67 -14.43
C ILE B 38 -4.28 -24.24 -15.70
N THR B 39 -5.60 -24.37 -15.68
CA THR B 39 -6.35 -24.87 -16.82
C THR B 39 -6.02 -24.08 -18.09
N THR B 40 -6.42 -24.61 -19.24
CA THR B 40 -6.18 -23.92 -20.49
C THR B 40 -7.00 -22.64 -20.52
N ASP B 41 -8.27 -22.72 -20.13
CA ASP B 41 -9.11 -21.54 -20.09
C ASP B 41 -8.54 -20.51 -19.12
N TYR B 42 -8.15 -20.97 -17.93
CA TYR B 42 -7.59 -20.06 -16.94
C TYR B 42 -6.31 -19.43 -17.46
N MET B 43 -5.54 -20.20 -18.22
CA MET B 43 -4.29 -19.71 -18.78
C MET B 43 -4.51 -18.45 -19.63
N THR B 44 -5.58 -18.46 -20.43
CA THR B 44 -5.87 -17.32 -21.29
C THR B 44 -6.15 -16.08 -20.46
N TYR B 45 -6.79 -16.25 -19.31
CA TYR B 45 -7.10 -15.13 -18.44
C TYR B 45 -5.86 -14.57 -17.77
N MET B 46 -5.01 -15.44 -17.23
CA MET B 46 -3.81 -14.98 -16.57
C MET B 46 -2.89 -14.26 -17.53
N PHE B 47 -2.87 -14.71 -18.79
CA PHE B 47 -2.01 -14.08 -19.80
C PHE B 47 -2.57 -12.76 -20.31
N LYS B 48 -3.89 -12.68 -20.44
CA LYS B 48 -4.53 -11.48 -20.95
C LYS B 48 -4.47 -10.24 -20.05
N TYR B 49 -4.86 -10.40 -18.79
CA TYR B 49 -4.88 -9.30 -17.84
C TYR B 49 -3.67 -9.29 -16.93
N ASP B 50 -3.14 -8.12 -16.66
CA ASP B 50 -1.97 -8.03 -15.81
C ASP B 50 -1.99 -6.76 -14.99
N THR B 51 -1.91 -6.93 -13.68
CA THR B 51 -1.91 -5.82 -12.75
C THR B 51 -0.89 -4.74 -13.05
N VAL B 52 0.33 -5.12 -13.41
CA VAL B 52 1.35 -4.13 -13.69
C VAL B 52 1.67 -3.84 -15.16
N HIS B 53 1.61 -4.85 -16.02
CA HIS B 53 1.96 -4.66 -17.44
C HIS B 53 0.82 -4.43 -18.43
N GLY B 54 -0.39 -4.25 -17.91
CA GLY B 54 -1.52 -4.00 -18.78
C GLY B 54 -2.11 -5.19 -19.49
N GLN B 55 -3.25 -4.96 -20.13
CA GLN B 55 -3.97 -5.98 -20.87
C GLN B 55 -3.28 -6.29 -22.19
N TRP B 56 -3.24 -7.56 -22.56
CA TRP B 56 -2.63 -7.93 -23.84
C TRP B 56 -3.63 -7.62 -24.93
N LYS B 57 -3.29 -6.67 -25.79
CA LYS B 57 -4.15 -6.27 -26.91
C LYS B 57 -3.44 -6.40 -28.26
N HIS B 58 -2.22 -6.96 -28.24
CA HIS B 58 -1.42 -7.15 -29.46
C HIS B 58 -2.12 -8.06 -30.48
N SER B 59 -2.74 -9.12 -29.99
CA SER B 59 -3.46 -10.08 -30.84
C SER B 59 -4.68 -10.56 -30.07
N ASP B 60 -5.58 -11.26 -30.76
CA ASP B 60 -6.76 -11.79 -30.11
C ASP B 60 -6.30 -13.05 -29.36
N ILE B 61 -7.00 -13.39 -28.30
CA ILE B 61 -6.67 -14.58 -27.50
C ILE B 61 -7.89 -15.49 -27.44
N LYS B 62 -7.76 -16.71 -27.93
CA LYS B 62 -8.88 -17.64 -27.88
C LYS B 62 -8.41 -19.07 -27.69
N ILE B 63 -9.33 -19.94 -27.25
CA ILE B 63 -9.03 -21.34 -27.03
C ILE B 63 -9.49 -22.13 -28.22
N LYS B 64 -8.60 -22.94 -28.78
CA LYS B 64 -8.98 -23.75 -29.92
C LYS B 64 -9.58 -25.08 -29.47
N ASP B 65 -9.05 -25.70 -28.42
CA ASP B 65 -9.57 -27.00 -28.02
C ASP B 65 -8.95 -27.72 -26.81
N SER B 66 -8.51 -27.01 -25.77
CA SER B 66 -7.83 -27.72 -24.66
C SER B 66 -6.50 -28.02 -25.35
N LYS B 67 -5.40 -28.00 -24.63
CA LYS B 67 -4.15 -28.29 -25.31
C LYS B 67 -3.81 -27.29 -26.42
N THR B 68 -4.75 -26.43 -26.81
CA THR B 68 -4.42 -25.48 -27.87
C THR B 68 -5.01 -24.06 -27.83
N LEU B 69 -4.10 -23.10 -27.72
CA LEU B 69 -4.41 -21.69 -27.69
C LEU B 69 -4.12 -21.05 -29.05
N LEU B 70 -4.88 -20.02 -29.38
CA LEU B 70 -4.71 -19.26 -30.63
C LEU B 70 -4.52 -17.81 -30.30
N LEU B 71 -3.35 -17.27 -30.61
CA LEU B 71 -3.07 -15.86 -30.37
C LEU B 71 -3.16 -15.25 -31.76
N GLY B 72 -4.38 -14.96 -32.19
CA GLY B 72 -4.58 -14.43 -33.51
C GLY B 72 -4.79 -15.63 -34.41
N GLU B 73 -3.77 -15.97 -35.19
CA GLU B 73 -3.85 -17.11 -36.09
C GLU B 73 -2.67 -18.05 -35.81
N LYS B 74 -1.90 -17.75 -34.77
CA LYS B 74 -0.76 -18.60 -34.45
C LYS B 74 -1.06 -19.47 -33.22
N PRO B 75 -0.95 -20.80 -33.40
CA PRO B 75 -1.21 -21.79 -32.36
C PRO B 75 -0.14 -22.00 -31.31
N VAL B 76 -0.57 -22.19 -30.06
CA VAL B 76 0.33 -22.44 -28.96
C VAL B 76 -0.19 -23.63 -28.18
N THR B 77 0.57 -24.73 -28.22
CA THR B 77 0.21 -25.95 -27.51
C THR B 77 0.32 -25.77 -26.01
N VAL B 78 -0.68 -26.26 -25.29
CA VAL B 78 -0.70 -26.16 -23.85
C VAL B 78 -0.56 -27.52 -23.17
N PHE B 79 0.42 -27.63 -22.27
CA PHE B 79 0.66 -28.87 -21.54
C PHE B 79 0.30 -28.72 -20.07
N GLY B 80 -0.01 -29.84 -19.43
CA GLY B 80 -0.34 -29.84 -18.01
C GLY B 80 0.41 -30.98 -17.35
N ILE B 81 1.70 -31.09 -17.67
CA ILE B 81 2.57 -32.14 -17.14
C ILE B 81 3.25 -31.71 -15.85
N ARG B 82 3.37 -32.64 -14.91
CA ARG B 82 4.01 -32.32 -13.63
C ARG B 82 5.52 -32.57 -13.69
N ASN B 83 5.89 -33.70 -14.29
CA ASN B 83 7.30 -34.09 -14.43
C ASN B 83 7.90 -33.53 -15.71
N PRO B 84 9.01 -32.77 -15.61
CA PRO B 84 9.64 -32.20 -16.81
C PRO B 84 10.09 -33.23 -17.84
N ASP B 85 10.51 -34.41 -17.39
CA ASP B 85 10.98 -35.43 -18.33
C ASP B 85 9.89 -36.07 -19.17
N GLU B 86 8.66 -35.60 -19.06
CA GLU B 86 7.59 -36.17 -19.86
C GLU B 86 6.90 -35.19 -20.80
N ILE B 87 7.38 -33.95 -20.81
CA ILE B 87 6.81 -32.94 -21.69
C ILE B 87 7.35 -33.21 -23.09
N PRO B 88 6.48 -33.63 -24.03
CA PRO B 88 6.98 -33.89 -25.39
C PRO B 88 7.22 -32.62 -26.19
N TRP B 89 8.19 -31.82 -25.76
CA TRP B 89 8.53 -30.57 -26.42
C TRP B 89 8.73 -30.74 -27.93
N ALA B 90 9.37 -31.84 -28.30
CA ALA B 90 9.66 -32.14 -29.70
C ALA B 90 8.40 -32.20 -30.56
N GLU B 91 7.28 -32.60 -29.95
CA GLU B 91 6.01 -32.69 -30.69
C GLU B 91 5.53 -31.32 -31.13
N ALA B 92 5.72 -30.32 -30.27
CA ALA B 92 5.31 -28.96 -30.58
C ALA B 92 6.39 -28.27 -31.38
N GLY B 93 7.58 -28.85 -31.36
CA GLY B 93 8.69 -28.26 -32.11
C GLY B 93 9.52 -27.25 -31.36
N ALA B 94 9.38 -27.22 -30.03
CA ALA B 94 10.15 -26.29 -29.22
C ALA B 94 11.60 -26.78 -29.14
N GLU B 95 12.53 -25.97 -29.61
CA GLU B 95 13.94 -26.32 -29.58
C GLU B 95 14.54 -25.83 -28.27
N TYR B 96 14.10 -24.64 -27.85
CA TYR B 96 14.56 -24.04 -26.61
C TYR B 96 13.46 -24.05 -25.56
N VAL B 97 13.80 -24.46 -24.35
CA VAL B 97 12.84 -24.47 -23.27
C VAL B 97 13.28 -23.49 -22.18
N VAL B 98 12.35 -22.61 -21.78
CA VAL B 98 12.64 -21.65 -20.73
C VAL B 98 12.13 -22.32 -19.47
N GLU B 99 13.05 -22.69 -18.57
CA GLU B 99 12.68 -23.34 -17.33
C GLU B 99 12.38 -22.24 -16.32
N SER B 100 11.10 -21.89 -16.17
CA SER B 100 10.74 -20.81 -15.26
C SER B 100 9.89 -21.17 -14.06
N THR B 101 9.91 -22.43 -13.63
CA THR B 101 9.11 -22.84 -12.48
C THR B 101 9.79 -22.47 -11.17
N GLY B 102 11.11 -22.43 -11.19
CA GLY B 102 11.86 -22.08 -10.00
C GLY B 102 12.19 -23.28 -9.15
N VAL B 103 11.58 -24.42 -9.44
CA VAL B 103 11.86 -25.62 -8.67
C VAL B 103 12.73 -26.63 -9.39
N PHE B 104 13.25 -26.25 -10.55
CA PHE B 104 14.12 -27.14 -11.33
C PHE B 104 15.40 -26.42 -11.78
N THR B 105 15.98 -25.62 -10.89
CA THR B 105 17.20 -24.88 -11.22
C THR B 105 18.50 -25.70 -11.27
N ASP B 106 18.53 -26.84 -10.58
CA ASP B 106 19.71 -27.70 -10.61
C ASP B 106 19.89 -28.16 -12.05
N LYS B 107 21.13 -28.20 -12.53
CA LYS B 107 21.39 -28.62 -13.89
C LYS B 107 20.80 -29.99 -14.24
N GLU B 108 20.85 -30.94 -13.30
CA GLU B 108 20.32 -32.26 -13.57
C GLU B 108 18.81 -32.22 -13.76
N LYS B 109 18.11 -31.53 -12.87
CA LYS B 109 16.66 -31.43 -12.94
C LYS B 109 16.19 -30.70 -14.18
N ALA B 110 16.95 -29.72 -14.62
CA ALA B 110 16.60 -28.96 -15.81
C ALA B 110 16.80 -29.82 -17.06
N ALA B 111 17.72 -30.78 -16.98
CA ALA B 111 18.03 -31.66 -18.10
C ALA B 111 16.85 -32.52 -18.54
N ALA B 112 15.85 -32.64 -17.68
CA ALA B 112 14.67 -33.44 -17.98
C ALA B 112 14.00 -33.04 -19.30
N HIS B 113 14.07 -31.75 -19.65
CA HIS B 113 13.45 -31.26 -20.87
C HIS B 113 14.10 -31.82 -22.13
N LEU B 114 15.34 -32.27 -22.00
CA LEU B 114 16.03 -32.85 -23.15
C LEU B 114 15.36 -34.18 -23.47
N LYS B 115 14.87 -34.86 -22.44
CA LYS B 115 14.21 -36.16 -22.61
C LYS B 115 13.05 -36.06 -23.60
N GLY B 116 12.34 -34.94 -23.56
CA GLY B 116 11.20 -34.74 -24.46
C GLY B 116 11.57 -34.22 -25.83
N GLY B 117 12.87 -34.03 -26.09
CA GLY B 117 13.26 -33.55 -27.41
C GLY B 117 13.75 -32.12 -27.51
N ALA B 118 13.69 -31.37 -26.41
CA ALA B 118 14.17 -29.99 -26.43
C ALA B 118 15.67 -30.10 -26.65
N LYS B 119 16.26 -29.10 -27.30
CA LYS B 119 17.70 -29.12 -27.55
C LYS B 119 18.44 -28.33 -26.47
N LYS B 120 17.89 -27.18 -26.09
CA LYS B 120 18.50 -26.33 -25.08
C LYS B 120 17.49 -25.92 -24.02
N VAL B 121 18.00 -25.68 -22.81
CA VAL B 121 17.15 -25.26 -21.70
C VAL B 121 17.79 -24.01 -21.10
N VAL B 122 16.99 -22.98 -20.89
CA VAL B 122 17.49 -21.76 -20.28
C VAL B 122 16.76 -21.60 -18.96
N ILE B 123 17.50 -21.76 -17.87
CA ILE B 123 16.93 -21.64 -16.55
C ILE B 123 16.75 -20.16 -16.25
N SER B 124 15.50 -19.75 -16.03
CA SER B 124 15.20 -18.35 -15.75
C SER B 124 15.50 -18.02 -14.29
N ALA B 125 16.63 -18.52 -13.79
CA ALA B 125 17.00 -18.31 -12.40
C ALA B 125 18.44 -18.72 -12.13
N PRO B 126 18.97 -18.36 -10.96
CA PRO B 126 20.36 -18.74 -10.65
C PRO B 126 20.34 -20.26 -10.49
N SER B 127 21.46 -20.91 -10.79
CA SER B 127 21.57 -22.35 -10.65
C SER B 127 22.82 -22.69 -9.85
N LYS B 128 22.77 -23.76 -9.07
CA LYS B 128 23.94 -24.12 -8.27
C LYS B 128 25.08 -24.64 -9.14
N ASP B 129 24.77 -25.18 -10.32
CA ASP B 129 25.81 -25.72 -11.17
C ASP B 129 25.72 -25.47 -12.69
N ALA B 130 24.58 -24.99 -13.17
CA ALA B 130 24.43 -24.72 -14.59
C ALA B 130 25.21 -23.45 -14.95
N PRO B 131 25.97 -23.50 -16.06
CA PRO B 131 26.77 -22.34 -16.49
C PRO B 131 25.89 -21.09 -16.54
N MET B 132 26.37 -20.02 -15.91
CA MET B 132 25.64 -18.75 -15.83
C MET B 132 26.08 -17.73 -16.87
N PHE B 133 25.12 -17.08 -17.51
CA PHE B 133 25.42 -16.07 -18.51
C PHE B 133 24.54 -14.85 -18.32
N VAL B 134 25.14 -13.67 -18.40
CA VAL B 134 24.42 -12.42 -18.28
C VAL B 134 24.71 -11.65 -19.58
N CYS B 135 23.67 -11.27 -20.29
CA CYS B 135 23.86 -10.54 -21.55
C CYS B 135 24.59 -9.24 -21.32
N GLY B 136 25.49 -8.91 -22.24
CA GLY B 136 26.26 -7.69 -22.12
C GLY B 136 27.47 -7.85 -21.21
N VAL B 137 27.55 -8.99 -20.53
CA VAL B 137 28.66 -9.23 -19.63
C VAL B 137 29.57 -10.39 -20.03
N ASN B 138 28.99 -11.57 -20.23
CA ASN B 138 29.79 -12.74 -20.61
C ASN B 138 29.04 -13.72 -21.50
N GLU B 139 27.99 -13.27 -22.18
CA GLU B 139 27.26 -14.19 -23.04
C GLU B 139 28.14 -14.72 -24.17
N ASP B 140 29.26 -14.06 -24.42
CA ASP B 140 30.17 -14.52 -25.46
C ASP B 140 30.95 -15.74 -25.00
N LYS B 141 30.89 -16.02 -23.70
CA LYS B 141 31.60 -17.18 -23.19
C LYS B 141 30.82 -18.47 -23.49
N TYR B 142 29.56 -18.34 -23.87
CA TYR B 142 28.74 -19.52 -24.18
C TYR B 142 29.27 -20.31 -25.38
N THR B 143 29.29 -21.63 -25.26
CA THR B 143 29.74 -22.49 -26.36
C THR B 143 28.62 -23.49 -26.65
N SER B 144 28.40 -23.77 -27.94
CA SER B 144 27.34 -24.67 -28.41
C SER B 144 27.23 -26.06 -27.81
N ASP B 145 28.28 -26.55 -27.17
CA ASP B 145 28.26 -27.89 -26.58
C ASP B 145 27.51 -27.88 -25.24
N ILE B 146 27.18 -26.68 -24.75
CA ILE B 146 26.48 -26.54 -23.49
C ILE B 146 24.98 -26.48 -23.81
N ASP B 147 24.21 -27.41 -23.25
CA ASP B 147 22.77 -27.44 -23.52
C ASP B 147 21.88 -26.90 -22.41
N ILE B 148 22.46 -26.72 -21.22
CA ILE B 148 21.72 -26.21 -20.07
C ILE B 148 22.47 -25.01 -19.50
N VAL B 149 21.83 -23.84 -19.52
CA VAL B 149 22.43 -22.62 -19.00
C VAL B 149 21.48 -21.94 -18.04
N SER B 150 22.02 -20.96 -17.31
CA SER B 150 21.23 -20.19 -16.36
C SER B 150 21.33 -18.73 -16.80
N ASN B 151 20.24 -17.98 -16.72
CA ASN B 151 20.27 -16.57 -17.10
C ASN B 151 20.43 -15.68 -15.85
N ALA B 152 20.83 -16.30 -14.74
CA ALA B 152 21.04 -15.61 -13.47
C ALA B 152 19.74 -15.01 -12.95
N SER B 153 19.85 -14.05 -12.04
CA SER B 153 18.68 -13.40 -11.48
C SER B 153 18.54 -12.00 -12.07
N CYS B 154 17.39 -11.36 -11.85
CA CYS B 154 17.18 -10.01 -12.36
C CYS B 154 18.15 -9.05 -11.70
N THR B 155 18.41 -9.27 -10.42
CA THR B 155 19.30 -8.39 -9.67
C THR B 155 20.74 -8.45 -10.19
N THR B 156 21.20 -9.64 -10.55
CA THR B 156 22.56 -9.80 -11.07
C THR B 156 22.64 -9.20 -12.47
N ASN B 157 21.52 -9.22 -13.20
CA ASN B 157 21.50 -8.65 -14.54
C ASN B 157 21.55 -7.12 -14.43
N CYS B 158 21.15 -6.59 -13.28
CA CYS B 158 21.21 -5.15 -13.10
C CYS B 158 22.59 -4.73 -12.61
N LEU B 159 23.07 -5.44 -11.59
CA LEU B 159 24.37 -5.15 -10.99
C LEU B 159 25.59 -5.45 -11.85
N ALA B 160 25.59 -6.59 -12.51
CA ALA B 160 26.74 -7.01 -13.33
C ALA B 160 27.13 -6.09 -14.49
N PRO B 161 26.16 -5.63 -15.29
CA PRO B 161 26.57 -4.75 -16.39
C PRO B 161 27.19 -3.46 -15.88
N LEU B 162 26.54 -2.87 -14.87
CA LEU B 162 27.00 -1.63 -14.27
C LEU B 162 28.41 -1.82 -13.73
N ALA B 163 28.57 -2.87 -12.93
CA ALA B 163 29.86 -3.20 -12.33
C ALA B 163 30.93 -3.40 -13.40
N LYS B 164 30.56 -4.02 -14.51
CA LYS B 164 31.53 -4.24 -15.56
C LYS B 164 31.99 -2.91 -16.11
N VAL B 165 31.06 -1.98 -16.27
CA VAL B 165 31.41 -0.68 -16.80
C VAL B 165 32.32 0.09 -15.84
N ILE B 166 32.01 0.04 -14.55
CA ILE B 166 32.82 0.75 -13.55
C ILE B 166 34.19 0.11 -13.39
N HIS B 167 34.22 -1.22 -13.40
CA HIS B 167 35.47 -1.94 -13.22
C HIS B 167 36.46 -1.71 -14.35
N ASP B 168 35.97 -1.81 -15.59
CA ASP B 168 36.82 -1.62 -16.76
C ASP B 168 37.35 -0.20 -16.91
N ASN B 169 36.61 0.77 -16.39
CA ASN B 169 37.02 2.17 -16.47
C ASN B 169 37.80 2.66 -15.25
N PHE B 170 37.43 2.20 -14.07
CA PHE B 170 38.07 2.69 -12.86
C PHE B 170 38.69 1.67 -11.90
N GLY B 171 38.35 0.40 -12.09
CA GLY B 171 38.90 -0.64 -11.25
C GLY B 171 38.25 -0.74 -9.88
N ILE B 172 37.36 -1.71 -9.72
CA ILE B 172 36.69 -1.90 -8.44
C ILE B 172 37.58 -2.69 -7.50
N ILE B 173 37.82 -2.14 -6.31
CA ILE B 173 38.63 -2.84 -5.30
C ILE B 173 37.64 -3.66 -4.48
N GLU B 174 36.58 -3.00 -4.02
CA GLU B 174 35.55 -3.66 -3.21
C GLU B 174 34.25 -2.89 -3.19
N GLY B 175 33.15 -3.62 -3.05
CA GLY B 175 31.85 -2.99 -3.01
C GLY B 175 30.81 -3.78 -2.25
N LEU B 176 29.80 -3.07 -1.78
CA LEU B 176 28.71 -3.66 -1.04
C LEU B 176 27.46 -3.14 -1.73
N MET B 177 26.52 -4.05 -1.97
CA MET B 177 25.28 -3.70 -2.66
C MET B 177 24.03 -3.90 -1.81
N THR B 178 23.10 -2.98 -1.98
CA THR B 178 21.80 -3.05 -1.33
C THR B 178 20.80 -2.89 -2.46
N THR B 179 19.74 -3.67 -2.42
CA THR B 179 18.71 -3.57 -3.43
C THR B 179 17.41 -3.27 -2.71
N VAL B 180 16.72 -2.21 -3.12
CA VAL B 180 15.43 -1.87 -2.55
C VAL B 180 14.55 -2.56 -3.59
N HIS B 181 13.94 -3.65 -3.17
CA HIS B 181 13.22 -4.57 -4.05
C HIS B 181 11.69 -4.65 -3.91
N ALA B 182 11.02 -4.77 -5.04
CA ALA B 182 9.56 -4.89 -5.07
C ALA B 182 9.18 -6.25 -4.48
N ILE B 183 7.94 -6.40 -4.02
CA ILE B 183 7.56 -7.69 -3.46
C ILE B 183 7.43 -8.74 -4.56
N THR B 184 7.48 -10.01 -4.18
CA THR B 184 7.37 -11.08 -5.18
C THR B 184 6.44 -12.19 -4.72
N ALA B 185 6.23 -13.15 -5.62
CA ALA B 185 5.33 -14.26 -5.36
C ALA B 185 5.66 -15.16 -4.16
N THR B 186 6.91 -15.15 -3.71
CA THR B 186 7.29 -16.00 -2.57
C THR B 186 6.87 -15.37 -1.24
N GLN B 187 6.52 -14.09 -1.28
CA GLN B 187 6.11 -13.37 -0.08
C GLN B 187 4.65 -13.65 0.29
N LYS B 188 4.20 -13.12 1.43
CA LYS B 188 2.86 -13.36 1.93
C LYS B 188 2.04 -12.08 2.12
N THR B 189 0.73 -12.17 1.92
CA THR B 189 -0.14 -11.01 2.10
C THR B 189 -0.26 -10.61 3.58
N VAL B 190 -0.31 -11.60 4.46
CA VAL B 190 -0.39 -11.35 5.91
C VAL B 190 0.62 -12.29 6.56
N ASP B 191 1.01 -12.01 7.81
CA ASP B 191 1.99 -12.86 8.48
C ASP B 191 1.64 -14.34 8.34
N GLY B 192 2.51 -15.10 7.65
CA GLY B 192 2.28 -16.52 7.45
C GLY B 192 3.57 -17.33 7.49
N PRO B 193 3.51 -18.66 7.34
CA PRO B 193 4.69 -19.54 7.38
C PRO B 193 5.67 -19.43 6.21
N SER B 194 6.94 -19.23 6.55
CA SER B 194 8.04 -19.15 5.58
C SER B 194 9.23 -19.75 6.33
N SER B 195 9.24 -21.07 6.40
CA SER B 195 10.26 -21.83 7.13
C SER B 195 11.73 -21.56 6.87
N LYS B 196 12.11 -21.29 5.63
CA LYS B 196 13.52 -21.04 5.35
C LYS B 196 13.87 -19.56 5.35
N ASP B 197 12.88 -18.71 5.53
CA ASP B 197 13.09 -17.25 5.52
C ASP B 197 12.01 -16.66 6.43
N TRP B 198 12.26 -16.62 7.74
CA TRP B 198 11.24 -16.09 8.66
C TRP B 198 10.80 -14.66 8.36
N ARG B 199 11.73 -13.74 8.13
CA ARG B 199 11.31 -12.37 7.85
C ARG B 199 10.39 -12.36 6.64
N GLY B 200 10.70 -13.19 5.65
CA GLY B 200 9.91 -13.25 4.44
C GLY B 200 8.51 -13.78 4.59
N GLY B 201 8.11 -14.13 5.80
CA GLY B 201 6.76 -14.63 5.98
C GLY B 201 5.83 -13.51 6.42
N ARG B 202 6.42 -12.44 6.96
CA ARG B 202 5.67 -11.30 7.46
C ARG B 202 4.94 -10.52 6.35
N ALA B 203 3.82 -9.88 6.70
CA ALA B 203 3.00 -9.14 5.74
C ALA B 203 3.85 -8.30 4.79
N ALA B 204 3.79 -8.68 3.51
CA ALA B 204 4.59 -8.04 2.48
C ALA B 204 4.41 -6.55 2.22
N SER B 205 3.18 -6.11 2.01
CA SER B 205 2.95 -4.71 1.68
C SER B 205 2.77 -3.79 2.88
N PHE B 206 3.12 -4.28 4.07
CA PHE B 206 2.99 -3.49 5.29
C PHE B 206 4.28 -3.48 6.12
N ASN B 207 5.39 -3.83 5.47
CA ASN B 207 6.68 -3.87 6.15
C ASN B 207 7.85 -3.68 5.20
N ILE B 208 8.96 -3.22 5.76
CA ILE B 208 10.22 -3.11 5.03
C ILE B 208 10.79 -4.43 5.56
N ILE B 209 11.19 -5.33 4.66
CA ILE B 209 11.67 -6.66 5.08
C ILE B 209 13.08 -7.03 4.60
N PRO B 210 14.06 -7.05 5.52
CA PRO B 210 15.43 -7.39 5.13
C PRO B 210 15.46 -8.78 4.49
N SER B 211 16.38 -8.97 3.55
CA SER B 211 16.48 -10.25 2.88
C SER B 211 17.93 -10.49 2.46
N SER B 212 18.29 -11.75 2.30
CA SER B 212 19.63 -12.08 1.88
C SER B 212 19.58 -12.27 0.38
N THR B 213 20.70 -12.01 -0.29
CA THR B 213 20.76 -12.16 -1.72
C THR B 213 22.15 -12.60 -2.11
N GLY B 214 22.25 -13.46 -3.10
CA GLY B 214 23.54 -13.91 -3.56
C GLY B 214 23.84 -13.27 -4.90
N ALA B 215 23.04 -12.28 -5.27
CA ALA B 215 23.22 -11.62 -6.55
C ALA B 215 24.58 -10.93 -6.71
N ALA B 216 25.06 -10.28 -5.66
CA ALA B 216 26.34 -9.59 -5.71
C ALA B 216 27.49 -10.58 -5.82
N LYS B 217 27.43 -11.63 -5.01
CA LYS B 217 28.47 -12.66 -5.03
C LYS B 217 28.49 -13.36 -6.40
N ALA B 218 27.30 -13.54 -6.98
CA ALA B 218 27.17 -14.19 -8.29
C ALA B 218 27.89 -13.43 -9.41
N VAL B 219 28.05 -12.13 -9.25
CA VAL B 219 28.72 -11.34 -10.28
C VAL B 219 30.11 -11.93 -10.49
N GLY B 220 30.68 -12.50 -9.43
CA GLY B 220 31.99 -13.08 -9.55
C GLY B 220 32.05 -14.25 -10.52
N LYS B 221 30.91 -14.85 -10.82
CA LYS B 221 30.89 -15.99 -11.73
C LYS B 221 30.91 -15.55 -13.19
N VAL B 222 30.41 -14.35 -13.46
CA VAL B 222 30.38 -13.85 -14.82
C VAL B 222 31.51 -12.84 -15.08
N LEU B 223 32.19 -12.44 -14.01
CA LEU B 223 33.31 -11.51 -14.09
C LEU B 223 34.34 -11.94 -13.04
N PRO B 224 35.19 -12.91 -13.40
CA PRO B 224 36.24 -13.46 -12.53
C PRO B 224 37.01 -12.47 -11.67
N ASP B 225 37.38 -11.33 -12.25
CA ASP B 225 38.15 -10.36 -11.50
C ASP B 225 37.37 -9.70 -10.37
N LEU B 226 36.06 -9.90 -10.34
CA LEU B 226 35.25 -9.30 -9.28
C LEU B 226 34.83 -10.32 -8.22
N ASN B 227 35.31 -11.55 -8.37
CA ASN B 227 34.98 -12.60 -7.43
C ASN B 227 35.56 -12.25 -6.06
N GLY B 228 34.72 -12.32 -5.04
CA GLY B 228 35.14 -12.01 -3.68
C GLY B 228 35.26 -10.52 -3.40
N LYS B 229 34.93 -9.69 -4.39
CA LYS B 229 35.03 -8.24 -4.24
C LYS B 229 33.68 -7.56 -4.03
N LEU B 230 32.60 -8.32 -4.13
CA LEU B 230 31.26 -7.77 -3.95
C LEU B 230 30.34 -8.67 -3.15
N THR B 231 29.48 -8.05 -2.35
CA THR B 231 28.46 -8.78 -1.59
C THR B 231 27.39 -7.78 -1.22
N GLY B 232 26.31 -8.25 -0.61
CA GLY B 232 25.25 -7.32 -0.24
C GLY B 232 24.02 -7.98 0.33
N MET B 233 22.94 -7.20 0.41
CA MET B 233 21.68 -7.69 0.95
C MET B 233 20.53 -6.93 0.32
N SER B 234 19.31 -7.24 0.75
CA SER B 234 18.13 -6.60 0.18
C SER B 234 17.13 -6.16 1.23
N PHE B 235 16.22 -5.29 0.81
CA PHE B 235 15.13 -4.78 1.62
C PHE B 235 13.90 -4.89 0.71
N ARG B 236 12.97 -5.78 1.04
CA ARG B 236 11.75 -5.92 0.23
C ARG B 236 10.78 -4.85 0.74
N VAL B 237 10.30 -4.01 -0.16
CA VAL B 237 9.39 -2.92 0.22
C VAL B 237 8.06 -3.07 -0.53
N PRO B 238 6.99 -2.46 0.01
CA PRO B 238 5.66 -2.53 -0.58
C PRO B 238 5.35 -1.91 -1.94
N THR B 239 6.01 -2.37 -2.99
CA THR B 239 5.71 -1.91 -4.35
C THR B 239 5.51 -3.21 -5.15
N VAL B 240 4.70 -3.15 -6.20
CA VAL B 240 4.36 -4.32 -7.00
C VAL B 240 5.39 -4.80 -8.02
N ASP B 241 6.22 -3.88 -8.51
CA ASP B 241 7.25 -4.21 -9.49
C ASP B 241 8.22 -3.04 -9.59
N VAL B 242 9.39 -3.32 -10.14
CA VAL B 242 10.49 -2.36 -10.34
C VAL B 242 11.28 -2.26 -9.04
N SER B 243 12.58 -2.52 -9.15
CA SER B 243 13.47 -2.46 -7.99
C SER B 243 14.66 -1.57 -8.30
N VAL B 244 15.50 -1.32 -7.30
CA VAL B 244 16.66 -0.48 -7.51
C VAL B 244 17.91 -1.01 -6.80
N VAL B 245 19.03 -0.95 -7.51
CA VAL B 245 20.30 -1.39 -6.98
C VAL B 245 21.02 -0.15 -6.45
N ASP B 246 21.63 -0.32 -5.29
CA ASP B 246 22.37 0.74 -4.61
C ASP B 246 23.80 0.17 -4.42
N LEU B 247 24.72 0.58 -5.29
CA LEU B 247 26.09 0.08 -5.20
C LEU B 247 27.11 1.06 -4.65
N THR B 248 27.69 0.68 -3.52
CA THR B 248 28.70 1.50 -2.86
C THR B 248 30.03 0.85 -3.19
N VAL B 249 30.86 1.57 -3.94
CA VAL B 249 32.13 1.00 -4.35
C VAL B 249 33.38 1.86 -4.10
N ARG B 250 34.50 1.17 -3.91
CA ARG B 250 35.80 1.81 -3.74
C ARG B 250 36.55 1.46 -5.01
N ILE B 251 36.96 2.48 -5.75
CA ILE B 251 37.65 2.29 -7.02
C ILE B 251 39.15 2.59 -6.98
N GLU B 252 39.89 1.98 -7.91
CA GLU B 252 41.33 2.14 -8.02
C GLU B 252 41.73 3.53 -8.55
N LYS B 253 41.19 3.86 -9.73
CA LYS B 253 41.48 5.11 -10.42
C LYS B 253 40.57 6.26 -10.00
N ALA B 254 41.16 7.36 -9.51
CA ALA B 254 40.38 8.51 -9.08
C ALA B 254 39.49 9.02 -10.20
N ALA B 255 38.23 9.31 -9.89
CA ALA B 255 37.29 9.80 -10.89
C ALA B 255 36.18 10.64 -10.28
N SER B 256 35.91 11.78 -10.90
CA SER B 256 34.85 12.68 -10.44
C SER B 256 33.54 11.99 -10.74
N TYR B 257 32.49 12.36 -10.00
CA TYR B 257 31.19 11.76 -10.23
C TYR B 257 30.80 12.00 -11.69
N ASP B 258 31.19 13.15 -12.24
CA ASP B 258 30.87 13.45 -13.64
C ASP B 258 31.59 12.50 -14.60
N ALA B 259 32.81 12.08 -14.24
CA ALA B 259 33.56 11.17 -15.10
C ALA B 259 32.85 9.82 -15.11
N ILE B 260 32.40 9.39 -13.94
CA ILE B 260 31.71 8.13 -13.80
C ILE B 260 30.43 8.20 -14.66
N LYS B 261 29.71 9.31 -14.56
CA LYS B 261 28.47 9.50 -15.34
C LYS B 261 28.73 9.41 -16.84
N SER B 262 29.69 10.16 -17.33
CA SER B 262 29.99 10.15 -18.76
C SER B 262 30.38 8.75 -19.23
N ALA B 263 31.04 7.98 -18.36
CA ALA B 263 31.45 6.63 -18.72
C ALA B 263 30.23 5.73 -18.90
N ILE B 264 29.26 5.84 -17.99
CA ILE B 264 28.07 5.04 -18.10
C ILE B 264 27.23 5.49 -19.29
N LYS B 265 27.14 6.79 -19.52
CA LYS B 265 26.36 7.27 -20.66
C LYS B 265 26.93 6.73 -21.97
N SER B 266 28.25 6.78 -22.12
CA SER B 266 28.91 6.27 -23.32
C SER B 266 28.54 4.81 -23.54
N ALA B 267 28.69 4.01 -22.49
CA ALA B 267 28.39 2.59 -22.56
C ALA B 267 26.94 2.36 -22.97
N SER B 268 26.03 3.15 -22.40
CA SER B 268 24.60 3.02 -22.70
C SER B 268 24.32 3.42 -24.15
N GLU B 269 25.27 4.12 -24.77
CA GLU B 269 25.11 4.57 -26.14
C GLU B 269 25.88 3.68 -27.12
N GLY B 270 26.67 2.75 -26.58
CA GLY B 270 27.45 1.88 -27.43
C GLY B 270 27.04 0.42 -27.49
N LYS B 271 27.99 -0.47 -27.24
CA LYS B 271 27.72 -1.90 -27.27
C LYS B 271 26.62 -2.26 -26.28
N LEU B 272 26.71 -1.76 -25.06
CA LEU B 272 25.71 -2.06 -24.04
C LEU B 272 24.37 -1.36 -24.24
N LYS B 273 24.18 -0.74 -25.40
CA LYS B 273 22.90 -0.09 -25.64
C LYS B 273 21.83 -1.18 -25.53
N GLY B 274 20.72 -0.87 -24.87
CA GLY B 274 19.68 -1.87 -24.72
C GLY B 274 19.82 -2.68 -23.44
N ILE B 275 21.02 -2.73 -22.88
CA ILE B 275 21.25 -3.46 -21.63
C ILE B 275 21.37 -2.44 -20.52
N ILE B 276 22.25 -1.45 -20.71
CA ILE B 276 22.42 -0.40 -19.71
C ILE B 276 21.77 0.86 -20.20
N GLY B 277 21.01 1.48 -19.32
CA GLY B 277 20.33 2.71 -19.63
C GLY B 277 20.93 3.85 -18.83
N TYR B 278 20.61 5.06 -19.24
CA TYR B 278 21.13 6.23 -18.55
C TYR B 278 20.07 7.32 -18.52
N VAL B 279 19.78 7.82 -17.32
CA VAL B 279 18.81 8.88 -17.17
C VAL B 279 19.35 9.92 -16.20
N GLU B 280 18.92 11.17 -16.36
CA GLU B 280 19.35 12.20 -15.45
C GLU B 280 18.21 13.15 -15.15
N GLU B 281 17.04 12.55 -14.94
CA GLU B 281 15.83 13.27 -14.61
C GLU B 281 15.34 12.78 -13.24
N ASP B 282 14.38 13.50 -12.67
CA ASP B 282 13.83 13.16 -11.34
C ASP B 282 12.75 12.09 -11.46
N LEU B 283 13.14 10.89 -11.83
CA LEU B 283 12.18 9.82 -12.01
C LEU B 283 11.99 8.96 -10.75
N VAL B 284 10.89 8.20 -10.73
CA VAL B 284 10.59 7.32 -9.60
C VAL B 284 10.27 5.96 -10.19
N SER B 285 10.15 4.95 -9.34
CA SER B 285 9.93 3.59 -9.81
C SER B 285 8.90 3.34 -10.91
N THR B 286 7.69 3.86 -10.80
CA THR B 286 6.71 3.55 -11.84
C THR B 286 7.15 4.02 -13.21
N ASP B 287 8.04 5.01 -13.26
CA ASP B 287 8.52 5.51 -14.54
C ASP B 287 9.31 4.45 -15.31
N PHE B 288 9.71 3.37 -14.64
CA PHE B 288 10.48 2.32 -15.30
C PHE B 288 9.69 1.04 -15.60
N VAL B 289 8.39 1.07 -15.37
CA VAL B 289 7.58 -0.09 -15.66
C VAL B 289 7.57 -0.28 -17.17
N GLY B 290 7.97 -1.46 -17.63
CA GLY B 290 8.00 -1.72 -19.04
C GLY B 290 9.30 -1.37 -19.72
N ASP B 291 10.31 -0.99 -18.95
CA ASP B 291 11.62 -0.65 -19.52
C ASP B 291 12.34 -1.99 -19.75
N SER B 292 12.79 -2.22 -20.97
CA SER B 292 13.44 -3.46 -21.32
C SER B 292 14.92 -3.61 -20.92
N ARG B 293 15.56 -2.51 -20.55
CA ARG B 293 16.98 -2.58 -20.17
C ARG B 293 17.21 -3.38 -18.89
N SER B 294 18.42 -3.92 -18.72
CA SER B 294 18.74 -4.68 -17.52
C SER B 294 19.13 -3.78 -16.36
N SER B 295 19.68 -2.61 -16.67
CA SER B 295 20.16 -1.68 -15.66
C SER B 295 20.06 -0.23 -16.16
N ILE B 296 19.24 0.58 -15.48
CA ILE B 296 19.10 1.99 -15.87
C ILE B 296 19.74 2.87 -14.80
N PHE B 297 20.94 3.37 -15.11
CA PHE B 297 21.68 4.22 -14.20
C PHE B 297 20.96 5.53 -13.95
N ASP B 298 20.76 5.86 -12.68
CA ASP B 298 20.08 7.09 -12.27
C ASP B 298 21.13 8.13 -11.88
N ALA B 299 21.52 8.97 -12.83
CA ALA B 299 22.56 9.98 -12.59
C ALA B 299 22.37 10.86 -11.35
N LYS B 300 21.18 11.43 -11.19
CA LYS B 300 20.93 12.34 -10.08
C LYS B 300 20.76 11.71 -8.69
N ALA B 301 20.42 10.43 -8.61
CA ALA B 301 20.22 9.77 -7.32
C ALA B 301 21.48 9.39 -6.56
N GLY B 302 22.53 9.03 -7.30
CA GLY B 302 23.78 8.63 -6.68
C GLY B 302 24.58 9.76 -6.06
N ILE B 303 25.59 9.41 -5.27
CA ILE B 303 26.38 10.44 -4.63
C ILE B 303 27.80 9.94 -4.33
N ALA B 304 28.77 10.83 -4.43
CA ALA B 304 30.16 10.48 -4.18
C ALA B 304 30.68 11.15 -2.91
N LEU B 305 31.44 10.41 -2.11
CA LEU B 305 32.01 11.01 -0.90
C LEU B 305 33.30 11.68 -1.36
N ASN B 306 34.06 10.96 -2.19
CA ASN B 306 35.31 11.46 -2.76
C ASN B 306 35.58 10.78 -4.09
N ASP B 307 36.70 11.11 -4.74
CA ASP B 307 37.03 10.54 -6.05
C ASP B 307 37.31 9.04 -6.11
N ASN B 308 37.28 8.36 -4.98
CA ASN B 308 37.55 6.93 -4.96
C ASN B 308 36.53 6.14 -4.15
N PHE B 309 35.46 6.82 -3.71
CA PHE B 309 34.43 6.16 -2.93
C PHE B 309 33.08 6.77 -3.30
N VAL B 310 32.25 5.96 -3.94
CA VAL B 310 30.97 6.44 -4.44
C VAL B 310 29.81 5.47 -4.28
N LYS B 311 28.60 6.01 -4.38
CA LYS B 311 27.37 5.23 -4.30
C LYS B 311 26.62 5.45 -5.62
N LEU B 312 26.39 4.36 -6.34
CA LEU B 312 25.72 4.43 -7.63
C LEU B 312 24.35 3.75 -7.56
N VAL B 313 23.36 4.34 -8.22
CA VAL B 313 22.05 3.73 -8.18
C VAL B 313 21.55 3.42 -9.59
N ALA B 314 20.99 2.21 -9.74
CA ALA B 314 20.49 1.76 -11.03
C ALA B 314 19.17 1.01 -10.89
N TRP B 315 18.18 1.46 -11.65
CA TRP B 315 16.85 0.87 -11.65
C TRP B 315 16.74 -0.34 -12.54
N TYR B 316 15.67 -1.09 -12.32
CA TYR B 316 15.37 -2.24 -13.13
C TYR B 316 13.97 -2.78 -12.88
N ASP B 317 13.24 -2.97 -13.98
CA ASP B 317 11.92 -3.54 -13.89
C ASP B 317 12.28 -5.01 -13.72
N ASN B 318 12.33 -5.47 -12.47
CA ASN B 318 12.71 -6.85 -12.19
C ASN B 318 11.96 -7.89 -12.99
N GLU B 319 10.73 -7.58 -13.37
CA GLU B 319 9.95 -8.53 -14.16
C GLU B 319 10.23 -8.41 -15.67
N TRP B 320 10.06 -7.22 -16.22
CA TRP B 320 10.21 -7.01 -17.65
C TRP B 320 11.61 -7.05 -18.25
N GLY B 321 12.56 -6.35 -17.63
CA GLY B 321 13.92 -6.35 -18.14
C GLY B 321 14.44 -7.78 -18.19
N TYR B 322 14.29 -8.51 -17.09
CA TYR B 322 14.77 -9.88 -17.01
C TYR B 322 14.15 -10.78 -18.09
N SER B 323 12.84 -10.65 -18.30
CA SER B 323 12.15 -11.46 -19.29
C SER B 323 12.70 -11.24 -20.70
N ASN B 324 13.06 -10.00 -21.02
CA ASN B 324 13.64 -9.69 -22.33
C ASN B 324 15.02 -10.35 -22.43
N ARG B 325 15.77 -10.34 -21.33
CA ARG B 325 17.09 -10.94 -21.32
C ARG B 325 17.03 -12.45 -21.57
N VAL B 326 15.98 -13.11 -21.08
CA VAL B 326 15.84 -14.55 -21.31
C VAL B 326 15.79 -14.81 -22.82
N ILE B 327 15.06 -13.96 -23.55
CA ILE B 327 14.95 -14.10 -25.00
C ILE B 327 16.27 -13.70 -25.67
N ASP B 328 16.92 -12.64 -25.18
CA ASP B 328 18.20 -12.21 -25.76
C ASP B 328 19.24 -13.32 -25.64
N LEU B 329 19.24 -14.05 -24.53
CA LEU B 329 20.20 -15.13 -24.35
C LEU B 329 19.91 -16.19 -25.40
N ILE B 330 18.65 -16.58 -25.52
CA ILE B 330 18.26 -17.57 -26.51
C ILE B 330 18.70 -17.09 -27.90
N ARG B 331 18.47 -15.82 -28.20
CA ARG B 331 18.88 -15.27 -29.50
C ARG B 331 20.37 -15.48 -29.74
N HIS B 332 21.17 -15.24 -28.70
CA HIS B 332 22.62 -15.39 -28.81
C HIS B 332 23.03 -16.84 -28.98
N MET B 333 22.43 -17.73 -28.20
CA MET B 333 22.74 -19.14 -28.29
C MET B 333 22.44 -19.66 -29.70
N ALA B 334 21.32 -19.21 -30.26
CA ALA B 334 20.93 -19.64 -31.60
C ALA B 334 21.88 -19.16 -32.69
N LYS B 335 22.56 -18.05 -32.44
CA LYS B 335 23.50 -17.49 -33.41
C LYS B 335 24.92 -18.01 -33.17
N THR B 336 25.05 -18.97 -32.26
CA THR B 336 26.37 -19.51 -31.93
C THR B 336 26.71 -20.85 -32.57
N GLN B 337 27.88 -20.88 -33.20
CA GLN B 337 28.43 -22.04 -33.91
C GLN B 337 28.27 -23.38 -33.20
N GLY C 2 10.56 20.53 40.43
CA GLY C 2 10.11 21.84 39.86
C GLY C 2 9.26 21.67 38.62
N LYS C 3 9.17 20.44 38.13
CA LYS C 3 8.38 20.11 36.94
C LYS C 3 8.70 21.02 35.76
N ILE C 4 9.34 20.47 34.73
CA ILE C 4 9.70 21.25 33.56
C ILE C 4 8.46 21.60 32.74
N LYS C 5 8.16 22.89 32.59
CA LYS C 5 7.00 23.33 31.83
C LYS C 5 7.33 23.58 30.37
N ILE C 6 6.58 22.92 29.48
CA ILE C 6 6.84 23.06 28.06
C ILE C 6 5.65 23.42 27.19
N GLY C 7 5.95 24.03 26.05
CA GLY C 7 4.95 24.39 25.09
C GLY C 7 5.35 23.76 23.77
N ILE C 8 4.38 23.52 22.89
CA ILE C 8 4.66 22.91 21.59
C ILE C 8 4.09 23.76 20.47
N ASN C 9 4.93 24.06 19.48
CA ASN C 9 4.46 24.83 18.35
C ASN C 9 4.40 23.89 17.17
N GLY C 10 3.19 23.58 16.73
CA GLY C 10 3.02 22.66 15.61
C GLY C 10 2.62 21.31 16.17
N PHE C 11 1.33 21.04 16.16
CA PHE C 11 0.78 19.79 16.69
C PHE C 11 0.64 18.70 15.64
N GLY C 12 1.75 18.39 14.97
CA GLY C 12 1.72 17.37 13.95
C GLY C 12 2.18 16.02 14.43
N ARG C 13 2.77 15.23 13.54
CA ARG C 13 3.25 13.90 13.91
C ARG C 13 4.21 13.99 15.09
N ILE C 14 5.16 14.92 15.04
CA ILE C 14 6.11 15.07 16.13
C ILE C 14 5.48 15.81 17.30
N GLY C 15 4.82 16.93 17.02
CA GLY C 15 4.19 17.69 18.07
C GLY C 15 3.32 16.83 18.96
N ARG C 16 2.44 16.05 18.35
CA ARG C 16 1.54 15.19 19.11
C ARG C 16 2.23 14.09 19.89
N LEU C 17 3.25 13.46 19.29
CA LEU C 17 3.95 12.39 19.97
C LEU C 17 4.82 12.92 21.10
N VAL C 18 5.37 14.12 20.91
CA VAL C 18 6.18 14.74 21.95
C VAL C 18 5.21 15.00 23.10
N ALA C 19 3.96 15.30 22.76
CA ALA C 19 2.94 15.54 23.79
C ALA C 19 2.71 14.24 24.57
N ARG C 20 2.59 13.12 23.87
CA ARG C 20 2.37 11.83 24.54
C ARG C 20 3.51 11.48 25.49
N VAL C 21 4.75 11.62 25.04
CA VAL C 21 5.89 11.31 25.89
C VAL C 21 5.83 12.20 27.14
N ALA C 22 5.57 13.48 26.94
CA ALA C 22 5.50 14.42 28.06
C ALA C 22 4.36 14.10 29.04
N LEU C 23 3.18 13.87 28.51
CA LEU C 23 2.01 13.57 29.33
C LEU C 23 2.15 12.25 30.10
N GLN C 24 3.04 11.37 29.63
CA GLN C 24 3.24 10.09 30.32
C GLN C 24 4.42 10.12 31.27
N SER C 25 5.22 11.20 31.21
CA SER C 25 6.37 11.32 32.07
C SER C 25 5.96 11.83 33.44
N GLU C 26 6.92 11.84 34.35
CA GLU C 26 6.68 12.32 35.70
C GLU C 26 7.48 13.60 35.95
N ASP C 27 8.32 13.97 34.99
CA ASP C 27 9.16 15.16 35.13
C ASP C 27 8.90 16.33 34.18
N VAL C 28 8.05 16.13 33.17
CA VAL C 28 7.76 17.19 32.21
C VAL C 28 6.27 17.47 32.19
N GLU C 29 5.91 18.75 32.09
CA GLU C 29 4.51 19.15 32.08
C GLU C 29 4.16 19.98 30.85
N LEU C 30 3.30 19.42 30.00
CA LEU C 30 2.86 20.13 28.81
C LEU C 30 1.88 21.17 29.33
N VAL C 31 2.15 22.44 29.09
CA VAL C 31 1.23 23.47 29.56
C VAL C 31 0.44 24.15 28.45
N ALA C 32 0.94 24.13 27.23
CA ALA C 32 0.23 24.77 26.12
C ALA C 32 0.65 24.24 24.76
N VAL C 33 -0.22 24.43 23.77
CA VAL C 33 0.00 23.98 22.40
C VAL C 33 -0.49 25.04 21.41
N ASN C 34 0.28 25.30 20.36
CA ASN C 34 -0.13 26.27 19.33
C ASN C 34 -0.20 25.64 17.94
N ASP C 35 -1.30 25.85 17.24
CA ASP C 35 -1.45 25.33 15.88
C ASP C 35 -2.68 26.01 15.25
N PRO C 36 -2.44 26.97 14.36
CA PRO C 36 -3.54 27.69 13.70
C PRO C 36 -4.37 26.86 12.75
N PHE C 37 -3.95 25.62 12.50
CA PHE C 37 -4.69 24.75 11.59
C PHE C 37 -5.51 23.67 12.30
N ILE C 38 -5.52 23.70 13.62
CA ILE C 38 -6.25 22.70 14.40
C ILE C 38 -6.99 23.31 15.59
N THR C 39 -8.28 23.60 15.44
CA THR C 39 -9.09 24.17 16.53
C THR C 39 -8.96 23.28 17.76
N THR C 40 -9.33 23.83 18.92
CA THR C 40 -9.26 23.09 20.18
C THR C 40 -9.99 21.77 20.11
N ASP C 41 -11.22 21.82 19.60
CA ASP C 41 -12.06 20.63 19.47
C ASP C 41 -11.37 19.57 18.63
N TYR C 42 -10.89 19.99 17.47
CA TYR C 42 -10.21 19.10 16.52
C TYR C 42 -8.96 18.50 17.15
N MET C 43 -8.31 19.25 18.03
CA MET C 43 -7.10 18.78 18.69
C MET C 43 -7.37 17.54 19.55
N THR C 44 -8.49 17.52 20.25
CA THR C 44 -8.81 16.38 21.09
C THR C 44 -8.90 15.12 20.22
N TYR C 45 -9.41 15.29 19.00
CA TYR C 45 -9.53 14.15 18.08
C TYR C 45 -8.19 13.72 17.52
N MET C 46 -7.39 14.69 17.08
CA MET C 46 -6.09 14.34 16.50
C MET C 46 -5.13 13.71 17.49
N PHE C 47 -5.21 14.12 18.75
CA PHE C 47 -4.33 13.56 19.77
C PHE C 47 -4.81 12.19 20.24
N LYS C 48 -6.13 12.01 20.30
CA LYS C 48 -6.66 10.74 20.78
C LYS C 48 -6.44 9.55 19.86
N TYR C 49 -6.72 9.74 18.57
CA TYR C 49 -6.60 8.66 17.60
C TYR C 49 -5.35 8.78 16.74
N ASP C 50 -4.65 7.68 16.55
CA ASP C 50 -3.44 7.69 15.74
C ASP C 50 -3.35 6.41 14.91
N THR C 51 -3.13 6.59 13.62
CA THR C 51 -3.04 5.47 12.69
C THR C 51 -1.92 4.51 13.04
N VAL C 52 -0.82 5.05 13.54
CA VAL C 52 0.34 4.22 13.84
C VAL C 52 0.57 3.86 15.30
N HIS C 53 0.36 4.84 16.18
CA HIS C 53 0.65 4.64 17.59
C HIS C 53 -0.50 4.32 18.53
N GLY C 54 -1.60 3.86 17.96
CA GLY C 54 -2.75 3.48 18.76
C GLY C 54 -3.47 4.62 19.45
N GLN C 55 -4.59 4.28 20.07
CA GLN C 55 -5.40 5.26 20.77
C GLN C 55 -4.79 5.66 22.13
N TRP C 56 -4.91 6.95 22.47
CA TRP C 56 -4.40 7.42 23.75
C TRP C 56 -5.30 6.86 24.83
N LYS C 57 -4.71 6.05 25.71
CA LYS C 57 -5.46 5.48 26.80
C LYS C 57 -4.60 5.47 28.05
N HIS C 58 -4.37 6.66 28.58
CA HIS C 58 -3.59 6.88 29.79
C HIS C 58 -4.42 7.81 30.66
N SER C 59 -5.19 8.67 29.99
CA SER C 59 -6.06 9.63 30.65
C SER C 59 -7.15 10.00 29.66
N ASP C 60 -8.21 10.65 30.14
CA ASP C 60 -9.29 11.06 29.25
C ASP C 60 -8.96 12.40 28.60
N ILE C 61 -9.57 12.64 27.45
CA ILE C 61 -9.34 13.88 26.70
C ILE C 61 -10.66 14.61 26.48
N LYS C 62 -10.76 15.81 27.02
CA LYS C 62 -11.98 16.60 26.88
C LYS C 62 -11.67 18.09 26.75
N ILE C 63 -12.65 18.86 26.28
CA ILE C 63 -12.49 20.29 26.11
C ILE C 63 -13.10 21.02 27.29
N LYS C 64 -12.34 21.94 27.88
CA LYS C 64 -12.84 22.73 29.01
C LYS C 64 -13.52 23.96 28.43
N ASP C 65 -12.90 24.50 27.38
CA ASP C 65 -13.44 25.66 26.68
C ASP C 65 -12.61 25.84 25.42
N SER C 66 -13.01 26.79 24.58
CA SER C 66 -12.31 27.02 23.32
C SER C 66 -10.83 27.30 23.44
N LYS C 67 -10.34 27.56 24.65
CA LYS C 67 -8.92 27.86 24.82
C LYS C 67 -8.12 26.89 25.69
N THR C 68 -8.79 25.89 26.25
CA THR C 68 -8.08 24.93 27.09
C THR C 68 -8.60 23.51 26.90
N LEU C 69 -7.67 22.55 26.83
CA LEU C 69 -8.05 21.16 26.64
C LEU C 69 -8.52 20.48 27.91
N LEU C 70 -7.63 19.71 28.53
CA LEU C 70 -7.88 18.95 29.76
C LEU C 70 -7.61 17.48 29.53
N LEU C 71 -6.43 17.06 29.96
CA LEU C 71 -6.00 15.68 29.85
C LEU C 71 -6.09 15.08 31.25
N GLY C 72 -7.16 14.34 31.51
CA GLY C 72 -7.33 13.75 32.82
C GLY C 72 -7.22 14.82 33.90
N GLU C 73 -8.03 15.87 33.75
CA GLU C 73 -8.07 16.97 34.70
C GLU C 73 -6.99 18.04 34.57
N LYS C 74 -5.82 17.66 34.07
CA LYS C 74 -4.72 18.61 33.91
C LYS C 74 -4.98 19.48 32.70
N PRO C 75 -4.94 20.82 32.89
CA PRO C 75 -5.16 21.81 31.84
C PRO C 75 -3.99 22.10 30.90
N VAL C 76 -4.29 22.17 29.62
CA VAL C 76 -3.31 22.48 28.59
C VAL C 76 -3.95 23.59 27.77
N THR C 77 -3.35 24.77 27.77
CA THR C 77 -3.89 25.91 27.02
C THR C 77 -3.64 25.74 25.53
N VAL C 78 -4.56 26.21 24.71
CA VAL C 78 -4.40 26.10 23.27
C VAL C 78 -4.50 27.44 22.56
N PHE C 79 -3.55 27.67 21.65
CA PHE C 79 -3.51 28.90 20.87
C PHE C 79 -3.69 28.55 19.39
N GLY C 80 -4.02 29.56 18.59
CA GLY C 80 -4.19 29.39 17.16
C GLY C 80 -3.57 30.61 16.53
N ILE C 81 -2.23 30.69 16.61
CA ILE C 81 -1.50 31.84 16.09
C ILE C 81 -0.48 31.50 14.99
N ARG C 82 -0.55 32.22 13.88
CA ARG C 82 0.38 31.98 12.77
C ARG C 82 1.80 32.48 12.99
N ASN C 83 1.94 33.64 13.63
CA ASN C 83 3.27 34.22 13.87
C ASN C 83 3.80 33.92 15.28
N PRO C 84 4.87 33.11 15.37
CA PRO C 84 5.47 32.73 16.64
C PRO C 84 5.69 33.87 17.64
N ASP C 85 6.18 35.01 17.17
CA ASP C 85 6.43 36.13 18.07
C ASP C 85 5.17 36.69 18.74
N GLU C 86 4.00 36.20 18.34
CA GLU C 86 2.75 36.67 18.93
C GLU C 86 2.17 35.64 19.92
N ILE C 87 2.88 34.54 20.12
CA ILE C 87 2.40 33.50 21.03
C ILE C 87 2.77 33.87 22.46
N PRO C 88 1.76 34.10 23.31
CA PRO C 88 2.05 34.45 24.70
C PRO C 88 2.45 33.26 25.57
N TRP C 89 3.58 32.64 25.21
CA TRP C 89 4.07 31.48 25.95
C TRP C 89 4.16 31.71 27.45
N ALA C 90 4.67 32.87 27.85
CA ALA C 90 4.83 33.22 29.27
C ALA C 90 3.55 33.13 30.08
N GLU C 91 2.45 33.62 29.51
CA GLU C 91 1.16 33.58 30.21
C GLU C 91 0.78 32.17 30.62
N ALA C 92 1.23 31.19 29.85
CA ALA C 92 0.93 29.79 30.14
C ALA C 92 2.01 29.13 31.00
N GLY C 93 3.11 29.84 31.21
CA GLY C 93 4.19 29.31 32.02
C GLY C 93 5.12 28.33 31.30
N ALA C 94 5.11 28.35 29.98
CA ALA C 94 5.98 27.45 29.22
C ALA C 94 7.40 27.97 29.24
N GLU C 95 8.31 27.24 29.86
CA GLU C 95 9.71 27.66 29.90
C GLU C 95 10.39 27.22 28.61
N TYR C 96 10.12 25.99 28.22
CA TYR C 96 10.68 25.42 26.99
C TYR C 96 9.62 25.30 25.91
N VAL C 97 9.99 25.61 24.67
CA VAL C 97 9.06 25.49 23.56
C VAL C 97 9.64 24.57 22.47
N VAL C 98 8.86 23.55 22.12
CA VAL C 98 9.25 22.63 21.07
C VAL C 98 8.80 23.26 19.75
N GLU C 99 9.75 23.56 18.87
CA GLU C 99 9.42 24.14 17.58
C GLU C 99 9.35 23.00 16.56
N SER C 100 8.15 22.45 16.38
CA SER C 100 7.97 21.32 15.47
C SER C 100 7.01 21.56 14.31
N THR C 101 7.05 22.75 13.72
CA THR C 101 6.15 23.04 12.60
C THR C 101 6.84 22.74 11.28
N GLY C 102 8.17 22.76 11.32
CA GLY C 102 8.95 22.48 10.13
C GLY C 102 9.18 23.71 9.28
N VAL C 103 8.68 24.86 9.72
CA VAL C 103 8.86 26.09 8.95
C VAL C 103 9.60 27.18 9.71
N PHE C 104 10.02 26.89 10.94
CA PHE C 104 10.75 27.88 11.72
C PHE C 104 12.06 27.33 12.26
N THR C 105 12.79 26.61 11.40
CA THR C 105 14.05 26.00 11.80
C THR C 105 15.25 26.97 11.85
N ASP C 106 15.13 28.12 11.18
CA ASP C 106 16.21 29.13 11.22
C ASP C 106 16.26 29.66 12.64
N LYS C 107 17.46 29.95 13.13
CA LYS C 107 17.60 30.47 14.48
C LYS C 107 16.81 31.72 14.76
N GLU C 108 16.85 32.68 13.84
CA GLU C 108 16.15 33.90 14.12
C GLU C 108 14.65 33.77 14.01
N LYS C 109 14.18 32.83 13.20
CA LYS C 109 12.75 32.62 13.10
C LYS C 109 12.33 31.88 14.39
N ALA C 110 13.15 30.94 14.83
CA ALA C 110 12.84 30.17 16.04
C ALA C 110 12.84 31.05 17.29
N ALA C 111 13.72 32.04 17.32
CA ALA C 111 13.84 32.94 18.47
C ALA C 111 12.63 33.85 18.67
N ALA C 112 11.69 33.82 17.71
CA ALA C 112 10.49 34.63 17.83
C ALA C 112 9.76 34.23 19.10
N HIS C 113 9.87 32.95 19.45
CA HIS C 113 9.23 32.40 20.65
C HIS C 113 9.69 33.09 21.93
N LEU C 114 10.91 33.61 21.94
CA LEU C 114 11.40 34.28 23.15
C LEU C 114 10.65 35.58 23.40
N LYS C 115 10.21 36.23 22.31
CA LYS C 115 9.47 37.49 22.44
C LYS C 115 8.25 37.30 23.35
N GLY C 116 7.56 36.18 23.18
CA GLY C 116 6.39 35.88 23.98
C GLY C 116 6.67 35.43 25.40
N GLY C 117 7.95 35.30 25.75
CA GLY C 117 8.29 34.89 27.10
C GLY C 117 8.91 33.53 27.27
N ALA C 118 9.08 32.77 26.20
CA ALA C 118 9.71 31.45 26.33
C ALA C 118 11.17 31.70 26.63
N LYS C 119 11.78 30.78 27.37
CA LYS C 119 13.19 30.93 27.72
C LYS C 119 14.13 30.06 26.89
N LYS C 120 13.62 28.94 26.40
CA LYS C 120 14.39 28.03 25.56
C LYS C 120 13.53 27.49 24.44
N VAL C 121 14.15 27.26 23.28
CA VAL C 121 13.46 26.72 22.11
C VAL C 121 14.25 25.55 21.57
N VAL C 122 13.56 24.44 21.36
CA VAL C 122 14.18 23.24 20.82
C VAL C 122 13.52 22.99 19.49
N ILE C 123 14.30 23.14 18.42
CA ILE C 123 13.79 22.93 17.09
C ILE C 123 13.85 21.43 16.83
N SER C 124 12.72 20.87 16.39
CA SER C 124 12.61 19.45 16.11
C SER C 124 13.12 19.12 14.73
N ALA C 125 14.20 19.76 14.32
CA ALA C 125 14.73 19.53 12.98
C ALA C 125 16.09 20.18 12.88
N PRO C 126 16.85 19.84 11.82
CA PRO C 126 18.17 20.46 11.66
C PRO C 126 17.94 21.96 11.53
N SER C 127 18.94 22.74 11.90
CA SER C 127 18.84 24.19 11.79
C SER C 127 20.07 24.69 11.07
N LYS C 128 19.90 25.76 10.29
CA LYS C 128 21.00 26.33 9.54
C LYS C 128 22.06 26.99 10.43
N ASP C 129 21.63 27.57 11.54
CA ASP C 129 22.55 28.29 12.43
C ASP C 129 22.45 28.00 13.94
N ALA C 130 21.43 27.26 14.37
CA ALA C 130 21.32 26.93 15.79
C ALA C 130 22.15 25.68 15.99
N PRO C 131 22.88 25.59 17.12
CA PRO C 131 23.69 24.39 17.31
C PRO C 131 22.85 23.12 17.38
N MET C 132 23.35 22.03 16.79
CA MET C 132 22.64 20.75 16.81
C MET C 132 23.21 19.80 17.85
N PHE C 133 22.33 19.04 18.49
CA PHE C 133 22.73 18.10 19.52
C PHE C 133 22.03 16.76 19.33
N VAL C 134 22.77 15.68 19.61
CA VAL C 134 22.23 14.33 19.50
C VAL C 134 22.52 13.64 20.83
N CYS C 135 21.46 13.30 21.57
CA CYS C 135 21.64 12.65 22.86
C CYS C 135 22.49 11.39 22.72
N GLY C 136 23.46 11.25 23.61
CA GLY C 136 24.34 10.10 23.56
C GLY C 136 25.58 10.37 22.75
N VAL C 137 25.55 11.43 21.95
CA VAL C 137 26.68 11.77 21.09
C VAL C 137 27.34 13.11 21.45
N ASN C 138 26.54 14.15 21.65
CA ASN C 138 27.13 15.45 21.97
C ASN C 138 26.25 16.38 22.78
N GLU C 139 25.22 15.85 23.44
CA GLU C 139 24.36 16.75 24.21
C GLU C 139 25.16 17.48 25.29
N ASP C 140 26.26 16.87 25.75
CA ASP C 140 27.06 17.48 26.79
C ASP C 140 27.83 18.75 26.36
N LYS C 141 27.71 19.11 25.09
CA LYS C 141 28.37 20.32 24.58
C LYS C 141 27.45 21.52 24.80
N TYR C 142 26.19 21.24 25.12
CA TYR C 142 25.22 22.29 25.37
C TYR C 142 25.65 23.11 26.59
N THR C 143 25.60 24.43 26.44
CA THR C 143 25.93 25.33 27.53
C THR C 143 24.69 26.18 27.74
N SER C 144 24.39 26.52 28.99
CA SER C 144 23.17 27.27 29.32
C SER C 144 23.03 28.68 28.79
N ASP C 145 24.07 29.23 28.18
CA ASP C 145 23.94 30.57 27.66
C ASP C 145 23.23 30.49 26.31
N ILE C 146 23.11 29.28 25.77
CA ILE C 146 22.43 29.07 24.49
C ILE C 146 20.92 28.89 24.74
N ASP C 147 20.10 29.66 24.01
CA ASP C 147 18.67 29.61 24.18
C ASP C 147 17.89 28.88 23.08
N ILE C 148 18.45 28.83 21.89
CA ILE C 148 17.83 28.18 20.72
C ILE C 148 18.74 27.05 20.25
N VAL C 149 18.21 25.83 20.20
CA VAL C 149 18.99 24.68 19.78
C VAL C 149 18.23 23.77 18.84
N SER C 150 18.96 22.87 18.20
CA SER C 150 18.38 21.90 17.27
C SER C 150 18.66 20.48 17.78
N ASN C 151 17.67 19.62 17.63
CA ASN C 151 17.81 18.24 18.05
C ASN C 151 18.13 17.40 16.82
N ALA C 152 18.54 18.07 15.74
CA ALA C 152 18.88 17.39 14.50
C ALA C 152 17.69 16.67 13.88
N SER C 153 17.96 15.72 13.00
CA SER C 153 16.92 14.94 12.33
C SER C 153 16.91 13.53 12.91
N CYS C 154 15.80 12.81 12.74
CA CYS C 154 15.70 11.46 13.25
C CYS C 154 16.77 10.57 12.64
N THR C 155 17.09 10.81 11.37
CA THR C 155 18.10 10.02 10.68
C THR C 155 19.49 10.24 11.29
N THR C 156 19.85 11.49 11.56
CA THR C 156 21.16 11.75 12.17
C THR C 156 21.17 11.08 13.55
N ASN C 157 20.05 11.15 14.26
CA ASN C 157 19.92 10.52 15.58
C ASN C 157 20.07 9.00 15.47
N CYS C 158 19.75 8.43 14.32
CA CYS C 158 19.91 7.00 14.16
C CYS C 158 21.36 6.67 13.84
N LEU C 159 21.91 7.36 12.83
CA LEU C 159 23.28 7.13 12.39
C LEU C 159 24.41 7.58 13.32
N ALA C 160 24.26 8.74 13.95
CA ALA C 160 25.30 9.26 14.84
C ALA C 160 25.68 8.32 15.98
N PRO C 161 24.69 7.81 16.74
CA PRO C 161 25.12 6.91 17.82
C PRO C 161 25.84 5.69 17.26
N LEU C 162 25.36 5.16 16.14
CA LEU C 162 25.99 4.01 15.51
C LEU C 162 27.43 4.32 15.11
N ALA C 163 27.61 5.42 14.37
CA ALA C 163 28.93 5.83 13.92
C ALA C 163 29.89 6.05 15.09
N LYS C 164 29.41 6.64 16.17
CA LYS C 164 30.26 6.89 17.32
C LYS C 164 30.87 5.59 17.85
N VAL C 165 30.04 4.56 18.00
CA VAL C 165 30.52 3.28 18.50
C VAL C 165 31.52 2.67 17.53
N ILE C 166 31.19 2.71 16.24
CA ILE C 166 32.07 2.15 15.24
C ILE C 166 33.40 2.90 15.19
N HIS C 167 33.34 4.23 15.22
CA HIS C 167 34.56 5.02 15.18
C HIS C 167 35.43 4.81 16.43
N ASP C 168 34.83 4.92 17.62
CA ASP C 168 35.59 4.74 18.85
C ASP C 168 36.26 3.38 18.96
N ASN C 169 35.60 2.35 18.43
CA ASN C 169 36.13 1.00 18.50
C ASN C 169 37.07 0.58 17.37
N PHE C 170 36.75 0.98 16.15
CA PHE C 170 37.55 0.56 15.00
C PHE C 170 38.09 1.67 14.12
N GLY C 171 37.56 2.88 14.30
CA GLY C 171 38.02 4.01 13.50
C GLY C 171 37.48 4.00 12.08
N ILE C 172 36.55 4.92 11.81
CA ILE C 172 35.96 5.03 10.49
C ILE C 172 36.89 5.81 9.54
N ILE C 173 37.15 5.23 8.37
CA ILE C 173 37.98 5.88 7.36
C ILE C 173 37.03 6.65 6.43
N GLU C 174 35.96 5.97 5.99
CA GLU C 174 34.96 6.60 5.13
C GLU C 174 33.67 5.80 5.14
N GLY C 175 32.55 6.49 4.96
CA GLY C 175 31.28 5.79 4.97
C GLY C 175 30.23 6.43 4.07
N LEU C 176 29.30 5.60 3.60
CA LEU C 176 28.23 6.06 2.74
C LEU C 176 26.95 5.43 3.27
N MET C 177 25.95 6.29 3.52
CA MET C 177 24.69 5.85 4.06
C MET C 177 23.49 5.98 3.13
N THR C 178 22.56 5.05 3.30
CA THR C 178 21.31 5.04 2.57
C THR C 178 20.27 4.77 3.65
N THR C 179 19.16 5.48 3.60
CA THR C 179 18.08 5.21 4.53
C THR C 179 16.89 4.78 3.68
N VAL C 180 16.24 3.68 4.05
CA VAL C 180 15.04 3.21 3.36
C VAL C 180 14.06 3.81 4.36
N HIS C 181 13.42 4.89 3.92
CA HIS C 181 12.57 5.72 4.78
C HIS C 181 11.05 5.69 4.57
N ALA C 182 10.31 5.67 5.67
CA ALA C 182 8.85 5.67 5.59
C ALA C 182 8.39 6.99 4.98
N ILE C 183 7.16 7.05 4.46
CA ILE C 183 6.66 8.28 3.87
C ILE C 183 6.37 9.28 5.00
N THR C 184 6.34 10.57 4.67
CA THR C 184 6.08 11.61 5.65
C THR C 184 5.09 12.64 5.12
N ALA C 185 4.76 13.59 6.00
CA ALA C 185 3.81 14.65 5.71
C ALA C 185 4.12 15.53 4.51
N THR C 186 5.38 15.62 4.10
CA THR C 186 5.73 16.46 2.95
C THR C 186 5.41 15.81 1.62
N GLN C 187 5.16 14.50 1.63
CA GLN C 187 4.86 13.78 0.42
C GLN C 187 3.40 13.94 -0.05
N LYS C 188 3.09 13.38 -1.22
CA LYS C 188 1.75 13.50 -1.81
C LYS C 188 1.06 12.15 -2.02
N THR C 189 -0.26 12.12 -1.84
CA THR C 189 -1.02 10.89 -2.02
C THR C 189 -1.01 10.50 -3.50
N VAL C 190 -1.22 11.46 -4.40
CA VAL C 190 -1.18 11.23 -5.84
C VAL C 190 -0.22 12.25 -6.47
N ASP C 191 0.24 11.99 -7.69
CA ASP C 191 1.18 12.89 -8.36
C ASP C 191 0.74 14.35 -8.27
N GLY C 192 1.47 15.15 -7.50
CA GLY C 192 1.14 16.55 -7.34
C GLY C 192 2.38 17.43 -7.31
N PRO C 193 2.20 18.77 -7.31
CA PRO C 193 3.33 19.69 -7.30
C PRO C 193 4.16 19.69 -6.02
N SER C 194 5.46 19.85 -6.24
CA SER C 194 6.47 19.90 -5.19
C SER C 194 7.65 20.55 -5.89
N SER C 195 7.51 21.84 -6.16
CA SER C 195 8.50 22.64 -6.87
C SER C 195 9.96 22.54 -6.44
N LYS C 196 10.20 22.22 -5.17
CA LYS C 196 11.57 22.12 -4.67
C LYS C 196 12.07 20.70 -4.57
N ASP C 197 11.27 19.74 -5.02
CA ASP C 197 11.64 18.34 -4.94
C ASP C 197 10.69 17.58 -5.83
N TRP C 198 10.91 17.66 -7.14
CA TRP C 198 10.04 16.99 -8.11
C TRP C 198 9.72 15.53 -7.79
N ARG C 199 10.73 14.73 -7.48
CA ARG C 199 10.47 13.33 -7.17
C ARG C 199 9.51 13.24 -5.98
N GLY C 200 9.68 14.16 -5.03
CA GLY C 200 8.84 14.19 -3.84
C GLY C 200 7.37 14.50 -4.08
N GLY C 201 7.03 14.93 -5.29
CA GLY C 201 5.63 15.21 -5.59
C GLY C 201 4.89 13.99 -6.11
N ARG C 202 5.63 12.97 -6.55
CA ARG C 202 5.01 11.76 -7.10
C ARG C 202 4.29 10.90 -6.06
N ALA C 203 3.18 10.25 -6.46
CA ALA C 203 2.39 9.43 -5.53
C ALA C 203 3.27 8.63 -4.56
N ALA C 204 3.24 9.04 -3.30
CA ALA C 204 4.06 8.45 -2.24
C ALA C 204 3.98 6.94 -1.97
N SER C 205 2.78 6.40 -1.86
CA SER C 205 2.66 4.99 -1.52
C SER C 205 2.60 4.06 -2.72
N PHE C 206 2.99 4.55 -3.88
CA PHE C 206 2.99 3.72 -5.07
C PHE C 206 4.31 3.80 -5.82
N ASN C 207 5.32 4.37 -5.18
CA ASN C 207 6.65 4.53 -5.75
C ASN C 207 7.78 4.41 -4.74
N ILE C 208 8.95 4.06 -5.24
CA ILE C 208 10.17 4.06 -4.44
C ILE C 208 10.64 5.44 -4.91
N ILE C 209 10.88 6.35 -4.00
CA ILE C 209 11.25 7.71 -4.37
C ILE C 209 12.57 8.21 -3.80
N PRO C 210 13.62 8.27 -4.64
CA PRO C 210 14.90 8.76 -4.10
C PRO C 210 14.83 10.20 -3.59
N SER C 211 15.71 10.52 -2.65
CA SER C 211 15.74 11.87 -2.11
C SER C 211 17.08 12.12 -1.46
N SER C 212 17.55 13.35 -1.58
CA SER C 212 18.82 13.75 -0.99
C SER C 212 18.59 13.99 0.49
N THR C 213 19.65 13.90 1.26
CA THR C 213 19.59 14.13 2.70
C THR C 213 20.96 14.51 3.22
N GLY C 214 21.02 15.54 4.05
CA GLY C 214 22.29 15.95 4.61
C GLY C 214 22.48 15.32 5.98
N ALA C 215 21.63 14.34 6.30
CA ALA C 215 21.68 13.67 7.60
C ALA C 215 22.98 12.94 7.87
N ALA C 216 23.58 12.39 6.83
CA ALA C 216 24.83 11.67 6.99
C ALA C 216 25.96 12.67 7.18
N LYS C 217 25.96 13.71 6.36
CA LYS C 217 26.98 14.74 6.47
C LYS C 217 26.93 15.41 7.85
N ALA C 218 25.72 15.56 8.38
CA ALA C 218 25.52 16.21 9.68
C ALA C 218 26.21 15.48 10.83
N VAL C 219 26.44 14.18 10.68
CA VAL C 219 27.11 13.44 11.72
C VAL C 219 28.45 14.12 11.98
N GLY C 220 29.02 14.70 10.92
CA GLY C 220 30.29 15.38 11.06
C GLY C 220 30.22 16.62 11.94
N LYS C 221 29.02 17.18 12.12
CA LYS C 221 28.86 18.35 12.96
C LYS C 221 28.76 18.02 14.44
N VAL C 222 28.15 16.87 14.78
CA VAL C 222 28.04 16.48 16.18
C VAL C 222 29.25 15.65 16.63
N LEU C 223 30.02 15.16 15.65
CA LEU C 223 31.23 14.38 15.88
C LEU C 223 32.25 14.89 14.84
N PRO C 224 32.84 16.07 15.09
CA PRO C 224 33.83 16.75 14.25
C PRO C 224 34.94 15.87 13.70
N ASP C 225 35.31 14.85 14.45
CA ASP C 225 36.36 13.93 14.04
C ASP C 225 35.96 13.18 12.77
N LEU C 226 34.65 13.13 12.51
CA LEU C 226 34.15 12.44 11.33
C LEU C 226 33.82 13.41 10.20
N ASN C 227 34.19 14.67 10.37
CA ASN C 227 33.94 15.68 9.35
C ASN C 227 34.51 15.19 8.02
N GLY C 228 33.70 15.32 6.96
CA GLY C 228 34.12 14.91 5.63
C GLY C 228 34.23 13.42 5.36
N LYS C 229 33.95 12.60 6.37
CA LYS C 229 34.05 11.15 6.21
C LYS C 229 32.75 10.39 5.89
N LEU C 230 31.61 11.08 5.95
CA LEU C 230 30.33 10.44 5.67
C LEU C 230 29.38 11.32 4.87
N THR C 231 28.49 10.66 4.12
CA THR C 231 27.43 11.31 3.36
C THR C 231 26.58 10.16 2.83
N GLY C 232 25.50 10.47 2.12
CA GLY C 232 24.66 9.41 1.61
C GLY C 232 23.37 9.92 1.01
N MET C 233 22.41 9.03 0.85
CA MET C 233 21.13 9.43 0.29
C MET C 233 19.99 8.61 0.87
N SER C 234 18.78 8.80 0.34
CA SER C 234 17.61 8.10 0.85
C SER C 234 16.62 7.63 -0.21
N PHE C 235 15.84 6.62 0.15
CA PHE C 235 14.80 6.11 -0.74
C PHE C 235 13.53 6.13 0.10
N ARG C 236 12.55 6.93 -0.29
CA ARG C 236 11.28 6.98 0.43
C ARG C 236 10.44 5.83 -0.11
N VAL C 237 9.94 4.96 0.77
CA VAL C 237 9.14 3.82 0.32
C VAL C 237 7.75 3.76 0.97
N PRO C 238 6.81 3.02 0.36
CA PRO C 238 5.44 2.87 0.85
C PRO C 238 5.11 2.29 2.23
N THR C 239 5.64 2.86 3.31
CA THR C 239 5.31 2.41 4.67
C THR C 239 4.95 3.65 5.49
N VAL C 240 4.05 3.49 6.46
CA VAL C 240 3.58 4.63 7.24
C VAL C 240 4.53 5.18 8.30
N ASP C 241 5.39 4.34 8.85
CA ASP C 241 6.33 4.76 9.88
C ASP C 241 7.40 3.68 10.07
N VAL C 242 8.53 4.09 10.65
CA VAL C 242 9.71 3.25 10.91
C VAL C 242 10.60 3.22 9.68
N SER C 243 11.85 3.60 9.88
CA SER C 243 12.81 3.63 8.79
C SER C 243 14.05 2.85 9.17
N VAL C 244 15.00 2.76 8.26
CA VAL C 244 16.20 2.03 8.58
C VAL C 244 17.44 2.58 7.88
N VAL C 245 18.52 2.60 8.65
CA VAL C 245 19.81 3.07 8.18
C VAL C 245 20.63 1.90 7.65
N ASP C 246 21.25 2.15 6.50
CA ASP C 246 22.07 1.18 5.81
C ASP C 246 23.43 1.88 5.65
N LEU C 247 24.36 1.57 6.54
CA LEU C 247 25.68 2.19 6.51
C LEU C 247 26.79 1.29 5.97
N THR C 248 27.35 1.67 4.82
CA THR C 248 28.45 0.91 4.21
C THR C 248 29.72 1.65 4.62
N VAL C 249 30.53 1.03 5.47
CA VAL C 249 31.71 1.69 6.00
C VAL C 249 33.03 0.93 5.96
N ARG C 250 34.11 1.68 5.78
CA ARG C 250 35.45 1.14 5.75
C ARG C 250 36.10 1.59 7.05
N ILE C 251 36.59 0.63 7.83
CA ILE C 251 37.21 0.90 9.12
C ILE C 251 38.71 0.63 9.10
N GLU C 252 39.44 1.31 9.99
CA GLU C 252 40.88 1.19 10.06
C GLU C 252 41.39 -0.09 10.74
N LYS C 253 40.89 -0.35 11.94
CA LYS C 253 41.28 -1.53 12.68
C LYS C 253 40.43 -2.70 12.20
N ALA C 254 41.06 -3.77 11.72
CA ALA C 254 40.33 -4.94 11.23
C ALA C 254 39.49 -5.59 12.33
N ALA C 255 38.25 -5.93 12.02
CA ALA C 255 37.36 -6.56 12.99
C ALA C 255 36.37 -7.50 12.32
N SER C 256 36.12 -8.64 12.98
CA SER C 256 35.19 -9.61 12.44
C SER C 256 33.80 -9.06 12.69
N TYR C 257 32.80 -9.64 12.05
CA TYR C 257 31.44 -9.16 12.23
C TYR C 257 31.02 -9.37 13.68
N ASP C 258 31.44 -10.49 14.28
CA ASP C 258 31.08 -10.75 15.67
C ASP C 258 31.70 -9.71 16.60
N ALA C 259 32.91 -9.27 16.29
CA ALA C 259 33.55 -8.27 17.12
C ALA C 259 32.76 -6.96 17.02
N ILE C 260 32.29 -6.63 15.82
CA ILE C 260 31.51 -5.41 15.64
C ILE C 260 30.19 -5.53 16.40
N LYS C 261 29.55 -6.69 16.32
CA LYS C 261 28.30 -6.94 17.03
C LYS C 261 28.50 -6.77 18.53
N SER C 262 29.57 -7.36 19.06
CA SER C 262 29.82 -7.27 20.50
C SER C 262 30.03 -5.83 20.94
N ALA C 263 30.68 -5.02 20.11
CA ALA C 263 30.93 -3.63 20.47
C ALA C 263 29.60 -2.89 20.64
N ILE C 264 28.69 -3.09 19.70
CA ILE C 264 27.39 -2.43 19.74
C ILE C 264 26.53 -2.93 20.89
N LYS C 265 26.54 -4.24 21.13
CA LYS C 265 25.75 -4.79 22.22
C LYS C 265 26.22 -4.18 23.53
N SER C 266 27.53 -4.14 23.75
CA SER C 266 28.08 -3.57 24.97
C SER C 266 27.68 -2.10 25.11
N ALA C 267 27.69 -1.36 24.00
CA ALA C 267 27.31 0.04 24.05
C ALA C 267 25.84 0.19 24.44
N SER C 268 24.99 -0.71 23.93
CA SER C 268 23.56 -0.67 24.24
C SER C 268 23.27 -1.02 25.70
N GLU C 269 24.15 -1.80 26.31
CA GLU C 269 23.95 -2.21 27.70
C GLU C 269 24.66 -1.28 28.67
N GLY C 270 25.42 -0.33 28.14
CA GLY C 270 26.14 0.57 29.02
C GLY C 270 25.87 2.04 28.81
N LYS C 271 26.90 2.73 28.33
CA LYS C 271 26.88 4.16 28.09
C LYS C 271 25.73 4.69 27.24
N LEU C 272 25.39 3.97 26.17
CA LEU C 272 24.34 4.42 25.28
C LEU C 272 23.01 3.69 25.44
N LYS C 273 22.83 3.06 26.60
CA LYS C 273 21.59 2.36 26.88
C LYS C 273 20.44 3.36 26.71
N GLY C 274 19.40 2.95 26.00
CA GLY C 274 18.26 3.83 25.78
C GLY C 274 18.42 4.62 24.49
N ILE C 275 19.64 4.68 23.97
CA ILE C 275 19.90 5.40 22.72
C ILE C 275 20.09 4.37 21.62
N ILE C 276 21.04 3.47 21.84
CA ILE C 276 21.31 2.43 20.87
C ILE C 276 20.79 1.10 21.42
N GLY C 277 19.99 0.43 20.60
CA GLY C 277 19.44 -0.86 20.96
C GLY C 277 20.12 -1.93 20.15
N TYR C 278 19.97 -3.19 20.56
CA TYR C 278 20.60 -4.29 19.86
C TYR C 278 19.63 -5.46 19.72
N VAL C 279 19.45 -5.95 18.50
CA VAL C 279 18.57 -7.11 18.28
C VAL C 279 19.27 -8.13 17.40
N GLU C 280 18.90 -9.39 17.59
CA GLU C 280 19.48 -10.49 16.83
C GLU C 280 18.38 -11.40 16.35
N GLU C 281 17.20 -10.85 16.08
CA GLU C 281 16.08 -11.64 15.61
C GLU C 281 15.66 -11.25 14.20
N ASP C 282 14.76 -12.05 13.64
CA ASP C 282 14.25 -11.86 12.29
C ASP C 282 13.09 -10.90 12.31
N LEU C 283 13.37 -9.66 12.69
CA LEU C 283 12.33 -8.66 12.79
C LEU C 283 12.12 -7.87 11.50
N VAL C 284 11.02 -7.16 11.44
CA VAL C 284 10.72 -6.33 10.28
C VAL C 284 10.19 -5.00 10.78
N SER C 285 10.10 -4.00 9.90
CA SER C 285 9.66 -2.67 10.30
C SER C 285 8.60 -2.54 11.38
N THR C 286 7.43 -3.15 11.21
CA THR C 286 6.37 -2.99 12.21
C THR C 286 6.75 -3.42 13.62
N ASP C 287 7.74 -4.29 13.74
CA ASP C 287 8.17 -4.74 15.06
C ASP C 287 8.82 -3.62 15.85
N PHE C 288 9.24 -2.57 15.15
CA PHE C 288 9.91 -1.48 15.85
C PHE C 288 9.01 -0.29 16.18
N VAL C 289 7.72 -0.40 15.85
CA VAL C 289 6.78 0.68 16.15
C VAL C 289 6.66 0.79 17.67
N GLY C 290 6.89 1.99 18.20
CA GLY C 290 6.80 2.19 19.62
C GLY C 290 8.13 2.08 20.33
N ASP C 291 9.19 1.75 19.58
CA ASP C 291 10.51 1.63 20.18
C ASP C 291 11.04 3.04 20.42
N SER C 292 11.46 3.31 21.65
CA SER C 292 11.96 4.63 22.03
C SER C 292 13.43 4.92 21.72
N ARG C 293 14.22 3.89 21.39
CA ARG C 293 15.63 4.11 21.09
C ARG C 293 15.84 4.88 19.79
N SER C 294 16.99 5.55 19.69
CA SER C 294 17.33 6.34 18.50
C SER C 294 17.87 5.49 17.36
N SER C 295 18.53 4.38 17.71
CA SER C 295 19.16 3.49 16.74
C SER C 295 19.14 2.02 17.20
N ILE C 296 18.37 1.18 16.51
CA ILE C 296 18.32 -0.24 16.89
C ILE C 296 19.09 -1.10 15.89
N PHE C 297 20.30 -1.50 16.29
CA PHE C 297 21.16 -2.33 15.44
C PHE C 297 20.55 -3.70 15.17
N ASP C 298 20.52 -4.07 13.90
CA ASP C 298 19.98 -5.36 13.48
C ASP C 298 21.15 -6.27 13.12
N ALA C 299 21.59 -7.05 14.10
CA ALA C 299 22.71 -7.96 13.89
C ALA C 299 22.62 -8.84 12.64
N LYS C 300 21.50 -9.56 12.50
CA LYS C 300 21.34 -10.48 11.38
C LYS C 300 21.16 -9.88 10.00
N ALA C 301 20.74 -8.63 9.91
CA ALA C 301 20.53 -7.99 8.62
C ALA C 301 21.81 -7.56 7.92
N GLY C 302 22.81 -7.15 8.69
CA GLY C 302 24.05 -6.68 8.11
C GLY C 302 24.96 -7.74 7.50
N ILE C 303 25.95 -7.29 6.74
CA ILE C 303 26.88 -8.22 6.12
C ILE C 303 28.27 -7.59 5.93
N ALA C 304 29.30 -8.37 6.17
CA ALA C 304 30.67 -7.90 6.03
C ALA C 304 31.28 -8.47 4.76
N LEU C 305 31.98 -7.65 4.00
CA LEU C 305 32.64 -8.17 2.81
C LEU C 305 33.92 -8.77 3.36
N ASN C 306 34.60 -7.99 4.21
CA ASN C 306 35.83 -8.45 4.85
C ASN C 306 36.01 -7.69 6.16
N ASP C 307 37.12 -7.94 6.85
CA ASP C 307 37.38 -7.32 8.15
C ASP C 307 37.47 -5.79 8.22
N ASN C 308 37.55 -5.12 7.07
CA ASN C 308 37.62 -3.66 7.08
C ASN C 308 36.57 -2.96 6.21
N PHE C 309 35.58 -3.71 5.73
CA PHE C 309 34.54 -3.14 4.88
C PHE C 309 33.25 -3.90 5.17
N VAL C 310 32.26 -3.22 5.74
CA VAL C 310 31.01 -3.87 6.11
C VAL C 310 29.79 -3.00 5.90
N LYS C 311 28.62 -3.64 5.91
CA LYS C 311 27.36 -2.94 5.75
C LYS C 311 26.58 -3.16 7.05
N LEU C 312 26.32 -2.06 7.76
CA LEU C 312 25.62 -2.12 9.05
C LEU C 312 24.18 -1.62 8.91
N VAL C 313 23.26 -2.27 9.64
CA VAL C 313 21.84 -1.96 9.58
C VAL C 313 21.23 -1.55 10.92
N ALA C 314 20.56 -0.40 10.95
CA ALA C 314 19.95 0.10 12.18
C ALA C 314 18.58 0.71 11.95
N TRP C 315 17.61 0.20 12.68
CA TRP C 315 16.23 0.65 12.59
C TRP C 315 15.95 1.83 13.48
N TYR C 316 14.86 2.52 13.16
CA TYR C 316 14.44 3.65 13.94
C TYR C 316 13.01 4.03 13.62
N ASP C 317 12.20 4.17 14.67
CA ASP C 317 10.82 4.60 14.52
C ASP C 317 11.03 6.12 14.40
N ASN C 318 11.09 6.62 13.16
CA ASN C 318 11.35 8.02 12.91
C ASN C 318 10.46 8.99 13.68
N GLU C 319 9.28 8.55 14.05
CA GLU C 319 8.37 9.41 14.79
C GLU C 319 8.58 9.30 16.30
N TRP C 320 8.48 8.08 16.83
CA TRP C 320 8.59 7.85 18.26
C TRP C 320 9.96 8.01 18.92
N GLY C 321 10.99 7.39 18.34
CA GLY C 321 12.31 7.52 18.92
C GLY C 321 12.70 8.98 19.02
N TYR C 322 12.56 9.71 17.91
CA TYR C 322 12.91 11.12 17.87
C TYR C 322 12.09 11.95 18.88
N SER C 323 10.78 11.67 18.96
CA SER C 323 9.94 12.39 19.91
C SER C 323 10.48 12.23 21.34
N ASN C 324 10.97 11.04 21.65
CA ASN C 324 11.54 10.82 22.97
C ASN C 324 12.85 11.60 23.12
N ARG C 325 13.65 11.67 22.06
CA ARG C 325 14.91 12.42 22.15
C ARG C 325 14.64 13.93 22.32
N VAL C 326 13.52 14.42 21.81
CA VAL C 326 13.20 15.84 21.98
C VAL C 326 13.04 16.09 23.48
N ILE C 327 12.29 15.22 24.15
CA ILE C 327 12.10 15.34 25.59
C ILE C 327 13.41 15.15 26.35
N ASP C 328 14.23 14.19 25.92
CA ASP C 328 15.50 13.94 26.59
C ASP C 328 16.42 15.15 26.51
N LEU C 329 16.42 15.82 25.35
CA LEU C 329 17.26 16.99 25.19
C LEU C 329 16.80 18.09 26.15
N ILE C 330 15.50 18.24 26.29
CA ILE C 330 14.95 19.23 27.21
C ILE C 330 15.32 18.89 28.64
N ARG C 331 15.29 17.60 28.97
CA ARG C 331 15.62 17.14 30.32
C ARG C 331 17.08 17.48 30.62
N HIS C 332 17.94 17.32 29.64
CA HIS C 332 19.36 17.60 29.81
C HIS C 332 19.64 19.09 29.97
N MET C 333 18.99 19.91 29.15
CA MET C 333 19.16 21.36 29.22
C MET C 333 18.67 21.86 30.59
N ALA C 334 17.57 21.27 31.06
CA ALA C 334 16.96 21.63 32.34
C ALA C 334 17.84 21.24 33.53
N LYS C 335 18.67 20.25 33.34
CA LYS C 335 19.56 19.81 34.41
C LYS C 335 20.87 20.58 34.33
N THR C 336 21.10 21.27 33.22
CA THR C 336 22.34 22.02 33.03
C THR C 336 22.46 23.24 33.94
N GLN C 337 23.62 23.34 34.58
CA GLN C 337 23.96 24.41 35.53
C GLN C 337 23.54 23.99 36.93
N GLY D 2 -11.04 -25.34 37.58
CA GLY D 2 -12.13 -25.51 36.59
C GLY D 2 -11.78 -24.84 35.27
N LYS D 3 -10.50 -24.50 35.13
CA LYS D 3 -10.01 -23.87 33.91
C LYS D 3 -10.47 -24.66 32.70
N ILE D 4 -10.94 -23.97 31.68
CA ILE D 4 -11.36 -24.64 30.45
C ILE D 4 -10.11 -24.91 29.62
N LYS D 5 -9.76 -26.19 29.48
CA LYS D 5 -8.56 -26.57 28.73
C LYS D 5 -8.81 -26.72 27.24
N ILE D 6 -8.09 -25.93 26.45
CA ILE D 6 -8.26 -25.96 25.02
C ILE D 6 -7.00 -26.26 24.23
N GLY D 7 -7.22 -26.77 23.02
CA GLY D 7 -6.12 -27.07 22.12
C GLY D 7 -6.40 -26.31 20.84
N ILE D 8 -5.35 -26.01 20.08
CA ILE D 8 -5.56 -25.28 18.83
C ILE D 8 -4.92 -26.00 17.67
N ASN D 9 -5.72 -26.26 16.63
CA ASN D 9 -5.23 -26.91 15.43
C ASN D 9 -5.18 -25.82 14.37
N GLY D 10 -3.99 -25.48 13.90
CA GLY D 10 -3.84 -24.44 12.90
C GLY D 10 -3.41 -23.13 13.54
N PHE D 11 -2.10 -22.93 13.59
CA PHE D 11 -1.50 -21.74 14.21
C PHE D 11 -1.34 -20.58 13.23
N GLY D 12 -2.43 -20.21 12.57
CA GLY D 12 -2.38 -19.10 11.63
C GLY D 12 -2.88 -17.83 12.27
N ARG D 13 -3.41 -16.91 11.46
CA ARG D 13 -3.90 -15.66 12.01
C ARG D 13 -4.89 -15.91 13.15
N ILE D 14 -5.93 -16.68 12.89
CA ILE D 14 -6.92 -16.94 13.93
C ILE D 14 -6.38 -17.79 15.08
N GLY D 15 -5.72 -18.90 14.76
CA GLY D 15 -5.17 -19.76 15.79
C GLY D 15 -4.23 -19.05 16.75
N ARG D 16 -3.36 -18.21 16.21
CA ARG D 16 -2.41 -17.49 17.05
C ARG D 16 -3.09 -16.45 17.93
N LEU D 17 -4.09 -15.76 17.39
CA LEU D 17 -4.78 -14.73 18.16
C LEU D 17 -5.76 -15.35 19.16
N VAL D 18 -6.37 -16.46 18.79
CA VAL D 18 -7.26 -17.15 19.72
C VAL D 18 -6.34 -17.53 20.87
N ALA D 19 -5.11 -17.91 20.52
CA ALA D 19 -4.12 -18.28 21.52
C ALA D 19 -3.87 -17.09 22.46
N ARG D 20 -3.65 -15.90 21.89
CA ARG D 20 -3.42 -14.72 22.72
C ARG D 20 -4.59 -14.45 23.68
N VAL D 21 -5.83 -14.61 23.20
CA VAL D 21 -6.98 -14.37 24.06
C VAL D 21 -6.95 -15.33 25.24
N ALA D 22 -6.87 -16.62 24.92
CA ALA D 22 -6.84 -17.66 25.93
C ALA D 22 -5.73 -17.41 26.97
N LEU D 23 -4.53 -17.12 26.49
CA LEU D 23 -3.41 -16.88 27.39
C LEU D 23 -3.49 -15.61 28.21
N GLN D 24 -4.37 -14.68 27.83
CA GLN D 24 -4.47 -13.46 28.62
C GLN D 24 -5.71 -13.52 29.50
N SER D 25 -6.47 -14.61 29.37
CA SER D 25 -7.70 -14.79 30.14
C SER D 25 -7.37 -15.37 31.51
N GLU D 26 -8.41 -15.52 32.34
CA GLU D 26 -8.25 -16.08 33.67
C GLU D 26 -9.01 -17.40 33.79
N ASP D 27 -9.92 -17.64 32.85
CA ASP D 27 -10.74 -18.85 32.86
C ASP D 27 -10.42 -19.89 31.80
N VAL D 28 -9.58 -19.54 30.82
CA VAL D 28 -9.24 -20.50 29.76
C VAL D 28 -7.76 -20.84 29.73
N GLU D 29 -7.48 -22.13 29.58
CA GLU D 29 -6.10 -22.59 29.56
C GLU D 29 -5.68 -23.30 28.29
N LEU D 30 -4.79 -22.66 27.54
CA LEU D 30 -4.27 -23.24 26.32
C LEU D 30 -3.29 -24.31 26.74
N VAL D 31 -3.56 -25.57 26.40
CA VAL D 31 -2.65 -26.64 26.78
C VAL D 31 -1.93 -27.33 25.63
N ALA D 32 -2.36 -27.07 24.40
CA ALA D 32 -1.69 -27.69 23.26
C ALA D 32 -2.00 -27.00 21.95
N VAL D 33 -1.02 -27.03 21.05
CA VAL D 33 -1.15 -26.44 19.73
C VAL D 33 -0.54 -27.41 18.72
N ASN D 34 -1.24 -27.64 17.61
CA ASN D 34 -0.74 -28.53 16.56
C ASN D 34 -0.66 -27.78 15.24
N ASP D 35 0.48 -27.90 14.57
CA ASP D 35 0.70 -27.26 13.27
C ASP D 35 2.00 -27.82 12.73
N PRO D 36 1.91 -28.74 11.76
CA PRO D 36 3.11 -29.34 11.17
C PRO D 36 3.85 -28.46 10.17
N PHE D 37 3.41 -27.22 10.04
CA PHE D 37 4.04 -26.27 9.15
C PHE D 37 4.79 -25.19 9.86
N ILE D 38 4.98 -25.42 11.16
CA ILE D 38 5.67 -24.48 12.02
C ILE D 38 6.35 -25.26 13.16
N THR D 39 7.69 -25.24 13.19
CA THR D 39 8.45 -25.93 14.24
C THR D 39 8.24 -25.21 15.57
N THR D 40 8.59 -25.88 16.67
CA THR D 40 8.43 -25.29 17.98
C THR D 40 9.18 -23.95 18.06
N ASP D 41 10.41 -23.93 17.54
CA ASP D 41 11.20 -22.70 17.54
C ASP D 41 10.53 -21.58 16.73
N TYR D 42 10.08 -21.91 15.53
CA TYR D 42 9.44 -20.94 14.66
C TYR D 42 8.13 -20.45 15.30
N MET D 43 7.45 -21.36 15.99
CA MET D 43 6.19 -21.04 16.64
C MET D 43 6.36 -19.91 17.66
N THR D 44 7.47 -19.94 18.39
CA THR D 44 7.70 -18.89 19.38
C THR D 44 7.83 -17.54 18.70
N TYR D 45 8.48 -17.52 17.54
CA TYR D 45 8.66 -16.30 16.78
C TYR D 45 7.35 -15.79 16.21
N MET D 46 6.57 -16.68 15.62
CA MET D 46 5.29 -16.27 15.04
C MET D 46 4.31 -15.78 16.09
N PHE D 47 4.33 -16.38 17.27
CA PHE D 47 3.41 -15.95 18.32
C PHE D 47 3.83 -14.62 18.94
N LYS D 48 5.12 -14.46 19.17
CA LYS D 48 5.66 -13.24 19.79
C LYS D 48 5.49 -11.94 18.98
N TYR D 49 5.85 -11.98 17.70
CA TYR D 49 5.76 -10.79 16.87
C TYR D 49 4.59 -10.81 15.91
N ASP D 50 3.88 -9.69 15.84
CA ASP D 50 2.71 -9.59 14.97
C ASP D 50 2.64 -8.23 14.28
N THR D 51 2.55 -8.24 12.96
CA THR D 51 2.49 -7.00 12.20
C THR D 51 1.33 -6.07 12.59
N VAL D 52 0.18 -6.67 12.87
CA VAL D 52 -1.03 -5.92 13.23
C VAL D 52 -1.28 -5.67 14.71
N HIS D 53 -1.15 -6.71 15.52
CA HIS D 53 -1.45 -6.61 16.95
C HIS D 53 -0.31 -6.40 17.95
N GLY D 54 0.86 -6.04 17.45
CA GLY D 54 1.98 -5.80 18.33
C GLY D 54 2.61 -7.03 18.94
N GLN D 55 3.71 -6.79 19.63
CA GLN D 55 4.48 -7.83 20.27
C GLN D 55 3.81 -8.36 21.54
N TRP D 56 3.87 -9.67 21.73
CA TRP D 56 3.29 -10.28 22.91
C TRP D 56 4.09 -9.82 24.11
N LYS D 57 3.42 -9.30 25.12
CA LYS D 57 4.10 -8.83 26.31
C LYS D 57 3.48 -9.26 27.63
N HIS D 58 2.31 -9.88 27.57
CA HIS D 58 1.66 -10.38 28.76
C HIS D 58 2.55 -11.35 29.57
N SER D 59 3.45 -12.07 28.88
CA SER D 59 4.24 -13.15 29.52
C SER D 59 5.51 -13.44 28.68
N ASP D 60 6.54 -14.05 29.32
CA ASP D 60 7.77 -14.41 28.59
C ASP D 60 7.31 -15.62 27.75
N ILE D 61 8.04 -15.93 26.70
CA ILE D 61 7.69 -17.05 25.87
C ILE D 61 9.04 -17.78 25.76
N LYS D 62 9.17 -18.94 26.40
CA LYS D 62 10.43 -19.68 26.26
C LYS D 62 10.20 -21.13 25.84
N ILE D 63 11.27 -21.79 25.42
CA ILE D 63 11.19 -23.18 24.95
C ILE D 63 11.66 -24.22 25.97
N LYS D 64 10.71 -25.03 26.43
CA LYS D 64 10.99 -26.11 27.37
C LYS D 64 10.99 -27.35 26.49
N ASP D 65 12.15 -27.71 25.98
CA ASP D 65 12.32 -28.85 25.11
C ASP D 65 11.55 -28.80 23.80
N SER D 66 11.84 -29.77 22.95
CA SER D 66 11.27 -29.94 21.62
C SER D 66 9.74 -29.86 21.49
N LYS D 67 9.01 -30.11 22.58
CA LYS D 67 7.56 -30.05 22.49
C LYS D 67 6.94 -28.93 23.30
N THR D 68 7.20 -28.92 24.53
CA THR D 68 6.53 -27.92 25.35
C THR D 68 7.05 -26.47 25.15
N LEU D 69 6.18 -25.45 25.02
CA LEU D 69 6.59 -24.02 25.04
C LEU D 69 6.27 -23.73 26.49
N LEU D 70 6.80 -22.64 26.99
CA LEU D 70 6.57 -22.25 28.38
C LEU D 70 6.18 -20.77 28.38
N LEU D 71 4.90 -20.51 28.65
CA LEU D 71 4.39 -19.14 28.68
C LEU D 71 4.08 -18.71 30.10
N GLY D 72 4.92 -17.81 30.63
CA GLY D 72 4.72 -17.35 31.99
C GLY D 72 4.61 -18.53 32.93
N GLU D 73 5.46 -19.54 32.72
CA GLU D 73 5.48 -20.73 33.57
C GLU D 73 4.39 -21.75 33.25
N LYS D 74 3.56 -21.45 32.25
CA LYS D 74 2.50 -22.37 31.87
C LYS D 74 2.97 -23.16 30.66
N PRO D 75 3.10 -24.49 30.81
CA PRO D 75 3.54 -25.33 29.70
C PRO D 75 2.48 -25.55 28.62
N VAL D 76 2.90 -25.48 27.36
CA VAL D 76 1.99 -25.71 26.23
C VAL D 76 2.63 -26.72 25.28
N THR D 77 1.96 -27.86 25.11
CA THR D 77 2.47 -28.90 24.23
C THR D 77 2.33 -28.55 22.76
N VAL D 78 3.38 -28.81 21.99
CA VAL D 78 3.32 -28.53 20.56
C VAL D 78 3.33 -29.79 19.75
N PHE D 79 2.33 -29.93 18.89
CA PHE D 79 2.20 -31.08 18.02
C PHE D 79 2.53 -30.62 16.61
N GLY D 80 2.83 -31.57 15.74
CA GLY D 80 3.14 -31.26 14.35
C GLY D 80 2.61 -32.44 13.54
N ILE D 81 1.28 -32.53 13.48
CA ILE D 81 0.61 -33.62 12.80
C ILE D 81 -0.43 -33.14 11.78
N ARG D 82 -0.24 -33.54 10.53
CA ARG D 82 -1.13 -33.13 9.45
C ARG D 82 -2.49 -33.82 9.44
N ASN D 83 -2.54 -35.06 9.89
CA ASN D 83 -3.80 -35.81 9.92
C ASN D 83 -4.44 -35.66 11.32
N PRO D 84 -5.58 -34.95 11.42
CA PRO D 84 -6.34 -34.69 12.66
C PRO D 84 -6.63 -35.94 13.47
N ASP D 85 -6.96 -37.00 12.75
CA ASP D 85 -7.28 -38.30 13.30
C ASP D 85 -6.19 -38.81 14.25
N GLU D 86 -4.99 -38.25 14.09
CA GLU D 86 -3.82 -38.67 14.86
C GLU D 86 -3.39 -37.82 16.05
N ILE D 87 -3.91 -36.59 16.16
CA ILE D 87 -3.52 -35.73 17.27
C ILE D 87 -4.02 -36.25 18.61
N PRO D 88 -3.08 -36.56 19.53
CA PRO D 88 -3.39 -37.07 20.87
C PRO D 88 -3.77 -35.96 21.83
N TRP D 89 -4.89 -35.29 21.55
CA TRP D 89 -5.36 -34.19 22.39
C TRP D 89 -5.46 -34.57 23.87
N ALA D 90 -6.08 -35.72 24.14
CA ALA D 90 -6.26 -36.19 25.50
C ALA D 90 -4.96 -36.20 26.32
N GLU D 91 -3.84 -36.46 25.67
CA GLU D 91 -2.56 -36.49 26.33
C GLU D 91 -2.21 -35.13 26.92
N ALA D 92 -2.60 -34.07 26.22
CA ALA D 92 -2.33 -32.72 26.70
C ALA D 92 -3.44 -32.25 27.64
N GLY D 93 -4.58 -32.92 27.56
CA GLY D 93 -5.72 -32.57 28.40
C GLY D 93 -6.66 -31.59 27.74
N ALA D 94 -6.53 -31.45 26.41
CA ALA D 94 -7.36 -30.53 25.63
C ALA D 94 -8.79 -31.02 25.49
N GLU D 95 -9.71 -30.42 26.25
CA GLU D 95 -11.11 -30.79 26.19
C GLU D 95 -11.77 -30.25 24.93
N TYR D 96 -11.50 -28.99 24.62
CA TYR D 96 -12.06 -28.36 23.43
C TYR D 96 -10.98 -28.03 22.42
N VAL D 97 -11.24 -28.36 21.16
CA VAL D 97 -10.26 -28.06 20.11
C VAL D 97 -10.80 -27.01 19.14
N VAL D 98 -10.00 -25.98 18.91
CA VAL D 98 -10.38 -24.93 17.98
C VAL D 98 -9.80 -25.35 16.64
N GLU D 99 -10.68 -25.72 15.72
CA GLU D 99 -10.27 -26.15 14.38
C GLU D 99 -10.11 -24.91 13.50
N SER D 100 -8.89 -24.40 13.41
CA SER D 100 -8.63 -23.18 12.64
C SER D 100 -7.66 -23.32 11.46
N THR D 101 -7.66 -24.48 10.81
CA THR D 101 -6.77 -24.71 9.66
C THR D 101 -7.49 -24.28 8.39
N GLY D 102 -8.82 -24.28 8.45
CA GLY D 102 -9.60 -23.89 7.30
C GLY D 102 -9.78 -24.99 6.28
N VAL D 103 -9.32 -26.20 6.59
CA VAL D 103 -9.43 -27.31 5.66
C VAL D 103 -10.17 -28.52 6.20
N PHE D 104 -10.83 -28.36 7.35
CA PHE D 104 -11.58 -29.43 7.98
C PHE D 104 -12.89 -28.87 8.51
N THR D 105 -13.52 -27.98 7.73
CA THR D 105 -14.76 -27.36 8.17
C THR D 105 -15.97 -28.31 8.14
N ASP D 106 -15.83 -29.43 7.44
CA ASP D 106 -16.90 -30.41 7.37
C ASP D 106 -17.00 -31.12 8.73
N LYS D 107 -18.23 -31.28 9.22
CA LYS D 107 -18.46 -31.94 10.51
C LYS D 107 -17.68 -33.24 10.64
N GLU D 108 -17.80 -34.09 9.63
CA GLU D 108 -17.11 -35.39 9.61
C GLU D 108 -15.60 -35.27 9.72
N LYS D 109 -15.03 -34.27 9.05
CA LYS D 109 -13.59 -34.08 9.08
C LYS D 109 -13.08 -33.50 10.39
N ALA D 110 -13.84 -32.56 10.95
CA ALA D 110 -13.46 -31.95 12.22
C ALA D 110 -13.65 -32.98 13.34
N ALA D 111 -14.56 -33.92 13.11
CA ALA D 111 -14.82 -34.95 14.09
C ALA D 111 -13.55 -35.73 14.41
N ALA D 112 -12.59 -35.69 13.50
CA ALA D 112 -11.34 -36.41 13.68
C ALA D 112 -10.65 -36.14 15.01
N HIS D 113 -10.82 -34.93 15.54
CA HIS D 113 -10.18 -34.58 16.80
C HIS D 113 -10.71 -35.39 17.98
N LEU D 114 -11.89 -35.98 17.84
CA LEU D 114 -12.48 -36.77 18.91
C LEU D 114 -11.72 -38.09 19.14
N LYS D 115 -11.26 -38.69 18.05
CA LYS D 115 -10.55 -39.96 18.15
C LYS D 115 -9.31 -39.82 19.03
N GLY D 116 -8.76 -38.61 19.06
CA GLY D 116 -7.60 -38.34 19.89
C GLY D 116 -7.96 -38.02 21.33
N GLY D 117 -9.25 -37.91 21.62
CA GLY D 117 -9.63 -37.64 23.00
C GLY D 117 -10.26 -36.30 23.33
N ALA D 118 -10.32 -35.38 22.36
CA ALA D 118 -10.95 -34.10 22.64
C ALA D 118 -12.45 -34.41 22.73
N LYS D 119 -13.19 -33.62 23.50
CA LYS D 119 -14.63 -33.85 23.65
C LYS D 119 -15.46 -32.89 22.82
N LYS D 120 -14.90 -31.73 22.50
CA LYS D 120 -15.63 -30.73 21.72
C LYS D 120 -14.75 -30.06 20.68
N VAL D 121 -15.34 -29.73 19.54
CA VAL D 121 -14.61 -29.07 18.47
C VAL D 121 -15.33 -27.83 17.98
N VAL D 122 -14.64 -26.70 18.03
CA VAL D 122 -15.23 -25.46 17.54
C VAL D 122 -14.51 -25.08 16.27
N ILE D 123 -15.25 -25.07 15.16
CA ILE D 123 -14.69 -24.72 13.85
C ILE D 123 -14.67 -23.22 13.66
N SER D 124 -13.46 -22.66 13.53
CA SER D 124 -13.32 -21.23 13.35
C SER D 124 -13.70 -20.76 11.95
N ALA D 125 -14.74 -21.35 11.39
CA ALA D 125 -15.18 -20.98 10.05
C ALA D 125 -16.56 -21.56 9.77
N PRO D 126 -17.27 -21.01 8.78
CA PRO D 126 -18.60 -21.55 8.48
C PRO D 126 -18.42 -23.01 8.10
N SER D 127 -19.46 -23.82 8.31
CA SER D 127 -19.43 -25.23 7.96
C SER D 127 -20.67 -25.53 7.13
N LYS D 128 -20.54 -26.46 6.18
CA LYS D 128 -21.68 -26.83 5.36
C LYS D 128 -22.72 -27.61 6.15
N ASP D 129 -22.27 -28.33 7.18
CA ASP D 129 -23.21 -29.13 7.96
C ASP D 129 -23.15 -29.00 9.48
N ALA D 130 -21.99 -28.66 10.03
CA ALA D 130 -21.90 -28.49 11.48
C ALA D 130 -22.77 -27.31 11.84
N PRO D 131 -23.48 -27.37 12.99
CA PRO D 131 -24.36 -26.30 13.45
C PRO D 131 -23.57 -25.03 13.76
N MET D 132 -24.02 -23.90 13.22
CA MET D 132 -23.35 -22.63 13.41
C MET D 132 -23.99 -21.78 14.50
N PHE D 133 -23.14 -21.06 15.23
CA PHE D 133 -23.59 -20.22 16.32
C PHE D 133 -22.85 -18.89 16.33
N VAL D 134 -23.59 -17.82 16.66
CA VAL D 134 -23.02 -16.49 16.76
C VAL D 134 -23.38 -15.97 18.15
N CYS D 135 -22.37 -15.64 18.94
CA CYS D 135 -22.60 -15.13 20.28
C CYS D 135 -23.45 -13.86 20.22
N GLY D 136 -24.41 -13.76 21.13
CA GLY D 136 -25.30 -12.62 21.16
C GLY D 136 -26.48 -12.82 20.22
N VAL D 137 -26.43 -13.88 19.41
CA VAL D 137 -27.51 -14.13 18.47
C VAL D 137 -28.24 -15.47 18.66
N ASN D 138 -27.48 -16.57 18.77
CA ASN D 138 -28.13 -17.87 18.93
C ASN D 138 -27.28 -18.90 19.67
N GLU D 139 -26.27 -18.46 20.42
CA GLU D 139 -25.43 -19.42 21.12
C GLU D 139 -26.23 -20.22 22.15
N ASP D 140 -27.36 -19.68 22.59
CA ASP D 140 -28.20 -20.37 23.56
C ASP D 140 -28.91 -21.56 22.94
N LYS D 141 -28.88 -21.64 21.61
CA LYS D 141 -29.53 -22.74 20.93
C LYS D 141 -28.65 -23.99 21.07
N TYR D 142 -27.41 -23.80 21.48
CA TYR D 142 -26.49 -24.92 21.66
C TYR D 142 -26.96 -25.88 22.75
N THR D 143 -26.76 -27.17 22.52
CA THR D 143 -27.13 -28.18 23.51
C THR D 143 -25.95 -29.13 23.66
N SER D 144 -25.74 -29.61 24.89
CA SER D 144 -24.64 -30.50 25.23
C SER D 144 -24.42 -31.73 24.38
N ASP D 145 -25.48 -32.22 23.74
CA ASP D 145 -25.34 -33.41 22.92
C ASP D 145 -24.60 -33.12 21.63
N ILE D 146 -24.40 -31.84 21.34
CA ILE D 146 -23.68 -31.43 20.13
C ILE D 146 -22.20 -31.32 20.47
N ASP D 147 -21.35 -32.07 19.77
CA ASP D 147 -19.91 -32.06 20.03
C ASP D 147 -19.08 -31.30 18.99
N ILE D 148 -19.65 -31.04 17.83
CA ILE D 148 -18.93 -30.33 16.78
C ILE D 148 -19.74 -29.11 16.39
N VAL D 149 -19.15 -27.93 16.54
CA VAL D 149 -19.86 -26.69 16.20
C VAL D 149 -19.03 -25.75 15.33
N SER D 150 -19.71 -24.74 14.77
CA SER D 150 -19.06 -23.75 13.94
C SER D 150 -19.34 -22.37 14.50
N ASN D 151 -18.30 -21.54 14.57
CA ASN D 151 -18.47 -20.19 15.06
C ASN D 151 -18.74 -19.25 13.89
N ALA D 152 -19.14 -19.84 12.76
CA ALA D 152 -19.44 -19.08 11.54
C ALA D 152 -18.23 -18.26 11.07
N SER D 153 -18.48 -17.16 10.37
CA SER D 153 -17.39 -16.31 9.87
C SER D 153 -17.39 -14.96 10.59
N CYS D 154 -16.29 -14.21 10.47
CA CYS D 154 -16.23 -12.91 11.11
C CYS D 154 -17.30 -11.99 10.54
N THR D 155 -17.49 -12.03 9.21
CA THR D 155 -18.50 -11.18 8.59
C THR D 155 -19.90 -11.50 9.12
N THR D 156 -20.23 -12.78 9.25
CA THR D 156 -21.55 -13.12 9.76
C THR D 156 -21.62 -12.67 11.23
N ASN D 157 -20.50 -12.78 11.94
CA ASN D 157 -20.47 -12.34 13.33
C ASN D 157 -20.67 -10.82 13.44
N CYS D 158 -20.28 -10.07 12.40
CA CYS D 158 -20.48 -8.62 12.42
C CYS D 158 -21.90 -8.26 11.98
N LEU D 159 -22.38 -8.88 10.91
CA LEU D 159 -23.71 -8.59 10.41
C LEU D 159 -24.87 -9.10 11.27
N ALA D 160 -24.75 -10.32 11.78
CA ALA D 160 -25.83 -10.92 12.58
C ALA D 160 -26.32 -10.11 13.79
N PRO D 161 -25.41 -9.67 14.69
CA PRO D 161 -25.85 -8.89 15.85
C PRO D 161 -26.59 -7.62 15.43
N LEU D 162 -26.04 -6.93 14.43
CA LEU D 162 -26.63 -5.71 13.92
C LEU D 162 -28.03 -5.98 13.35
N ALA D 163 -28.13 -7.05 12.56
CA ALA D 163 -29.40 -7.43 11.95
C ALA D 163 -30.44 -7.73 13.03
N LYS D 164 -30.02 -8.43 14.08
CA LYS D 164 -30.92 -8.77 15.17
C LYS D 164 -31.53 -7.52 15.79
N VAL D 165 -30.69 -6.53 16.07
CA VAL D 165 -31.14 -5.29 16.68
C VAL D 165 -32.13 -4.56 15.78
N ILE D 166 -31.74 -4.36 14.52
CA ILE D 166 -32.61 -3.68 13.59
C ILE D 166 -33.91 -4.45 13.38
N HIS D 167 -33.82 -5.77 13.30
CA HIS D 167 -35.01 -6.58 13.10
C HIS D 167 -35.94 -6.63 14.31
N ASP D 168 -35.39 -6.74 15.51
CA ASP D 168 -36.21 -6.79 16.71
C ASP D 168 -36.90 -5.45 16.97
N ASN D 169 -36.21 -4.36 16.61
CA ASN D 169 -36.73 -3.01 16.81
C ASN D 169 -37.63 -2.43 15.73
N PHE D 170 -37.29 -2.69 14.46
CA PHE D 170 -38.03 -2.10 13.37
C PHE D 170 -38.56 -3.07 12.32
N GLY D 171 -38.00 -4.28 12.29
CA GLY D 171 -38.43 -5.27 11.32
C GLY D 171 -37.75 -5.14 9.99
N ILE D 172 -36.91 -6.11 9.66
CA ILE D 172 -36.20 -6.09 8.39
C ILE D 172 -37.05 -6.77 7.33
N ILE D 173 -37.44 -6.03 6.30
CA ILE D 173 -38.23 -6.58 5.21
C ILE D 173 -37.28 -7.25 4.24
N GLU D 174 -36.13 -6.63 4.02
CA GLU D 174 -35.12 -7.17 3.12
C GLU D 174 -33.84 -6.35 3.21
N GLY D 175 -32.71 -6.98 2.92
CA GLY D 175 -31.44 -6.28 3.00
C GLY D 175 -30.38 -6.81 2.05
N LEU D 176 -29.49 -5.91 1.62
CA LEU D 176 -28.40 -6.24 0.73
C LEU D 176 -27.12 -5.68 1.37
N MET D 177 -26.12 -6.54 1.55
CA MET D 177 -24.87 -6.16 2.20
C MET D 177 -23.63 -6.13 1.33
N THR D 178 -22.71 -5.22 1.66
CA THR D 178 -21.43 -5.15 0.99
C THR D 178 -20.42 -5.02 2.12
N THR D 179 -19.34 -5.78 2.05
CA THR D 179 -18.31 -5.64 3.06
C THR D 179 -17.08 -5.16 2.31
N VAL D 180 -16.42 -4.15 2.86
CA VAL D 180 -15.18 -3.63 2.28
C VAL D 180 -14.25 -4.34 3.26
N HIS D 181 -13.57 -5.36 2.74
CA HIS D 181 -12.74 -6.28 3.51
C HIS D 181 -11.22 -6.20 3.33
N ALA D 182 -10.49 -6.38 4.43
CA ALA D 182 -9.02 -6.37 4.40
C ALA D 182 -8.53 -7.63 3.69
N ILE D 183 -7.28 -7.63 3.22
CA ILE D 183 -6.76 -8.81 2.55
C ILE D 183 -6.57 -9.91 3.58
N THR D 184 -6.52 -11.15 3.11
CA THR D 184 -6.35 -12.27 4.00
C THR D 184 -5.32 -13.24 3.44
N ALA D 185 -5.01 -14.24 4.25
CA ALA D 185 -4.02 -15.27 3.90
C ALA D 185 -4.22 -15.95 2.56
N THR D 186 -5.46 -16.13 2.12
CA THR D 186 -5.67 -16.80 0.84
C THR D 186 -5.32 -15.96 -0.40
N GLN D 187 -5.14 -14.66 -0.25
CA GLN D 187 -4.81 -13.82 -1.40
C GLN D 187 -3.33 -13.93 -1.82
N LYS D 188 -2.97 -13.26 -2.91
CA LYS D 188 -1.61 -13.29 -3.45
C LYS D 188 -0.92 -11.91 -3.52
N THR D 189 0.40 -11.90 -3.29
CA THR D 189 1.18 -10.68 -3.32
C THR D 189 1.28 -10.11 -4.75
N VAL D 190 1.36 -10.99 -5.75
CA VAL D 190 1.41 -10.57 -7.14
C VAL D 190 0.46 -11.51 -7.89
N ASP D 191 0.04 -11.13 -9.09
CA ASP D 191 -0.89 -11.95 -9.86
C ASP D 191 -0.42 -13.41 -9.88
N GLY D 192 -1.09 -14.23 -9.08
CA GLY D 192 -0.75 -15.64 -9.00
C GLY D 192 -1.96 -16.52 -9.24
N PRO D 193 -1.76 -17.86 -9.28
CA PRO D 193 -2.84 -18.81 -9.52
C PRO D 193 -3.85 -18.96 -8.37
N SER D 194 -5.13 -18.88 -8.73
CA SER D 194 -6.23 -19.02 -7.77
C SER D 194 -7.38 -19.66 -8.56
N SER D 195 -7.22 -20.94 -8.88
CA SER D 195 -8.19 -21.69 -9.67
C SER D 195 -9.65 -21.63 -9.25
N LYS D 196 -9.90 -21.61 -7.95
CA LYS D 196 -11.27 -21.57 -7.44
C LYS D 196 -11.79 -20.13 -7.30
N ASP D 197 -10.91 -19.17 -7.57
CA ASP D 197 -11.31 -17.78 -7.42
C ASP D 197 -10.34 -16.91 -8.19
N TRP D 198 -10.54 -16.81 -9.49
CA TRP D 198 -9.64 -16.04 -10.34
C TRP D 198 -9.35 -14.62 -9.87
N ARG D 199 -10.38 -13.84 -9.53
CA ARG D 199 -10.11 -12.47 -9.08
C ARG D 199 -9.19 -12.49 -7.87
N GLY D 200 -9.38 -13.49 -7.01
CA GLY D 200 -8.59 -13.60 -5.80
C GLY D 200 -7.12 -13.91 -6.04
N GLY D 201 -6.75 -14.19 -7.29
CA GLY D 201 -5.37 -14.48 -7.58
C GLY D 201 -4.58 -13.22 -7.88
N ARG D 202 -5.29 -12.15 -8.23
CA ARG D 202 -4.68 -10.88 -8.58
C ARG D 202 -4.01 -10.17 -7.39
N ALA D 203 -2.89 -9.50 -7.67
CA ALA D 203 -2.14 -8.78 -6.63
C ALA D 203 -3.07 -8.11 -5.62
N ALA D 204 -3.05 -8.64 -4.40
CA ALA D 204 -3.93 -8.19 -3.33
C ALA D 204 -3.85 -6.72 -2.91
N SER D 205 -2.65 -6.20 -2.72
CA SER D 205 -2.57 -4.82 -2.27
C SER D 205 -2.48 -3.74 -3.33
N PHE D 206 -2.79 -4.10 -4.58
CA PHE D 206 -2.74 -3.12 -5.67
C PHE D 206 -4.03 -3.14 -6.49
N ASN D 207 -5.06 -3.74 -5.91
CA ASN D 207 -6.37 -3.84 -6.57
C ASN D 207 -7.54 -3.85 -5.60
N ILE D 208 -8.70 -3.45 -6.11
CA ILE D 208 -9.93 -3.55 -5.35
C ILE D 208 -10.39 -4.87 -5.99
N ILE D 209 -10.71 -5.87 -5.18
CA ILE D 209 -11.07 -7.17 -5.73
C ILE D 209 -12.45 -7.71 -5.33
N PRO D 210 -13.40 -7.74 -6.29
CA PRO D 210 -14.74 -8.24 -6.00
C PRO D 210 -14.66 -9.66 -5.48
N SER D 211 -15.55 -9.99 -4.56
CA SER D 211 -15.54 -11.31 -3.98
C SER D 211 -16.93 -11.72 -3.54
N SER D 212 -17.25 -12.99 -3.74
CA SER D 212 -18.55 -13.52 -3.35
C SER D 212 -18.45 -13.88 -1.89
N THR D 213 -19.59 -13.91 -1.21
CA THR D 213 -19.63 -14.27 0.21
C THR D 213 -21.03 -14.75 0.58
N GLY D 214 -21.10 -15.75 1.44
CA GLY D 214 -22.41 -16.25 1.86
C GLY D 214 -22.68 -15.81 3.29
N ALA D 215 -21.87 -14.90 3.78
CA ALA D 215 -21.98 -14.39 5.14
C ALA D 215 -23.35 -13.80 5.46
N ALA D 216 -23.91 -13.05 4.52
CA ALA D 216 -25.22 -12.43 4.74
C ALA D 216 -26.33 -13.46 4.69
N LYS D 217 -26.27 -14.36 3.71
CA LYS D 217 -27.27 -15.42 3.57
C LYS D 217 -27.24 -16.26 4.84
N ALA D 218 -26.02 -16.44 5.38
CA ALA D 218 -25.83 -17.23 6.58
C ALA D 218 -26.51 -16.67 7.83
N VAL D 219 -26.90 -15.39 7.79
CA VAL D 219 -27.58 -14.82 8.93
C VAL D 219 -28.89 -15.58 9.11
N GLY D 220 -29.40 -16.11 8.01
CA GLY D 220 -30.64 -16.87 8.03
C GLY D 220 -30.54 -18.15 8.83
N LYS D 221 -29.34 -18.70 8.93
CA LYS D 221 -29.12 -19.93 9.68
C LYS D 221 -29.18 -19.65 11.18
N VAL D 222 -28.57 -18.56 11.62
CA VAL D 222 -28.57 -18.22 13.04
C VAL D 222 -29.77 -17.37 13.47
N LEU D 223 -30.48 -16.83 12.48
CA LEU D 223 -31.67 -16.01 12.70
C LEU D 223 -32.72 -16.43 11.68
N PRO D 224 -33.39 -17.57 11.91
CA PRO D 224 -34.42 -18.13 11.04
C PRO D 224 -35.40 -17.14 10.43
N ASP D 225 -35.90 -16.21 11.23
CA ASP D 225 -36.86 -15.24 10.72
C ASP D 225 -36.29 -14.45 9.54
N LEU D 226 -34.96 -14.35 9.45
CA LEU D 226 -34.36 -13.61 8.36
C LEU D 226 -33.90 -14.50 7.22
N ASN D 227 -34.37 -15.75 7.22
CA ASN D 227 -34.00 -16.68 6.16
C ASN D 227 -34.49 -16.11 4.83
N GLY D 228 -33.60 -16.03 3.85
CA GLY D 228 -33.95 -15.51 2.54
C GLY D 228 -34.13 -14.00 2.46
N LYS D 229 -33.93 -13.31 3.58
CA LYS D 229 -34.12 -11.86 3.61
C LYS D 229 -32.84 -11.05 3.43
N LEU D 230 -31.70 -11.72 3.42
CA LEU D 230 -30.43 -11.03 3.26
C LEU D 230 -29.46 -11.76 2.34
N THR D 231 -28.64 -10.99 1.65
CA THR D 231 -27.59 -11.52 0.81
C THR D 231 -26.69 -10.35 0.47
N GLY D 232 -25.62 -10.58 -0.26
CA GLY D 232 -24.72 -9.50 -0.59
C GLY D 232 -23.41 -9.98 -1.18
N MET D 233 -22.38 -9.15 -1.09
CA MET D 233 -21.09 -9.50 -1.64
C MET D 233 -19.96 -8.72 -0.97
N SER D 234 -18.75 -8.83 -1.50
CA SER D 234 -17.62 -8.15 -0.89
C SER D 234 -16.60 -7.55 -1.86
N PHE D 235 -15.83 -6.60 -1.33
CA PHE D 235 -14.75 -5.94 -2.04
C PHE D 235 -13.51 -6.05 -1.16
N ARG D 236 -12.52 -6.80 -1.62
CA ARG D 236 -11.27 -6.96 -0.88
C ARG D 236 -10.39 -5.77 -1.28
N VAL D 237 -9.89 -5.03 -0.30
CA VAL D 237 -9.07 -3.86 -0.57
C VAL D 237 -7.72 -3.93 0.16
N PRO D 238 -6.77 -3.06 -0.24
CA PRO D 238 -5.42 -2.98 0.32
C PRO D 238 -5.16 -2.60 1.78
N THR D 239 -5.79 -3.27 2.74
CA THR D 239 -5.50 -3.00 4.15
C THR D 239 -5.12 -4.32 4.79
N VAL D 240 -4.36 -4.26 5.87
CA VAL D 240 -3.86 -5.45 6.55
C VAL D 240 -4.84 -6.15 7.51
N ASP D 241 -5.79 -5.39 8.03
CA ASP D 241 -6.77 -5.92 8.97
C ASP D 241 -7.82 -4.86 9.23
N VAL D 242 -8.98 -5.33 9.69
CA VAL D 242 -10.17 -4.52 9.99
C VAL D 242 -11.00 -4.36 8.73
N SER D 243 -12.28 -4.73 8.83
CA SER D 243 -13.18 -4.65 7.69
C SER D 243 -14.45 -3.92 8.10
N VAL D 244 -15.35 -3.71 7.15
CA VAL D 244 -16.57 -3.00 7.50
C VAL D 244 -17.80 -3.49 6.75
N VAL D 245 -18.92 -3.58 7.46
CA VAL D 245 -20.15 -4.00 6.82
C VAL D 245 -20.94 -2.77 6.41
N ASP D 246 -21.54 -2.85 5.23
CA ASP D 246 -22.34 -1.78 4.66
C ASP D 246 -23.68 -2.46 4.38
N LEU D 247 -24.65 -2.26 5.26
CA LEU D 247 -25.96 -2.88 5.12
C LEU D 247 -27.06 -1.94 4.64
N THR D 248 -27.65 -2.25 3.49
CA THR D 248 -28.74 -1.43 2.97
C THR D 248 -29.98 -2.21 3.28
N VAL D 249 -30.88 -1.62 4.06
CA VAL D 249 -32.09 -2.33 4.45
C VAL D 249 -33.39 -1.52 4.33
N ARG D 250 -34.45 -2.23 3.98
CA ARG D 250 -35.78 -1.65 3.88
C ARG D 250 -36.41 -2.17 5.19
N ILE D 251 -36.88 -1.28 6.06
CA ILE D 251 -37.46 -1.72 7.32
C ILE D 251 -38.97 -1.50 7.37
N GLU D 252 -39.64 -2.23 8.26
CA GLU D 252 -41.09 -2.10 8.35
C GLU D 252 -41.56 -0.89 9.15
N LYS D 253 -41.14 -0.77 10.40
CA LYS D 253 -41.55 0.38 11.21
C LYS D 253 -40.72 1.60 10.81
N ALA D 254 -41.40 2.68 10.46
CA ALA D 254 -40.71 3.90 10.07
C ALA D 254 -39.91 4.34 11.28
N ALA D 255 -38.68 4.77 11.06
CA ALA D 255 -37.83 5.19 12.16
C ALA D 255 -36.79 6.16 11.65
N SER D 256 -36.62 7.26 12.36
CA SER D 256 -35.64 8.25 11.96
C SER D 256 -34.28 7.66 12.28
N TYR D 257 -33.25 8.21 11.65
CA TYR D 257 -31.90 7.74 11.88
C TYR D 257 -31.52 7.83 13.37
N ASP D 258 -31.96 8.86 14.08
CA ASP D 258 -31.63 8.95 15.50
C ASP D 258 -32.26 7.79 16.30
N ALA D 259 -33.49 7.43 15.95
CA ALA D 259 -34.19 6.33 16.63
C ALA D 259 -33.40 5.04 16.41
N ILE D 260 -32.83 4.89 15.22
CA ILE D 260 -32.04 3.71 14.91
C ILE D 260 -30.75 3.75 15.73
N LYS D 261 -30.05 4.88 15.68
CA LYS D 261 -28.81 5.06 16.44
C LYS D 261 -29.07 4.76 17.90
N SER D 262 -30.19 5.27 18.41
CA SER D 262 -30.54 5.07 19.81
C SER D 262 -30.76 3.60 20.13
N ALA D 263 -31.44 2.88 19.24
CA ALA D 263 -31.71 1.46 19.44
C ALA D 263 -30.43 0.65 19.54
N ILE D 264 -29.48 0.94 18.67
CA ILE D 264 -28.20 0.23 18.64
C ILE D 264 -27.37 0.57 19.87
N LYS D 265 -27.36 1.83 20.24
CA LYS D 265 -26.60 2.27 21.41
C LYS D 265 -27.12 1.55 22.64
N SER D 266 -28.45 1.47 22.77
CA SER D 266 -29.04 0.80 23.93
C SER D 266 -28.63 -0.67 23.95
N ALA D 267 -28.60 -1.29 22.77
CA ALA D 267 -28.22 -2.69 22.69
C ALA D 267 -26.77 -2.84 23.13
N SER D 268 -25.91 -1.91 22.70
CA SER D 268 -24.49 -1.97 23.06
C SER D 268 -24.22 -1.75 24.54
N GLU D 269 -25.19 -1.21 25.28
CA GLU D 269 -25.00 -0.97 26.71
C GLU D 269 -25.76 -2.00 27.54
N GLY D 270 -26.58 -2.81 26.87
CA GLY D 270 -27.36 -3.82 27.56
C GLY D 270 -26.98 -5.26 27.27
N LYS D 271 -27.97 -6.01 26.77
CA LYS D 271 -27.82 -7.43 26.46
C LYS D 271 -26.70 -7.80 25.49
N LEU D 272 -26.41 -6.93 24.52
CA LEU D 272 -25.35 -7.21 23.56
C LEU D 272 -24.02 -6.49 23.88
N LYS D 273 -23.86 -6.08 25.13
CA LYS D 273 -22.64 -5.41 25.52
C LYS D 273 -21.47 -6.38 25.31
N GLY D 274 -20.40 -5.89 24.71
CA GLY D 274 -19.26 -6.76 24.45
C GLY D 274 -19.37 -7.42 23.09
N ILE D 275 -20.57 -7.39 22.51
CA ILE D 275 -20.82 -7.97 21.17
C ILE D 275 -20.98 -6.84 20.16
N ILE D 276 -21.91 -5.93 20.43
CA ILE D 276 -22.13 -4.79 19.54
C ILE D 276 -21.57 -3.56 20.22
N GLY D 277 -20.81 -2.77 19.47
CA GLY D 277 -20.25 -1.54 19.99
C GLY D 277 -20.97 -0.39 19.33
N TYR D 278 -20.73 0.83 19.80
CA TYR D 278 -21.41 1.98 19.21
C TYR D 278 -20.45 3.16 19.17
N VAL D 279 -20.23 3.72 17.98
CA VAL D 279 -19.35 4.89 17.90
C VAL D 279 -20.05 6.06 17.22
N GLU D 280 -19.64 7.24 17.62
CA GLU D 280 -20.22 8.48 17.13
C GLU D 280 -19.12 9.49 16.81
N GLU D 281 -17.93 8.99 16.47
CA GLU D 281 -16.79 9.83 16.14
C GLU D 281 -16.30 9.58 14.71
N ASP D 282 -15.41 10.45 14.23
CA ASP D 282 -14.87 10.35 12.87
C ASP D 282 -13.73 9.34 12.80
N LEU D 283 -14.04 8.08 13.06
CA LEU D 283 -13.02 7.02 13.07
C LEU D 283 -12.70 6.40 11.71
N VAL D 284 -11.54 5.76 11.63
CA VAL D 284 -11.12 5.08 10.41
C VAL D 284 -10.66 3.67 10.80
N SER D 285 -10.47 2.81 9.80
CA SER D 285 -10.10 1.42 10.05
C SER D 285 -9.10 1.13 11.16
N THR D 286 -7.93 1.78 11.13
CA THR D 286 -6.94 1.50 12.17
C THR D 286 -7.40 1.81 13.59
N ASP D 287 -8.44 2.61 13.74
CA ASP D 287 -8.93 2.96 15.08
C ASP D 287 -9.59 1.76 15.75
N PHE D 288 -9.95 0.75 14.93
CA PHE D 288 -10.61 -0.44 15.44
C PHE D 288 -9.69 -1.66 15.66
N VAL D 289 -8.39 -1.52 15.39
CA VAL D 289 -7.51 -2.65 15.61
C VAL D 289 -7.46 -2.95 17.11
N GLY D 290 -7.71 -4.20 17.49
CA GLY D 290 -7.70 -4.57 18.89
C GLY D 290 -9.06 -4.50 19.56
N ASP D 291 -10.08 -4.07 18.83
CA ASP D 291 -11.43 -4.00 19.40
C ASP D 291 -11.99 -5.42 19.46
N SER D 292 -12.43 -5.85 20.62
CA SER D 292 -12.96 -7.20 20.77
C SER D 292 -14.44 -7.39 20.42
N ARG D 293 -15.15 -6.31 20.08
CA ARG D 293 -16.57 -6.46 19.73
C ARG D 293 -16.73 -7.16 18.39
N SER D 294 -17.87 -7.78 18.18
CA SER D 294 -18.14 -8.47 16.93
C SER D 294 -18.57 -7.50 15.84
N SER D 295 -19.27 -6.44 16.23
CA SER D 295 -19.78 -5.45 15.30
C SER D 295 -19.84 -4.06 15.95
N ILE D 296 -19.11 -3.10 15.40
CA ILE D 296 -19.10 -1.75 15.95
C ILE D 296 -19.81 -0.77 15.03
N PHE D 297 -21.01 -0.38 15.43
CA PHE D 297 -21.82 0.56 14.65
C PHE D 297 -21.23 1.97 14.59
N ASP D 298 -21.12 2.49 13.37
CA ASP D 298 -20.57 3.82 13.10
C ASP D 298 -21.75 4.73 12.82
N ALA D 299 -22.22 5.42 13.85
CA ALA D 299 -23.37 6.30 13.69
C ALA D 299 -23.24 7.33 12.57
N LYS D 300 -22.12 8.06 12.54
CA LYS D 300 -21.95 9.08 11.52
C LYS D 300 -21.67 8.61 10.08
N ALA D 301 -21.17 7.39 9.89
CA ALA D 301 -20.86 6.95 8.53
C ALA D 301 -22.07 6.59 7.68
N GLY D 302 -23.08 5.99 8.30
CA GLY D 302 -24.26 5.58 7.56
C GLY D 302 -25.18 6.72 7.16
N ILE D 303 -26.18 6.42 6.33
CA ILE D 303 -27.09 7.46 5.89
C ILE D 303 -28.47 6.88 5.59
N ALA D 304 -29.49 7.71 5.76
CA ALA D 304 -30.86 7.29 5.53
C ALA D 304 -31.49 8.05 4.38
N LEU D 305 -32.21 7.34 3.53
CA LEU D 305 -32.88 8.00 2.40
C LEU D 305 -34.22 8.48 2.95
N ASN D 306 -34.87 7.61 3.70
CA ASN D 306 -36.16 7.93 4.30
C ASN D 306 -36.32 7.05 5.53
N ASP D 307 -37.43 7.21 6.25
CA ASP D 307 -37.67 6.45 7.46
C ASP D 307 -37.77 4.93 7.32
N ASN D 308 -37.78 4.41 6.10
CA ASN D 308 -37.88 2.96 5.92
C ASN D 308 -36.79 2.34 5.04
N PHE D 309 -35.87 3.17 4.55
CA PHE D 309 -34.79 2.68 3.69
C PHE D 309 -33.50 3.35 4.13
N VAL D 310 -32.58 2.57 4.68
CA VAL D 310 -31.35 3.15 5.20
C VAL D 310 -30.09 2.30 5.01
N LYS D 311 -28.94 2.94 5.11
CA LYS D 311 -27.65 2.27 4.96
C LYS D 311 -26.88 2.34 6.29
N LEU D 312 -26.65 1.17 6.88
CA LEU D 312 -25.97 1.10 8.16
C LEU D 312 -24.53 0.61 8.02
N VAL D 313 -23.65 1.22 8.81
CA VAL D 313 -22.24 0.87 8.79
C VAL D 313 -21.75 0.32 10.14
N ALA D 314 -21.08 -0.83 10.10
CA ALA D 314 -20.55 -1.48 11.29
C ALA D 314 -19.16 -2.05 11.02
N TRP D 315 -18.20 -1.64 11.84
CA TRP D 315 -16.83 -2.10 11.70
C TRP D 315 -16.58 -3.40 12.45
N TYR D 316 -15.47 -4.05 12.13
CA TYR D 316 -15.05 -5.26 12.81
C TYR D 316 -13.60 -5.61 12.55
N ASP D 317 -12.86 -5.91 13.61
CA ASP D 317 -11.48 -6.31 13.45
C ASP D 317 -11.68 -7.77 13.07
N ASN D 318 -11.63 -8.06 11.77
CA ASN D 318 -11.86 -9.41 11.29
C ASN D 318 -11.00 -10.46 11.98
N GLU D 319 -9.84 -10.06 12.50
CA GLU D 319 -8.98 -11.01 13.19
C GLU D 319 -9.29 -11.12 14.69
N TRP D 320 -9.20 -9.98 15.37
CA TRP D 320 -9.40 -9.93 16.82
C TRP D 320 -10.83 -10.17 17.32
N GLY D 321 -11.80 -9.52 16.72
CA GLY D 321 -13.18 -9.72 17.15
C GLY D 321 -13.55 -11.19 17.16
N TYR D 322 -13.42 -11.81 15.99
CA TYR D 322 -13.75 -13.21 15.82
C TYR D 322 -12.97 -14.13 16.75
N SER D 323 -11.70 -13.83 16.98
CA SER D 323 -10.90 -14.66 17.86
C SER D 323 -11.48 -14.66 19.26
N ASN D 324 -11.92 -13.50 19.73
CA ASN D 324 -12.52 -13.40 21.06
C ASN D 324 -13.83 -14.20 21.11
N ARG D 325 -14.60 -14.16 20.02
CA ARG D 325 -15.86 -14.88 19.96
C ARG D 325 -15.67 -16.39 19.99
N VAL D 326 -14.55 -16.87 19.44
CA VAL D 326 -14.29 -18.32 19.45
C VAL D 326 -14.20 -18.75 20.92
N ILE D 327 -13.49 -17.97 21.73
CA ILE D 327 -13.33 -18.28 23.15
C ILE D 327 -14.68 -18.16 23.88
N ASP D 328 -15.47 -17.14 23.52
CA ASP D 328 -16.76 -16.96 24.16
C ASP D 328 -17.69 -18.13 23.86
N LEU D 329 -17.65 -18.65 22.64
CA LEU D 329 -18.52 -19.79 22.30
C LEU D 329 -18.12 -20.95 23.21
N ILE D 330 -16.82 -21.15 23.36
CA ILE D 330 -16.29 -22.21 24.20
C ILE D 330 -16.75 -22.01 25.66
N ARG D 331 -16.64 -20.78 26.16
CA ARG D 331 -17.06 -20.48 27.53
C ARG D 331 -18.54 -20.81 27.71
N HIS D 332 -19.35 -20.50 26.71
CA HIS D 332 -20.78 -20.80 26.80
C HIS D 332 -21.03 -22.30 26.82
N MET D 333 -20.32 -23.03 25.98
CA MET D 333 -20.47 -24.48 25.93
C MET D 333 -20.07 -25.09 27.28
N ALA D 334 -19.04 -24.54 27.91
CA ALA D 334 -18.58 -25.07 29.21
C ALA D 334 -19.60 -24.81 30.30
N LYS D 335 -20.27 -23.67 30.23
CA LYS D 335 -21.28 -23.29 31.21
C LYS D 335 -22.63 -23.97 30.96
N THR D 336 -22.79 -24.63 29.82
CA THR D 336 -24.05 -25.30 29.52
C THR D 336 -23.86 -26.82 29.35
N GLN D 337 -22.73 -27.31 29.86
CA GLN D 337 -22.38 -28.73 29.82
C GLN D 337 -23.40 -29.59 30.57
PA NAD E . -4.60 17.76 -9.02
O1A NAD E . -4.05 16.56 -9.68
O2A NAD E . -5.40 17.71 -7.69
O5B NAD E . -4.73 19.18 -9.83
C5B NAD E . -3.52 19.81 -9.36
C4B NAD E . -3.20 21.15 -10.02
O4B NAD E . -4.10 22.28 -9.73
C3B NAD E . -1.83 21.50 -9.56
O3B NAD E . -0.91 21.39 -10.67
C2B NAD E . -1.97 22.90 -9.01
O2B NAD E . -0.76 23.62 -9.18
C1B NAD E . -3.17 23.43 -9.85
N9A NAD E . -3.67 24.71 -9.27
C8A NAD E . -3.94 24.98 -7.94
N7A NAD E . -4.35 26.24 -7.82
C5A NAD E . -4.37 26.84 -9.04
C6A NAD E . -4.69 28.15 -9.53
N6A NAD E . -5.11 29.14 -8.65
N1A NAD E . -4.58 28.40 -10.87
C2A NAD E . -4.16 27.44 -11.73
N3A NAD E . -3.84 26.20 -11.31
C4A NAD E . -3.92 25.87 -9.99
O3 NAD E . -5.99 17.26 -9.87
PN NAD E . -7.10 16.77 -8.83
O1N NAD E . -6.38 15.43 -9.10
O2N NAD E . -8.20 15.67 -9.02
O5D NAD E . -8.09 17.74 -9.70
C5D NAD E . -9.26 17.74 -8.90
C4D NAD E . -10.45 18.51 -9.43
O4D NAD E . -10.94 17.76 -10.59
C3D NAD E . -11.49 18.43 -8.33
O3D NAD E . -12.03 19.72 -7.99
C2D NAD E . -12.59 17.48 -8.80
O2D NAD E . -13.88 18.08 -8.75
C1D NAD E . -12.20 17.10 -10.22
N1N NAD E . -12.17 15.62 -10.39
C2N NAD E . -11.09 14.86 -10.06
C3N NAD E . -11.14 13.43 -10.25
C7N NAD E . -9.98 12.52 -9.93
O7N NAD E . -8.93 12.96 -9.48
N7N NAD E . -10.11 11.19 -10.15
C4N NAD E . -12.33 12.89 -10.78
C5N NAD E . -13.43 13.73 -11.10
C6N NAD E . -13.30 15.10 -10.89
PA NAD F . 5.51 -17.05 -10.39
O1A NAD F . 4.94 -15.78 -10.86
O2A NAD F . 6.37 -17.24 -9.06
O5B NAD F . 5.65 -18.28 -11.43
C5B NAD F . 4.49 -19.00 -11.07
C4B NAD F . 4.19 -20.26 -11.85
O4B NAD F . 5.11 -21.41 -11.75
C3B NAD F . 2.84 -20.73 -11.36
O3B NAD F . 1.86 -20.49 -12.38
C2B NAD F . 3.04 -22.20 -11.02
O2B NAD F . 1.83 -22.92 -11.24
C1B NAD F . 4.21 -22.56 -11.97
N9A NAD F . 4.75 -23.91 -11.64
C8A NAD F . 5.09 -24.41 -10.39
N7A NAD F . 5.52 -25.65 -10.51
C5A NAD F . 5.49 -26.03 -11.81
C6A NAD F . 5.82 -27.24 -12.52
N6A NAD F . 6.30 -28.35 -11.84
N1A NAD F . 5.66 -27.26 -13.87
C2A NAD F . 5.18 -26.20 -14.55
N3A NAD F . 4.86 -25.05 -13.92
C4A NAD F . 4.98 -24.93 -12.56
O3 NAD F . 6.87 -16.38 -11.16
PN NAD F . 8.00 -16.05 -10.07
O1N NAD F . 7.25 -14.68 -10.10
O2N NAD F . 9.07 -14.90 -10.09
O5D NAD F . 9.01 -16.83 -11.10
C5D NAD F . 10.21 -16.94 -10.36
C4D NAD F . 11.39 -17.59 -11.06
O4D NAD F . 11.81 -16.64 -12.11
C3D NAD F . 12.47 -17.66 -10.01
O3D NAD F . 13.05 -18.96 -9.90
C2D NAD F . 13.52 -16.60 -10.35
O2D NAD F . 14.83 -17.15 -10.45
C1D NAD F . 13.06 -16.01 -11.68
N1N NAD F . 13.00 -14.53 -11.60
C2N NAD F . 11.90 -13.85 -11.11
C3N NAD F . 11.92 -12.43 -11.06
C7N NAD F . 10.77 -11.60 -10.55
O7N NAD F . 9.74 -12.13 -10.14
N7N NAD F . 10.85 -10.25 -10.52
C4N NAD F . 13.09 -11.76 -11.52
C5N NAD F . 14.17 -12.50 -12.01
C6N NAD F . 14.10 -13.88 -12.03
PA NAD G . 3.38 17.62 10.43
O1A NAD G . 3.09 16.32 10.96
O2A NAD G . 3.37 17.98 8.90
O5B NAD G . 3.76 18.87 11.39
C5B NAD G . 2.35 19.23 11.51
C4B NAD G . 1.85 20.51 12.21
O4B NAD G . 2.63 21.79 12.11
C3B NAD G . 0.44 20.73 11.72
O3B NAD G . -0.50 20.41 12.70
C2B NAD G . 0.44 22.16 11.30
O2B NAD G . -0.86 22.76 11.44
C1B NAD G . 1.52 22.77 12.21
N9A NAD G . 1.85 24.10 11.75
C8A NAD G . 2.10 24.53 10.47
N7A NAD G . 2.36 25.83 10.46
C5A NAD G . 2.29 26.27 11.75
C6A NAD G . 2.44 27.55 12.38
N6A NAD G . 2.77 28.67 11.63
N1A NAD G . 2.28 27.62 13.74
C2A NAD G . 1.96 26.55 14.48
N3A NAD G . 1.80 25.34 13.93
C4A NAD G . 1.93 25.17 12.58
O3 NAD G . 4.95 16.98 10.03
PN NAD G . 5.59 16.37 11.42
O1N NAD G . 5.78 16.91 12.84
O2N NAD G . 6.55 15.31 10.78
O5D NAD G . 6.81 17.63 11.19
C5D NAD G . 8.00 17.84 12.17
C4D NAD G . 9.03 18.33 11.36
O4D NAD G . 9.61 17.39 12.28
C3D NAD G . 10.06 18.72 10.38
O3D NAD G . 10.59 19.93 10.20
C2D NAD G . 11.15 17.53 10.49
O2D NAD G . 12.38 17.87 9.88
C1D NAD G . 10.87 16.87 11.97
N1N NAD G . 10.97 15.40 12.07
C2N NAD G . 9.99 14.65 11.62
C3N NAD G . 10.08 13.27 11.71
C7N NAD G . 9.03 12.37 11.20
O7N NAD G . 8.02 12.82 10.70
N7N NAD G . 9.20 11.05 11.29
C4N NAD G . 11.25 12.73 12.31
C5N NAD G . 12.26 13.57 12.80
C6N NAD G . 12.09 14.92 12.65
PA NAD H . -3.72 -18.65 8.35
O1A NAD H . -3.72 -17.32 8.91
O2A NAD H . -4.00 -18.85 6.77
O5B NAD H . -4.05 -20.02 9.09
C5B NAD H . -2.88 -20.56 8.96
C4B NAD H . -2.52 -21.81 9.56
O4B NAD H . -3.29 -23.07 9.51
C3B NAD H . -1.19 -22.01 9.02
O3B NAD H . -0.28 -21.63 10.00
C2B NAD H . -1.12 -23.40 8.69
O2B NAD H . 0.19 -23.84 8.97
C1B NAD H . -2.17 -24.03 9.59
N9A NAD H . -2.51 -25.29 9.01
C8A NAD H . -2.78 -25.58 7.67
N7A NAD H . -3.03 -26.84 7.53
C5A NAD H . -2.96 -27.45 8.75
C6A NAD H . -3.13 -28.76 9.23
N6A NAD H . -3.49 -29.80 8.34
N1A NAD H . -2.98 -29.03 10.57
C2A NAD H . -2.62 -28.04 11.44
N3A NAD H . -2.44 -26.77 11.04
C4A NAD H . -2.59 -26.44 9.72
O3 NAD H . -5.26 -18.87 8.89
PN NAD H . -6.42 -17.94 9.43
O1N NAD H . -6.60 -16.59 8.55
O2N NAD H . -6.41 -17.64 10.92
O5D NAD H . -7.67 -19.04 9.14
C5D NAD H . -8.92 -18.42 9.58
C4D NAD H . -9.39 -19.41 8.70
O4D NAD H . -10.53 -19.12 9.73
C3D NAD H . -10.56 -19.55 7.65
O3D NAD H . -11.02 -20.98 7.39
C2D NAD H . -11.73 -18.60 7.75
O2D NAD H . -13.00 -19.02 7.34
C1D NAD H . -11.61 -18.17 9.23
N1N NAD H . -11.58 -16.70 9.68
C2N NAD H . -10.60 -15.88 9.35
C3N NAD H . -10.62 -14.53 9.73
C7N NAD H . -9.51 -13.59 9.33
O7N NAD H . -8.55 -13.97 8.69
N7N NAD H . -9.59 -12.29 9.68
C4N NAD H . -11.72 -14.06 10.50
C5N NAD H . -12.76 -14.94 10.87
C6N NAD H . -12.67 -16.27 10.44
#